data_8OKV
#
_entry.id   8OKV
#
_cell.length_a   74.770
_cell.length_b   131.040
_cell.length_c   179.380
_cell.angle_alpha   90.000
_cell.angle_beta   90.000
_cell.angle_gamma   90.000
#
_symmetry.space_group_name_H-M   'P 21 21 21'
#
loop_
_entity.id
_entity.type
_entity.pdbx_description
1 polymer 'Putative surface layer protein'
2 non-polymer CYANOCOBALAMIN
3 water water
#
_entity_poly.entity_id   1
_entity_poly.type   'polypeptide(L)'
_entity_poly.pdbx_seq_one_letter_code
;MGHHHHHHPFRATGDGLFIMNEGNFQYGNATLSYYDPETKKVENEIFYRANAMKLGDVAQSMIVRDTIGWVVVNNSHVIF
AISTNTFKEVGRITGLTSPRYIHFISDEKAYITQIWDYRIFIVNPKTYQITGYIECPDMTMETGSTEQMVQYGKYVYVNC
WSYQNRILKIDTTTDKVVDQLTVGIQPTSLVMDKNFKMWTITDGGYKGSPYGYEEPSLYRIDAETFKIEKQFKFQLGDAP
SEVQLNGAGDELYWINKDIWRMSVDEERVPVRPFLKYRDTKYYGLTVSPKNGDVYVADAIDYQQQGMIYRYTEDGELVDE
FYVGIIPGAFCWK
;
_entity_poly.pdbx_strand_id   B,A,C,D
#
loop_
_chem_comp.id
_chem_comp.type
_chem_comp.name
_chem_comp.formula
CNC non-polymer CYANOCOBALAMIN 'C63 H89 Co N14 O14 P 2'
#
# COMPACT_ATOMS: atom_id res chain seq x y z
N HIS A 4 -8.70 52.30 -0.85
CA HIS A 4 -9.15 52.51 0.54
C HIS A 4 -8.04 53.22 1.30
N HIS A 5 -7.02 52.46 1.84
CA HIS A 5 -5.92 52.96 2.69
C HIS A 5 -4.49 52.40 2.49
N HIS A 6 -4.21 51.11 2.85
CA HIS A 6 -2.85 50.52 2.80
C HIS A 6 -2.39 50.25 1.36
N HIS A 7 -1.08 50.44 1.11
CA HIS A 7 -0.49 50.26 -0.23
C HIS A 7 -0.70 48.78 -0.60
N HIS A 8 -1.33 48.52 -1.79
CA HIS A 8 -1.50 47.25 -2.51
C HIS A 8 -0.43 46.23 -2.18
N PRO A 9 -0.74 44.95 -1.93
CA PRO A 9 0.26 44.06 -1.40
C PRO A 9 1.33 43.78 -2.47
N PHE A 10 2.51 43.34 -1.99
CA PHE A 10 3.56 42.88 -2.88
C PHE A 10 3.06 41.64 -3.62
N ARG A 11 3.35 41.59 -4.96
CA ARG A 11 3.05 40.46 -5.83
C ARG A 11 4.31 40.09 -6.62
N ALA A 12 4.38 38.79 -6.91
CA ALA A 12 5.45 38.25 -7.71
C ALA A 12 4.92 38.10 -9.12
N THR A 13 5.23 39.11 -9.94
CA THR A 13 5.09 39.04 -11.38
C THR A 13 6.39 38.48 -12.00
N GLY A 14 6.23 37.61 -12.99
CA GLY A 14 7.38 37.18 -13.75
C GLY A 14 8.24 36.10 -13.10
N ASP A 15 9.29 35.77 -13.85
CA ASP A 15 10.03 34.54 -13.74
C ASP A 15 11.18 34.76 -12.76
N GLY A 16 10.79 34.94 -11.47
CA GLY A 16 11.73 35.24 -10.41
C GLY A 16 12.14 34.01 -9.62
N LEU A 17 12.71 34.31 -8.43
CA LEU A 17 13.61 33.44 -7.72
C LEU A 17 13.36 33.58 -6.22
N PHE A 18 13.02 32.45 -5.58
CA PHE A 18 12.92 32.40 -4.13
C PHE A 18 14.27 32.01 -3.58
N ILE A 19 14.64 32.70 -2.51
CA ILE A 19 15.85 32.41 -1.76
C ILE A 19 15.37 32.01 -0.36
N MET A 20 15.75 30.80 0.06
CA MET A 20 15.46 30.32 1.41
C MET A 20 16.65 30.68 2.27
N ASN A 21 16.38 31.49 3.33
CA ASN A 21 17.38 31.86 4.32
C ASN A 21 17.14 30.97 5.52
N GLU A 22 18.18 30.22 5.92
CA GLU A 22 18.07 29.25 7.00
C GLU A 22 17.81 29.95 8.34
N GLY A 23 18.44 31.09 8.50
CA GLY A 23 18.48 31.70 9.80
C GLY A 23 19.44 30.92 10.70
N ASN A 24 19.50 31.42 11.93
CA ASN A 24 20.25 30.79 12.99
C ASN A 24 19.38 29.61 13.44
N PHE A 25 20.03 28.45 13.48
CA PHE A 25 19.44 27.22 13.98
C PHE A 25 19.13 27.43 15.46
N GLN A 26 17.92 27.09 15.88
CA GLN A 26 17.40 27.26 17.25
C GLN A 26 16.92 28.68 17.54
N TYR A 27 17.18 29.70 16.68
CA TYR A 27 16.81 31.10 16.98
C TYR A 27 15.50 31.53 16.31
N GLY A 28 14.88 30.74 15.43
CA GLY A 28 13.54 31.03 14.88
C GLY A 28 13.48 32.23 13.89
N ASN A 29 14.60 32.56 13.22
CA ASN A 29 14.76 33.76 12.41
C ASN A 29 14.97 33.36 10.95
N ALA A 30 14.42 32.22 10.52
CA ALA A 30 14.42 31.88 9.10
C ALA A 30 13.46 32.83 8.36
N THR A 31 13.84 33.21 7.11
CA THR A 31 13.01 34.05 6.27
C THR A 31 13.13 33.65 4.82
N LEU A 32 12.14 34.05 4.05
CA LEU A 32 12.10 33.82 2.61
C LEU A 32 12.27 35.17 1.93
N SER A 33 13.04 35.18 0.83
CA SER A 33 13.24 36.35 -0.02
C SER A 33 12.78 36.04 -1.45
N TYR A 34 12.46 37.07 -2.24
CA TYR A 34 12.15 36.96 -3.67
C TYR A 34 12.89 38.05 -4.48
N TYR A 35 13.40 37.64 -5.66
CA TYR A 35 14.23 38.48 -6.50
C TYR A 35 13.69 38.41 -7.93
N ASP A 36 13.53 39.57 -8.63
CA ASP A 36 13.33 39.57 -10.07
C ASP A 36 14.67 39.80 -10.77
N PRO A 37 15.13 38.87 -11.65
CA PRO A 37 16.33 39.12 -12.46
C PRO A 37 16.29 40.31 -13.43
N GLU A 38 15.10 40.66 -13.91
CA GLU A 38 14.91 41.79 -14.83
C GLU A 38 15.02 43.11 -14.09
N THR A 39 14.25 43.25 -13.00
CA THR A 39 14.13 44.46 -12.23
C THR A 39 15.36 44.67 -11.33
N LYS A 40 16.04 43.57 -10.92
CA LYS A 40 17.10 43.52 -9.92
C LYS A 40 16.67 44.01 -8.54
N LYS A 41 15.37 43.83 -8.19
CA LYS A 41 14.81 44.24 -6.90
C LYS A 41 14.51 42.96 -6.12
N VAL A 42 15.11 42.91 -4.92
CA VAL A 42 14.88 41.90 -3.92
C VAL A 42 13.79 42.38 -2.94
N GLU A 43 12.87 41.46 -2.58
CA GLU A 43 11.94 41.65 -1.48
C GLU A 43 12.28 40.67 -0.38
N ASN A 44 12.48 41.16 0.84
CA ASN A 44 12.85 40.30 1.96
C ASN A 44 11.64 40.05 2.84
N GLU A 45 11.73 38.97 3.66
CA GLU A 45 10.74 38.62 4.67
C GLU A 45 9.33 38.52 4.07
N ILE A 46 9.23 37.96 2.86
CA ILE A 46 7.98 37.94 2.13
C ILE A 46 6.96 37.02 2.81
N PHE A 47 7.44 35.99 3.54
CA PHE A 47 6.49 35.09 4.21
C PHE A 47 5.80 35.78 5.38
N TYR A 48 6.64 36.37 6.28
CA TYR A 48 6.16 37.15 7.43
C TYR A 48 5.14 38.19 6.95
N ARG A 49 5.54 39.00 5.95
CA ARG A 49 4.78 40.17 5.50
C ARG A 49 3.47 39.75 4.83
N ALA A 50 3.44 38.57 4.17
CA ALA A 50 2.25 38.04 3.51
C ALA A 50 1.28 37.33 4.44
N ASN A 51 1.81 36.65 5.48
CA ASN A 51 1.01 35.76 6.34
C ASN A 51 0.88 36.23 7.78
N ALA A 52 1.57 37.34 8.14
CA ALA A 52 1.64 37.87 9.49
C ALA A 52 2.03 36.77 10.47
N MET A 53 3.14 36.06 10.20
CA MET A 53 3.53 34.87 10.97
C MET A 53 4.95 34.46 10.57
N LYS A 54 5.85 34.28 11.56
CA LYS A 54 7.26 33.96 11.31
C LYS A 54 7.35 32.61 10.57
N LEU A 55 8.25 32.53 9.60
CA LEU A 55 8.42 31.33 8.80
C LEU A 55 8.77 30.15 9.69
N GLY A 56 9.65 30.39 10.68
CA GLY A 56 10.11 29.36 11.62
C GLY A 56 11.63 29.26 11.69
N ASP A 57 12.17 28.01 11.71
CA ASP A 57 13.51 27.83 12.29
C ASP A 57 14.62 27.42 11.31
N VAL A 58 14.65 26.26 10.64
CA VAL A 58 15.70 26.18 9.60
C VAL A 58 15.04 26.02 8.23
N ALA A 59 14.74 27.13 7.53
CA ALA A 59 14.11 27.03 6.22
C ALA A 59 15.10 26.43 5.24
N GLN A 60 14.81 25.25 4.71
CA GLN A 60 15.81 24.41 4.07
C GLN A 60 15.72 24.46 2.53
N SER A 61 14.49 24.33 1.97
CA SER A 61 14.32 23.99 0.58
C SER A 61 12.93 24.37 0.10
N MET A 62 12.74 24.27 -1.24
CA MET A 62 11.49 24.66 -1.89
C MET A 62 11.33 23.98 -3.28
N ILE A 63 10.09 23.73 -3.67
CA ILE A 63 9.72 23.17 -4.96
C ILE A 63 8.46 23.91 -5.38
N VAL A 64 8.43 24.30 -6.68
CA VAL A 64 7.23 24.96 -7.19
C VAL A 64 6.51 23.97 -8.08
N ARG A 65 5.18 23.87 -7.91
CA ARG A 65 4.41 22.86 -8.62
C ARG A 65 3.06 23.47 -8.97
N ASP A 66 2.96 24.02 -10.21
CA ASP A 66 1.72 24.52 -10.80
C ASP A 66 1.30 25.77 -10.03
N THR A 67 2.22 26.73 -9.83
CA THR A 67 1.89 27.96 -9.11
C THR A 67 1.85 27.81 -7.58
N ILE A 68 2.04 26.60 -6.98
CA ILE A 68 2.06 26.41 -5.53
C ILE A 68 3.50 26.11 -5.12
N GLY A 69 3.99 26.86 -4.13
CA GLY A 69 5.36 26.68 -3.66
C GLY A 69 5.37 25.93 -2.33
N TRP A 70 6.24 24.93 -2.24
CA TRP A 70 6.29 24.04 -1.10
C TRP A 70 7.61 24.33 -0.40
N VAL A 71 7.49 25.03 0.76
CA VAL A 71 8.61 25.56 1.51
C VAL A 71 8.84 24.71 2.76
N VAL A 72 10.04 24.13 2.87
CA VAL A 72 10.32 23.10 3.89
C VAL A 72 11.07 23.82 5.01
N VAL A 73 10.42 23.93 6.18
CA VAL A 73 11.05 24.48 7.37
C VAL A 73 11.50 23.33 8.30
N ASN A 74 12.75 22.88 8.11
CA ASN A 74 13.40 21.74 8.76
C ASN A 74 13.17 21.68 10.26
N ASN A 75 13.44 22.77 10.97
CA ASN A 75 13.41 22.73 12.43
C ASN A 75 12.16 23.40 12.96
N SER A 76 11.10 23.56 12.15
CA SER A 76 9.76 23.82 12.67
C SER A 76 8.82 22.68 12.27
N HIS A 77 9.36 21.55 11.77
CA HIS A 77 8.62 20.31 11.76
C HIS A 77 7.50 20.48 10.74
N VAL A 78 7.70 21.30 9.66
CA VAL A 78 6.57 21.71 8.78
C VAL A 78 6.98 21.98 7.33
N ILE A 79 6.05 21.80 6.39
CA ILE A 79 6.09 22.32 5.04
C ILE A 79 4.83 23.17 4.79
N PHE A 80 5.02 24.41 4.34
CA PHE A 80 3.93 25.29 3.94
C PHE A 80 3.77 25.25 2.43
N ALA A 81 2.53 25.11 1.97
CA ALA A 81 2.13 25.41 0.62
C ALA A 81 1.80 26.91 0.56
N ILE A 82 2.43 27.67 -0.36
CA ILE A 82 2.09 29.09 -0.55
C ILE A 82 1.72 29.35 -1.99
N SER A 83 0.92 30.41 -2.24
CA SER A 83 0.82 30.99 -3.59
C SER A 83 2.16 31.59 -3.98
N THR A 84 2.57 31.37 -5.22
CA THR A 84 3.86 31.85 -5.70
C THR A 84 3.68 33.32 -6.14
N ASN A 85 2.41 33.76 -6.36
CA ASN A 85 2.02 35.13 -6.64
C ASN A 85 1.88 35.95 -5.34
N THR A 86 1.14 35.40 -4.37
CA THR A 86 0.76 36.18 -3.19
C THR A 86 1.70 35.92 -2.01
N PHE A 87 2.36 34.79 -2.00
CA PHE A 87 3.11 34.28 -0.85
C PHE A 87 2.21 33.89 0.33
N LYS A 88 0.88 33.82 0.14
CA LYS A 88 -0.03 33.51 1.22
C LYS A 88 -0.12 31.99 1.30
N GLU A 89 -0.13 31.50 2.56
CA GLU A 89 -0.38 30.11 2.85
C GLU A 89 -1.71 29.68 2.20
N VAL A 90 -1.67 28.54 1.49
CA VAL A 90 -2.90 27.88 1.08
C VAL A 90 -3.11 26.58 1.87
N GLY A 91 -2.07 25.98 2.47
CA GLY A 91 -2.19 24.80 3.30
C GLY A 91 -0.84 24.41 3.92
N ARG A 92 -0.78 23.38 4.76
CA ARG A 92 0.50 22.98 5.34
C ARG A 92 0.53 21.48 5.65
N ILE A 93 1.76 20.93 5.73
CA ILE A 93 1.97 19.59 6.20
C ILE A 93 2.74 19.64 7.50
N THR A 94 2.12 19.04 8.54
CA THR A 94 2.68 19.01 9.88
C THR A 94 2.97 17.57 10.31
N GLY A 95 3.73 17.52 11.41
CA GLY A 95 4.07 16.29 12.10
C GLY A 95 5.28 15.65 11.48
N LEU A 96 6.22 16.47 11.02
CA LEU A 96 7.40 15.99 10.28
C LEU A 96 8.57 16.05 11.24
N THR A 97 9.31 14.94 11.34
CA THR A 97 10.37 14.83 12.32
C THR A 97 11.32 16.04 12.19
N SER A 98 12.01 16.14 11.05
CA SER A 98 12.95 17.22 10.81
C SER A 98 13.24 17.25 9.30
N PRO A 99 12.26 17.76 8.50
CA PRO A 99 12.24 17.57 7.05
C PRO A 99 13.37 18.29 6.31
N ARG A 100 13.65 17.84 5.10
CA ARG A 100 14.79 18.25 4.31
C ARG A 100 14.31 18.72 2.93
N TYR A 101 13.78 17.81 2.12
CA TYR A 101 13.40 18.07 0.74
C TYR A 101 12.14 17.27 0.44
N ILE A 102 11.36 17.80 -0.50
CA ILE A 102 10.13 17.18 -0.98
C ILE A 102 10.30 16.91 -2.48
N HIS A 103 9.93 15.69 -2.87
CA HIS A 103 9.95 15.25 -4.25
C HIS A 103 8.61 14.61 -4.55
N PHE A 104 8.02 15.08 -5.65
CA PHE A 104 6.70 14.76 -6.10
C PHE A 104 6.85 13.66 -7.14
N ILE A 105 6.32 12.45 -6.80
CA ILE A 105 6.14 11.40 -7.77
C ILE A 105 4.93 11.77 -8.64
N SER A 106 3.81 12.15 -8.02
CA SER A 106 2.61 12.57 -8.73
C SER A 106 1.98 13.68 -7.90
N ASP A 107 0.84 14.19 -8.38
CA ASP A 107 0.01 15.09 -7.61
C ASP A 107 -0.44 14.41 -6.32
N GLU A 108 -0.62 13.06 -6.38
CA GLU A 108 -1.25 12.29 -5.32
C GLU A 108 -0.22 11.77 -4.32
N LYS A 109 1.10 11.94 -4.53
CA LYS A 109 2.11 11.33 -3.67
C LYS A 109 3.46 12.03 -3.79
N ALA A 110 4.08 12.31 -2.64
CA ALA A 110 5.42 12.87 -2.56
C ALA A 110 6.16 12.26 -1.37
N TYR A 111 7.48 12.42 -1.47
CA TYR A 111 8.35 11.94 -0.43
C TYR A 111 9.04 13.13 0.22
N ILE A 112 9.07 13.11 1.57
CA ILE A 112 9.74 14.09 2.39
C ILE A 112 10.85 13.41 3.19
N THR A 113 12.09 13.76 2.81
CA THR A 113 13.26 13.27 3.52
C THR A 113 13.34 13.98 4.87
N GLN A 114 14.15 13.37 5.76
CA GLN A 114 14.24 13.72 7.16
C GLN A 114 15.69 13.55 7.63
N ILE A 115 16.08 14.39 8.61
CA ILE A 115 17.21 14.11 9.49
C ILE A 115 16.64 13.68 10.86
N TRP A 116 17.45 12.93 11.65
CA TRP A 116 17.05 12.40 12.97
C TRP A 116 15.86 11.43 12.90
N ASP A 117 15.86 10.62 11.83
CA ASP A 117 14.81 9.67 11.48
C ASP A 117 15.39 8.74 10.41
N TYR A 118 14.97 7.46 10.48
CA TYR A 118 15.37 6.39 9.58
C TYR A 118 14.30 6.20 8.51
N ARG A 119 13.23 7.03 8.55
CA ARG A 119 12.15 6.90 7.59
C ARG A 119 12.10 8.15 6.73
N ILE A 120 11.71 7.92 5.47
CA ILE A 120 11.19 8.94 4.57
C ILE A 120 9.68 8.91 4.73
N PHE A 121 9.11 10.10 4.84
CA PHE A 121 7.67 10.20 5.00
C PHE A 121 7.04 10.23 3.60
N ILE A 122 5.85 9.62 3.51
CA ILE A 122 5.08 9.68 2.29
C ILE A 122 3.85 10.53 2.60
N VAL A 123 3.56 11.52 1.74
CA VAL A 123 2.36 12.36 1.89
C VAL A 123 1.59 12.36 0.57
N ASN A 124 0.30 12.66 0.71
CA ASN A 124 -0.59 13.03 -0.36
C ASN A 124 -0.73 14.56 -0.34
N PRO A 125 -0.06 15.30 -1.26
CA PRO A 125 -0.13 16.77 -1.30
C PRO A 125 -1.51 17.39 -1.46
N LYS A 126 -2.46 16.66 -2.04
CA LYS A 126 -3.82 17.17 -2.23
C LYS A 126 -4.62 17.15 -0.92
N THR A 127 -4.34 16.22 0.01
CA THR A 127 -5.00 16.14 1.33
C THR A 127 -4.17 16.76 2.47
N TYR A 128 -2.86 16.97 2.23
CA TYR A 128 -1.90 17.41 3.23
C TYR A 128 -1.54 16.33 4.28
N GLN A 129 -1.88 15.06 4.02
CA GLN A 129 -1.79 14.03 5.05
C GLN A 129 -0.61 13.10 4.78
N ILE A 130 -0.02 12.61 5.88
CA ILE A 130 0.92 11.49 5.82
C ILE A 130 0.17 10.21 5.43
N THR A 131 0.70 9.48 4.44
CA THR A 131 0.12 8.26 3.93
C THR A 131 0.96 7.04 4.29
N GLY A 132 2.23 7.25 4.65
CA GLY A 132 3.10 6.09 4.87
C GLY A 132 4.51 6.49 5.25
N TYR A 133 5.37 5.47 5.43
CA TYR A 133 6.76 5.62 5.81
C TYR A 133 7.59 4.63 5.00
N ILE A 134 8.84 5.00 4.75
CA ILE A 134 9.76 4.18 4.00
C ILE A 134 10.90 3.88 4.95
N GLU A 135 11.04 2.60 5.33
CA GLU A 135 12.06 2.30 6.30
C GLU A 135 13.33 2.10 5.49
N CYS A 136 14.31 2.94 5.82
CA CYS A 136 15.64 2.78 5.28
C CYS A 136 16.36 1.67 6.06
N PRO A 137 17.07 0.75 5.39
CA PRO A 137 17.89 -0.23 6.05
C PRO A 137 19.10 0.39 6.76
N ASP A 138 19.50 -0.30 7.86
CA ASP A 138 20.70 -0.03 8.65
C ASP A 138 20.72 1.44 9.07
N MET A 139 19.61 1.89 9.64
CA MET A 139 19.53 3.28 10.03
C MET A 139 18.69 3.40 11.30
N THR A 140 19.09 4.31 12.19
CA THR A 140 18.45 4.68 13.45
C THR A 140 17.78 6.07 13.42
N MET A 141 16.97 6.35 14.44
CA MET A 141 16.46 7.69 14.74
C MET A 141 17.58 8.59 15.26
N GLU A 142 18.61 8.03 15.91
CA GLU A 142 19.68 8.79 16.55
C GLU A 142 20.62 9.41 15.49
N THR A 143 21.09 8.64 14.49
CA THR A 143 22.01 9.09 13.44
C THR A 143 21.36 9.18 12.04
N GLY A 144 20.04 9.06 11.92
CA GLY A 144 19.40 8.98 10.62
C GLY A 144 19.49 10.27 9.80
N SER A 145 19.46 10.14 8.46
CA SER A 145 19.59 11.23 7.48
C SER A 145 19.22 10.71 6.08
N THR A 146 18.12 11.24 5.53
CA THR A 146 17.83 11.31 4.10
C THR A 146 17.86 12.80 3.71
N GLU A 147 18.00 13.06 2.38
CA GLU A 147 18.33 14.39 1.85
C GLU A 147 17.71 14.65 0.46
N GLN A 148 18.53 14.80 -0.60
CA GLN A 148 18.06 15.22 -1.92
C GLN A 148 17.68 13.97 -2.70
N MET A 149 16.83 14.16 -3.71
CA MET A 149 16.22 13.08 -4.46
C MET A 149 16.25 13.43 -5.96
N VAL A 150 16.37 12.36 -6.77
CA VAL A 150 16.16 12.39 -8.21
C VAL A 150 15.35 11.16 -8.61
N GLN A 151 14.58 11.28 -9.70
CA GLN A 151 13.77 10.18 -10.18
C GLN A 151 14.38 9.71 -11.49
N TYR A 152 14.57 8.39 -11.62
CA TYR A 152 14.85 7.73 -12.88
C TYR A 152 13.76 6.69 -13.13
N GLY A 153 12.94 6.89 -14.16
CA GLY A 153 11.89 5.89 -14.43
C GLY A 153 10.99 5.78 -13.20
N LYS A 154 10.93 4.55 -12.60
CA LYS A 154 10.00 4.25 -11.52
C LYS A 154 10.65 4.44 -10.15
N TYR A 155 11.94 4.85 -10.15
CA TYR A 155 12.82 4.80 -9.00
C TYR A 155 13.16 6.21 -8.53
N VAL A 156 13.10 6.41 -7.19
CA VAL A 156 13.70 7.59 -6.59
C VAL A 156 15.02 7.16 -6.01
N TYR A 157 16.08 7.90 -6.35
CA TYR A 157 17.36 7.82 -5.68
C TYR A 157 17.49 8.97 -4.69
N VAL A 158 18.18 8.74 -3.54
CA VAL A 158 18.30 9.68 -2.44
C VAL A 158 19.64 9.49 -1.74
N ASN A 159 20.33 10.60 -1.45
CA ASN A 159 21.58 10.62 -0.71
C ASN A 159 21.29 10.70 0.79
N CYS A 160 22.14 10.02 1.57
CA CYS A 160 22.06 9.97 3.00
C CYS A 160 23.23 10.74 3.58
N TRP A 161 23.00 11.84 4.32
CA TRP A 161 24.04 12.81 4.66
C TRP A 161 24.60 12.70 6.11
N SER A 162 23.94 13.30 7.14
CA SER A 162 24.44 13.38 8.53
C SER A 162 24.68 11.97 9.09
N TYR A 163 25.98 11.63 9.24
CA TYR A 163 26.42 10.37 9.83
C TYR A 163 25.92 9.17 9.01
N GLN A 164 25.91 9.32 7.67
CA GLN A 164 25.64 8.22 6.76
C GLN A 164 26.63 8.28 5.60
N ASN A 165 26.66 7.23 4.78
CA ASN A 165 27.65 7.10 3.72
C ASN A 165 27.03 6.44 2.49
N ARG A 166 25.71 6.61 2.20
CA ARG A 166 25.05 5.84 1.14
C ARG A 166 24.19 6.70 0.21
N ILE A 167 23.96 6.17 -1.00
CA ILE A 167 22.81 6.53 -1.83
C ILE A 167 21.88 5.32 -1.84
N LEU A 168 20.56 5.55 -1.73
CA LEU A 168 19.56 4.48 -1.72
C LEU A 168 18.72 4.57 -2.98
N LYS A 169 18.06 3.48 -3.32
CA LYS A 169 17.27 3.37 -4.52
C LYS A 169 15.93 2.76 -4.14
N ILE A 170 14.84 3.49 -4.46
CA ILE A 170 13.51 3.20 -3.98
C ILE A 170 12.62 2.94 -5.19
N ASP A 171 11.87 1.83 -5.19
CA ASP A 171 10.86 1.53 -6.19
C ASP A 171 9.59 2.23 -5.72
N THR A 172 9.12 3.21 -6.48
CA THR A 172 7.90 3.93 -6.14
C THR A 172 6.67 3.03 -6.30
N THR A 173 6.74 1.95 -7.08
CA THR A 173 5.63 1.00 -7.20
C THR A 173 5.28 0.39 -5.85
N THR A 174 6.30 0.12 -5.01
CA THR A 174 6.15 -0.52 -3.71
C THR A 174 6.44 0.42 -2.54
N ASP A 175 7.12 1.54 -2.79
CA ASP A 175 7.63 2.46 -1.76
C ASP A 175 8.63 1.76 -0.83
N LYS A 176 9.47 0.84 -1.37
CA LYS A 176 10.50 0.16 -0.61
C LYS A 176 11.87 0.47 -1.20
N VAL A 177 12.87 0.64 -0.33
CA VAL A 177 14.27 0.68 -0.75
C VAL A 177 14.59 -0.69 -1.36
N VAL A 178 15.20 -0.74 -2.56
CA VAL A 178 15.52 -2.02 -3.22
C VAL A 178 17.02 -2.17 -3.48
N ASP A 179 17.83 -1.13 -3.27
CA ASP A 179 19.24 -1.21 -3.59
C ASP A 179 19.94 -0.05 -2.88
N GLN A 180 21.25 -0.20 -2.71
CA GLN A 180 22.05 0.87 -2.13
C GLN A 180 23.43 0.81 -2.75
N LEU A 181 24.14 1.92 -2.53
CA LEU A 181 25.48 2.12 -3.03
C LEU A 181 26.21 2.87 -1.93
N THR A 182 27.32 2.28 -1.45
CA THR A 182 28.18 2.94 -0.48
C THR A 182 29.17 3.84 -1.23
N VAL A 183 29.34 5.03 -0.66
CA VAL A 183 30.28 6.05 -1.11
C VAL A 183 30.98 6.61 0.13
N GLY A 184 31.84 7.62 -0.07
CA GLY A 184 32.47 8.34 1.02
C GLY A 184 31.46 9.03 1.93
N ILE A 185 31.94 9.53 3.07
CA ILE A 185 31.02 9.86 4.15
C ILE A 185 30.29 11.17 3.86
N GLN A 186 29.00 11.20 4.25
CA GLN A 186 28.14 12.38 4.26
C GLN A 186 28.08 12.93 2.83
N PRO A 187 27.51 12.18 1.85
CA PRO A 187 27.14 12.77 0.57
C PRO A 187 26.07 13.82 0.85
N THR A 188 26.28 15.05 0.36
CA THR A 188 25.50 16.24 0.70
C THR A 188 24.31 16.50 -0.22
N SER A 189 24.34 16.03 -1.49
CA SER A 189 23.46 16.55 -2.54
C SER A 189 23.44 15.66 -3.78
N LEU A 190 22.42 15.81 -4.62
CA LEU A 190 22.19 14.89 -5.73
C LEU A 190 21.37 15.54 -6.88
N VAL A 191 21.90 15.39 -8.11
CA VAL A 191 21.36 15.96 -9.34
C VAL A 191 21.47 14.92 -10.45
N MET A 192 20.56 14.99 -11.43
CA MET A 192 20.54 14.09 -12.57
C MET A 192 20.79 14.90 -13.87
N ASP A 193 21.83 14.52 -14.65
CA ASP A 193 22.26 15.26 -15.82
C ASP A 193 21.50 14.80 -17.05
N LYS A 194 21.84 15.43 -18.20
CA LYS A 194 21.21 15.20 -19.49
C LYS A 194 21.54 13.81 -20.02
N ASN A 195 22.64 13.19 -19.54
CA ASN A 195 23.00 11.82 -19.89
C ASN A 195 22.40 10.77 -18.94
N PHE A 196 21.56 11.16 -17.96
CA PHE A 196 21.01 10.23 -16.98
C PHE A 196 22.13 9.65 -16.13
N LYS A 197 22.97 10.56 -15.64
CA LYS A 197 24.01 10.28 -14.69
C LYS A 197 23.76 11.17 -13.47
N MET A 198 23.84 10.57 -12.28
CA MET A 198 23.70 11.29 -11.03
C MET A 198 25.05 11.86 -10.67
N TRP A 199 25.05 12.99 -9.93
CA TRP A 199 26.25 13.52 -9.32
C TRP A 199 25.97 13.78 -7.86
N THR A 200 26.94 13.43 -7.01
CA THR A 200 26.87 13.78 -5.60
C THR A 200 28.27 14.14 -5.16
N ILE A 201 28.32 15.03 -4.16
CA ILE A 201 29.58 15.47 -3.58
C ILE A 201 29.46 15.35 -2.07
N THR A 202 30.49 14.77 -1.42
CA THR A 202 30.53 14.58 0.02
C THR A 202 31.13 15.81 0.70
N ASP A 203 30.93 15.93 2.03
CA ASP A 203 31.70 16.84 2.86
C ASP A 203 32.74 16.00 3.59
N GLY A 204 33.48 16.67 4.46
CA GLY A 204 34.63 16.04 5.07
C GLY A 204 34.25 14.98 6.08
N GLY A 205 33.00 14.97 6.53
CA GLY A 205 32.84 15.09 7.97
C GLY A 205 33.46 16.41 8.45
N TYR A 206 33.84 16.44 9.73
CA TYR A 206 34.45 17.59 10.41
C TYR A 206 35.51 17.09 11.39
N LYS A 207 36.49 17.97 11.70
CA LYS A 207 37.52 17.65 12.69
C LYS A 207 36.80 17.36 14.03
N GLY A 208 37.03 16.19 14.61
CA GLY A 208 36.40 15.78 15.86
C GLY A 208 34.97 15.24 15.68
N SER A 209 34.66 14.69 14.50
CA SER A 209 33.40 13.97 14.30
C SER A 209 33.53 12.61 14.98
N PRO A 210 32.55 12.09 15.75
CA PRO A 210 32.55 10.65 16.05
C PRO A 210 32.31 9.74 14.84
N TYR A 211 31.73 10.23 13.72
CA TYR A 211 31.52 9.40 12.51
C TYR A 211 32.77 9.38 11.63
N GLY A 212 33.33 10.55 11.28
CA GLY A 212 34.51 10.54 10.44
C GLY A 212 35.03 11.92 10.04
N TYR A 213 36.26 11.89 9.53
CA TYR A 213 36.92 13.03 8.92
C TYR A 213 37.91 12.50 7.89
N GLU A 214 37.50 12.55 6.60
CA GLU A 214 38.26 12.00 5.48
C GLU A 214 38.30 13.04 4.34
N GLU A 215 38.94 12.62 3.24
CA GLU A 215 39.04 13.44 2.04
C GLU A 215 37.72 13.31 1.29
N PRO A 216 37.01 14.43 0.96
CA PRO A 216 35.74 14.37 0.23
C PRO A 216 35.90 14.12 -1.27
N SER A 217 34.77 13.93 -1.99
CA SER A 217 34.79 13.38 -3.33
C SER A 217 33.51 13.71 -4.10
N LEU A 218 33.66 14.05 -5.39
CA LEU A 218 32.58 14.15 -6.37
C LEU A 218 32.47 12.83 -7.16
N TYR A 219 31.26 12.33 -7.40
CA TYR A 219 31.03 11.03 -8.03
C TYR A 219 30.06 11.20 -9.20
N ARG A 220 30.42 10.73 -10.40
CA ARG A 220 29.46 10.48 -11.47
C ARG A 220 28.98 9.03 -11.34
N ILE A 221 27.65 8.79 -11.42
CA ILE A 221 27.02 7.49 -11.20
C ILE A 221 25.97 7.22 -12.29
N ASP A 222 25.95 6.05 -12.95
CA ASP A 222 24.93 5.78 -13.96
C ASP A 222 23.57 5.53 -13.29
N ALA A 223 22.51 6.16 -13.79
CA ALA A 223 21.17 5.99 -13.23
C ALA A 223 20.55 4.64 -13.60
N GLU A 224 20.75 4.15 -14.80
CA GLU A 224 20.20 2.86 -15.26
C GLU A 224 20.72 1.71 -14.37
N THR A 225 22.06 1.61 -14.21
CA THR A 225 22.72 0.47 -13.62
C THR A 225 23.11 0.71 -12.16
N PHE A 226 23.02 1.96 -11.68
CA PHE A 226 23.41 2.35 -10.32
C PHE A 226 24.86 1.99 -10.02
N LYS A 227 25.79 2.25 -10.96
CA LYS A 227 27.21 2.02 -10.76
C LYS A 227 27.99 3.31 -10.89
N ILE A 228 29.05 3.44 -10.07
CA ILE A 228 29.92 4.61 -10.04
C ILE A 228 30.82 4.59 -11.27
N GLU A 229 30.93 5.74 -12.00
CA GLU A 229 31.77 5.84 -13.19
C GLU A 229 33.06 6.64 -12.97
N LYS A 230 33.04 7.75 -12.22
CA LYS A 230 34.25 8.47 -11.83
C LYS A 230 34.17 8.90 -10.37
N GLN A 231 35.34 9.25 -9.81
CA GLN A 231 35.43 9.88 -8.50
C GLN A 231 36.50 10.97 -8.57
N PHE A 232 36.23 12.18 -8.05
CA PHE A 232 37.21 13.26 -7.99
C PHE A 232 37.49 13.58 -6.52
N LYS A 233 38.64 13.12 -5.97
CA LYS A 233 39.01 13.28 -4.57
C LYS A 233 39.71 14.62 -4.39
N PHE A 234 39.46 15.29 -3.24
CA PHE A 234 39.94 16.63 -2.94
C PHE A 234 40.80 16.57 -1.66
N GLN A 235 41.07 17.70 -0.99
CA GLN A 235 41.95 17.75 0.18
C GLN A 235 41.17 17.41 1.46
N LEU A 236 41.83 16.78 2.45
CA LEU A 236 41.33 16.69 3.82
C LEU A 236 41.13 18.10 4.37
N GLY A 237 39.98 18.36 5.01
CA GLY A 237 39.64 19.68 5.55
C GLY A 237 38.82 20.53 4.59
N ASP A 238 38.80 20.17 3.30
CA ASP A 238 37.69 20.57 2.45
C ASP A 238 36.38 20.03 3.07
N ALA A 239 35.30 20.77 2.79
CA ALA A 239 33.95 20.41 3.19
C ALA A 239 32.98 20.83 2.07
N PRO A 240 33.04 20.24 0.85
CA PRO A 240 32.14 20.63 -0.25
C PRO A 240 30.64 20.51 0.00
N SER A 241 29.82 21.17 -0.84
CA SER A 241 28.37 21.11 -0.75
C SER A 241 27.68 21.65 -2.01
N GLU A 242 26.34 21.44 -2.04
CA GLU A 242 25.26 21.98 -2.88
C GLU A 242 25.74 21.92 -4.33
N VAL A 243 25.83 20.70 -4.91
CA VAL A 243 25.88 20.44 -6.37
C VAL A 243 24.64 21.03 -7.06
N GLN A 244 24.84 21.62 -8.25
CA GLN A 244 23.76 22.19 -9.07
C GLN A 244 24.06 22.04 -10.57
N LEU A 245 22.99 21.88 -11.37
CA LEU A 245 23.08 21.88 -12.81
C LEU A 245 22.49 23.16 -13.42
N ASN A 246 22.94 23.46 -14.66
CA ASN A 246 22.29 24.44 -15.52
C ASN A 246 21.03 23.82 -16.12
N GLY A 247 20.27 24.63 -16.88
CA GLY A 247 18.97 24.23 -17.37
C GLY A 247 19.03 23.08 -18.38
N ALA A 248 20.09 23.07 -19.22
CA ALA A 248 20.33 21.96 -20.16
C ALA A 248 20.75 20.67 -19.44
N GLY A 249 21.27 20.76 -18.20
CA GLY A 249 21.83 19.63 -17.49
C GLY A 249 23.17 19.16 -18.07
N ASP A 250 24.02 20.05 -18.60
CA ASP A 250 25.31 19.72 -19.18
C ASP A 250 26.48 20.50 -18.51
N GLU A 251 26.21 21.30 -17.47
CA GLU A 251 27.25 22.03 -16.74
C GLU A 251 26.95 21.86 -15.25
N LEU A 252 27.91 21.27 -14.53
CA LEU A 252 27.78 20.98 -13.12
C LEU A 252 28.62 21.97 -12.34
N TYR A 253 28.06 22.42 -11.20
CA TYR A 253 28.67 23.41 -10.32
C TYR A 253 28.59 22.92 -8.88
N TRP A 254 29.54 23.31 -8.04
CA TRP A 254 29.51 22.96 -6.61
C TRP A 254 30.34 23.96 -5.83
N ILE A 255 30.24 23.88 -4.50
CA ILE A 255 30.94 24.77 -3.58
C ILE A 255 32.05 23.95 -2.92
N ASN A 256 33.26 24.51 -2.87
CA ASN A 256 34.38 24.01 -2.08
C ASN A 256 35.35 25.17 -1.88
N LYS A 257 35.00 26.10 -0.97
CA LYS A 257 35.68 27.37 -0.71
C LYS A 257 35.34 28.35 -1.83
N ASP A 258 35.74 28.00 -3.07
CA ASP A 258 35.34 28.62 -4.33
C ASP A 258 34.10 27.92 -4.87
N ILE A 259 33.46 28.54 -5.87
CA ILE A 259 32.53 27.87 -6.76
C ILE A 259 33.31 27.22 -7.89
N TRP A 260 33.01 25.94 -8.17
CA TRP A 260 33.65 25.16 -9.21
C TRP A 260 32.61 24.79 -10.26
N ARG A 261 33.06 24.60 -11.51
CA ARG A 261 32.22 24.35 -12.68
C ARG A 261 32.94 23.29 -13.52
N MET A 262 32.15 22.37 -14.11
CA MET A 262 32.66 21.30 -14.94
C MET A 262 31.57 20.94 -15.94
N SER A 263 31.93 20.73 -17.20
CA SER A 263 31.01 20.14 -18.17
C SER A 263 30.76 18.69 -17.74
N VAL A 264 29.51 18.17 -17.80
CA VAL A 264 29.19 16.81 -17.34
C VAL A 264 29.90 15.74 -18.18
N ASP A 265 30.15 16.12 -19.46
CA ASP A 265 31.01 15.44 -20.41
C ASP A 265 32.47 15.61 -19.93
N GLU A 266 33.46 14.91 -20.46
CA GLU A 266 34.83 15.22 -20.03
C GLU A 266 35.15 14.61 -18.64
N GLU A 267 36.43 14.22 -18.51
CA GLU A 267 36.91 13.24 -17.54
C GLU A 267 37.70 13.88 -16.39
N ARG A 268 37.75 15.24 -16.27
CA ARG A 268 38.73 15.89 -15.37
C ARG A 268 38.21 17.21 -14.78
N VAL A 269 38.63 17.46 -13.52
CA VAL A 269 38.25 18.65 -12.72
C VAL A 269 39.07 19.80 -13.25
N PRO A 270 38.49 20.87 -13.85
CA PRO A 270 39.24 22.06 -14.29
C PRO A 270 40.18 22.67 -13.24
N VAL A 271 41.33 23.18 -13.76
CA VAL A 271 42.37 23.86 -13.00
C VAL A 271 41.78 25.08 -12.25
N ARG A 272 41.01 25.88 -13.01
CA ARG A 272 40.54 27.21 -12.63
C ARG A 272 39.11 27.08 -12.08
N PRO A 273 38.71 27.78 -10.98
CA PRO A 273 37.32 27.75 -10.52
C PRO A 273 36.38 28.46 -11.51
N PHE A 274 35.07 28.49 -11.21
CA PHE A 274 34.16 29.47 -11.77
C PHE A 274 34.25 30.80 -11.02
N LEU A 275 34.33 30.78 -9.67
CA LEU A 275 34.42 32.00 -8.88
C LEU A 275 35.33 31.78 -7.66
N LYS A 276 36.23 32.74 -7.40
CA LYS A 276 37.28 32.62 -6.41
C LYS A 276 36.71 32.83 -5.00
N TYR A 277 37.30 32.13 -4.02
CA TYR A 277 37.15 32.32 -2.57
C TYR A 277 37.32 33.79 -2.20
N ARG A 278 36.65 34.26 -1.13
CA ARG A 278 36.59 35.65 -0.68
C ARG A 278 36.84 35.79 0.85
N ASP A 279 37.41 34.75 1.53
CA ASP A 279 37.51 34.62 3.00
C ASP A 279 36.14 34.73 3.67
N THR A 280 35.14 34.10 3.02
CA THR A 280 33.74 34.12 3.43
C THR A 280 33.21 32.69 3.34
N LYS A 281 31.88 32.53 3.58
CA LYS A 281 31.24 31.22 3.50
C LYS A 281 30.11 31.25 2.46
N TYR A 282 30.51 31.02 1.19
CA TYR A 282 29.63 30.60 0.11
C TYR A 282 28.98 29.31 0.57
N TYR A 283 27.64 29.19 0.42
CA TYR A 283 26.84 28.22 1.20
C TYR A 283 25.67 27.65 0.40
N GLY A 284 25.07 28.48 -0.48
CA GLY A 284 24.13 28.00 -1.48
C GLY A 284 24.47 28.43 -2.90
N LEU A 285 23.72 27.82 -3.84
CA LEU A 285 24.07 27.90 -5.25
C LEU A 285 22.86 27.55 -6.13
N THR A 286 22.70 28.29 -7.25
CA THR A 286 21.75 27.93 -8.29
C THR A 286 22.24 28.51 -9.61
N VAL A 287 21.64 27.98 -10.69
CA VAL A 287 21.86 28.41 -12.05
C VAL A 287 20.49 28.72 -12.65
N SER A 288 20.37 29.90 -13.36
CA SER A 288 19.13 30.26 -14.04
C SER A 288 18.93 29.33 -15.24
N PRO A 289 17.76 28.63 -15.30
CA PRO A 289 17.41 27.90 -16.51
C PRO A 289 16.96 28.73 -17.73
N LYS A 290 16.81 30.07 -17.63
CA LYS A 290 16.65 30.91 -18.82
C LYS A 290 18.04 31.39 -19.28
N ASN A 291 18.67 32.23 -18.45
CA ASN A 291 19.89 33.00 -18.70
C ASN A 291 21.18 32.16 -18.77
N GLY A 292 21.23 31.01 -18.07
CA GLY A 292 22.48 30.38 -17.66
C GLY A 292 23.25 31.08 -16.53
N ASP A 293 22.66 32.07 -15.85
CA ASP A 293 23.32 32.92 -14.84
C ASP A 293 23.47 32.16 -13.53
N VAL A 294 24.53 32.48 -12.77
CA VAL A 294 24.89 31.74 -11.57
C VAL A 294 24.75 32.65 -10.34
N TYR A 295 23.90 32.22 -9.39
CA TYR A 295 23.70 32.90 -8.14
C TYR A 295 24.42 32.12 -7.04
N VAL A 296 25.17 32.86 -6.21
CA VAL A 296 26.01 32.36 -5.14
C VAL A 296 25.50 32.95 -3.83
N ALA A 297 25.05 32.11 -2.88
CA ALA A 297 24.60 32.61 -1.59
C ALA A 297 25.77 32.62 -0.60
N ASP A 298 26.13 33.82 -0.10
CA ASP A 298 27.19 34.00 0.89
C ASP A 298 26.51 34.17 2.24
N ALA A 299 26.83 33.27 3.20
CA ALA A 299 26.33 33.36 4.56
C ALA A 299 27.14 34.37 5.36
N ILE A 300 28.41 34.61 4.91
CA ILE A 300 29.43 35.56 5.38
C ILE A 300 29.58 35.54 6.89
N ASP A 301 30.34 34.63 7.51
CA ASP A 301 30.39 34.56 8.99
C ASP A 301 29.15 33.93 9.66
N TYR A 302 28.07 33.51 8.94
CA TYR A 302 26.88 32.86 9.52
C TYR A 302 26.13 33.65 10.60
N GLN A 303 26.39 34.94 10.78
CA GLN A 303 25.83 35.73 11.89
C GLN A 303 25.05 36.90 11.34
N GLN A 304 25.75 37.72 10.53
CA GLN A 304 25.17 38.91 9.95
C GLN A 304 24.31 38.53 8.74
N GLN A 305 23.58 39.55 8.27
CA GLN A 305 22.74 39.47 7.07
C GLN A 305 23.60 38.96 5.91
N GLY A 306 23.15 37.92 5.20
CA GLY A 306 23.83 37.39 4.03
C GLY A 306 23.61 38.18 2.73
N MET A 307 24.25 37.70 1.65
CA MET A 307 24.29 38.33 0.34
C MET A 307 24.11 37.24 -0.73
N ILE A 308 23.46 37.59 -1.84
CA ILE A 308 23.61 36.83 -3.09
C ILE A 308 24.51 37.59 -4.06
N TYR A 309 25.21 36.84 -4.92
CA TYR A 309 26.03 37.39 -5.98
C TYR A 309 25.61 36.71 -7.27
N ARG A 310 25.21 37.51 -8.25
CA ARG A 310 24.76 37.02 -9.53
C ARG A 310 25.86 37.24 -10.58
N TYR A 311 26.19 36.22 -11.38
CA TYR A 311 27.21 36.25 -12.42
C TYR A 311 26.61 35.74 -13.72
N THR A 312 27.10 36.22 -14.88
CA THR A 312 26.69 35.69 -16.19
C THR A 312 27.25 34.27 -16.30
N GLU A 313 26.72 33.47 -17.22
CA GLU A 313 27.31 32.18 -17.60
C GLU A 313 28.84 32.31 -17.86
N ASP A 314 29.28 33.44 -18.46
CA ASP A 314 30.67 33.70 -18.82
C ASP A 314 31.47 34.37 -17.68
N GLY A 315 30.88 34.61 -16.50
CA GLY A 315 31.62 34.91 -15.28
C GLY A 315 31.74 36.41 -14.91
N GLU A 316 30.97 37.33 -15.54
CA GLU A 316 30.91 38.74 -15.14
C GLU A 316 29.76 38.99 -14.15
N LEU A 317 30.02 39.83 -13.11
CA LEU A 317 29.09 40.14 -12.02
C LEU A 317 27.98 41.03 -12.56
N VAL A 318 26.73 40.61 -12.38
CA VAL A 318 25.55 41.32 -12.86
C VAL A 318 24.95 42.14 -11.71
N ASP A 319 24.82 41.54 -10.52
CA ASP A 319 24.10 42.14 -9.39
C ASP A 319 24.63 41.53 -8.09
N GLU A 320 24.42 42.21 -6.96
CA GLU A 320 24.59 41.61 -5.64
C GLU A 320 23.60 42.26 -4.68
N PHE A 321 22.94 41.47 -3.82
CA PHE A 321 21.82 41.98 -3.05
C PHE A 321 21.76 41.33 -1.68
N TYR A 322 21.26 42.07 -0.70
CA TYR A 322 21.19 41.59 0.67
C TYR A 322 19.89 40.79 0.83
N VAL A 323 19.95 39.65 1.53
CA VAL A 323 18.80 38.78 1.82
C VAL A 323 18.65 38.56 3.35
N GLY A 324 18.26 37.35 3.79
CA GLY A 324 18.12 37.04 5.21
C GLY A 324 19.44 36.54 5.80
N ILE A 325 19.34 35.79 6.89
CA ILE A 325 20.51 35.27 7.61
C ILE A 325 20.77 33.85 7.09
N ILE A 326 22.03 33.53 6.75
CA ILE A 326 22.42 32.23 6.19
C ILE A 326 21.48 31.83 5.04
N PRO A 327 21.42 32.54 3.87
CA PRO A 327 20.84 31.95 2.65
C PRO A 327 21.53 30.64 2.23
N GLY A 328 20.75 29.61 1.90
CA GLY A 328 21.32 28.27 1.63
C GLY A 328 20.80 27.50 0.40
N ALA A 329 19.60 27.89 -0.08
CA ALA A 329 18.91 27.25 -1.18
C ALA A 329 18.09 28.26 -2.01
N PHE A 330 17.74 27.88 -3.26
CA PHE A 330 17.00 28.73 -4.19
C PHE A 330 15.82 27.95 -4.78
N CYS A 331 14.77 28.61 -5.26
CA CYS A 331 13.80 27.90 -6.11
C CYS A 331 13.25 28.90 -7.12
N TRP A 332 13.27 28.48 -8.39
CA TRP A 332 12.77 29.26 -9.52
C TRP A 332 11.26 29.10 -9.57
N LYS A 333 10.59 30.14 -10.03
CA LYS A 333 9.21 30.37 -9.70
C LYS A 333 8.30 29.41 -10.45
N THR B 13 -9.74 33.90 -17.78
CA THR B 13 -8.65 34.34 -18.70
C THR B 13 -7.55 33.26 -18.77
N GLY B 14 -7.92 31.96 -18.96
CA GLY B 14 -7.00 30.82 -18.83
C GLY B 14 -7.69 29.44 -18.76
N ASP B 15 -6.94 28.45 -18.21
CA ASP B 15 -7.24 27.04 -17.88
C ASP B 15 -8.14 26.24 -18.81
N GLY B 16 -7.98 26.53 -20.10
CA GLY B 16 -8.83 26.05 -21.16
C GLY B 16 -8.21 24.86 -21.92
N LEU B 17 -8.89 24.61 -23.04
CA LEU B 17 -8.80 23.38 -23.78
C LEU B 17 -8.74 23.67 -25.27
N PHE B 18 -7.66 23.25 -25.93
CA PHE B 18 -7.61 23.26 -27.39
C PHE B 18 -8.23 21.96 -27.93
N ILE B 19 -9.05 22.11 -28.97
CA ILE B 19 -9.64 21.01 -29.71
C ILE B 19 -9.09 21.14 -31.12
N MET B 20 -8.43 20.10 -31.61
CA MET B 20 -7.96 20.01 -32.98
C MET B 20 -9.07 19.32 -33.76
N ASN B 21 -9.61 20.03 -34.76
CA ASN B 21 -10.52 19.50 -35.75
C ASN B 21 -9.69 19.14 -36.99
N GLU B 22 -9.74 17.86 -37.39
CA GLU B 22 -8.93 17.37 -38.51
C GLU B 22 -9.41 18.00 -39.82
N GLY B 23 -10.73 18.21 -39.90
CA GLY B 23 -11.30 18.59 -41.17
C GLY B 23 -11.31 17.36 -42.05
N ASN B 24 -11.81 17.56 -43.27
CA ASN B 24 -11.85 16.55 -44.28
C ASN B 24 -10.43 16.47 -44.80
N PHE B 25 -9.89 15.25 -44.78
CA PHE B 25 -8.62 14.89 -45.43
C PHE B 25 -8.69 15.22 -46.92
N GLN B 26 -7.69 15.97 -47.40
CA GLN B 26 -7.52 16.46 -48.77
C GLN B 26 -8.37 17.67 -49.12
N TYR B 27 -9.34 18.09 -48.27
CA TYR B 27 -10.19 19.23 -48.56
C TYR B 27 -9.66 20.56 -47.93
N GLY B 28 -8.62 20.55 -47.07
CA GLY B 28 -7.97 21.74 -46.54
C GLY B 28 -8.79 22.60 -45.55
N ASN B 29 -9.73 21.99 -44.81
CA ASN B 29 -10.70 22.69 -43.96
C ASN B 29 -10.46 22.38 -42.48
N ALA B 30 -9.21 22.06 -42.09
CA ALA B 30 -8.88 21.81 -40.69
C ALA B 30 -8.95 23.12 -39.93
N THR B 31 -9.35 23.08 -38.64
CA THR B 31 -9.47 24.28 -37.80
C THR B 31 -9.09 23.94 -36.35
N LEU B 32 -8.76 25.01 -35.60
CA LEU B 32 -8.51 24.90 -34.18
C LEU B 32 -9.62 25.59 -33.41
N SER B 33 -10.04 25.00 -32.28
CA SER B 33 -11.03 25.56 -31.35
C SER B 33 -10.41 25.70 -29.97
N TYR B 34 -10.94 26.62 -29.16
CA TYR B 34 -10.58 26.76 -27.76
C TYR B 34 -11.86 26.91 -26.91
N TYR B 35 -11.86 26.26 -25.73
CA TYR B 35 -13.00 26.20 -24.83
C TYR B 35 -12.53 26.60 -23.44
N ASP B 36 -13.28 27.48 -22.75
CA ASP B 36 -13.08 27.69 -21.31
C ASP B 36 -14.05 26.80 -20.52
N PRO B 37 -13.59 25.88 -19.66
CA PRO B 37 -14.52 25.09 -18.80
C PRO B 37 -15.32 25.90 -17.78
N GLU B 38 -14.77 27.04 -17.35
CA GLU B 38 -15.43 27.94 -16.40
C GLU B 38 -16.60 28.67 -17.12
N THR B 39 -16.30 29.35 -18.22
CA THR B 39 -17.22 30.23 -18.93
C THR B 39 -18.18 29.41 -19.79
N LYS B 40 -17.79 28.17 -20.18
CA LYS B 40 -18.50 27.30 -21.13
C LYS B 40 -18.62 27.93 -22.53
N LYS B 41 -17.61 28.71 -22.90
CA LYS B 41 -17.53 29.54 -24.08
C LYS B 41 -16.50 28.90 -24.99
N VAL B 42 -16.94 28.46 -26.19
CA VAL B 42 -16.11 27.89 -27.21
C VAL B 42 -15.82 28.99 -28.25
N GLU B 43 -14.56 29.07 -28.68
CA GLU B 43 -14.12 29.89 -29.81
C GLU B 43 -13.75 28.95 -30.95
N ASN B 44 -14.39 29.07 -32.13
CA ASN B 44 -14.01 28.26 -33.29
C ASN B 44 -13.08 29.06 -34.20
N GLU B 45 -12.34 28.33 -35.05
CA GLU B 45 -11.52 28.89 -36.13
C GLU B 45 -10.50 29.91 -35.61
N ILE B 46 -9.92 29.66 -34.43
CA ILE B 46 -9.12 30.64 -33.72
C ILE B 46 -7.81 30.91 -34.46
N PHE B 47 -7.29 29.90 -35.18
CA PHE B 47 -6.03 30.12 -35.88
C PHE B 47 -6.24 31.02 -37.09
N TYR B 48 -7.25 30.69 -37.93
CA TYR B 48 -7.61 31.51 -39.07
C TYR B 48 -7.84 32.97 -38.64
N ARG B 49 -8.66 33.17 -37.60
CA ARG B 49 -9.10 34.46 -37.09
C ARG B 49 -7.93 35.29 -36.57
N ALA B 50 -6.96 34.66 -35.91
CA ALA B 50 -5.78 35.32 -35.35
C ALA B 50 -4.67 35.58 -36.38
N ASN B 51 -4.51 34.71 -37.41
CA ASN B 51 -3.37 34.73 -38.33
C ASN B 51 -3.72 35.14 -39.77
N ALA B 52 -5.04 35.23 -40.07
CA ALA B 52 -5.57 35.52 -41.39
C ALA B 52 -5.02 34.48 -42.37
N MET B 53 -5.09 33.19 -41.99
CA MET B 53 -4.44 32.14 -42.76
C MET B 53 -4.98 30.79 -42.34
N LYS B 54 -5.43 29.97 -43.31
CA LYS B 54 -6.09 28.71 -43.03
C LYS B 54 -5.09 27.78 -42.33
N LEU B 55 -5.56 27.07 -41.29
CA LEU B 55 -4.70 26.18 -40.56
C LEU B 55 -4.08 25.11 -41.47
N GLY B 56 -4.87 24.57 -42.42
CA GLY B 56 -4.35 23.59 -43.37
C GLY B 56 -5.20 22.32 -43.48
N ASP B 57 -4.54 21.17 -43.60
CA ASP B 57 -5.24 19.91 -43.86
C ASP B 57 -4.86 18.88 -42.79
N VAL B 58 -5.88 18.33 -42.07
CA VAL B 58 -5.67 17.33 -41.00
C VAL B 58 -4.72 17.88 -39.93
N ALA B 59 -5.25 18.79 -39.11
CA ALA B 59 -4.69 19.13 -37.80
C ALA B 59 -4.79 17.90 -36.90
N GLN B 60 -3.65 17.32 -36.49
CA GLN B 60 -3.61 16.03 -35.82
C GLN B 60 -3.53 16.15 -34.30
N SER B 61 -2.56 16.93 -33.77
CA SER B 61 -2.21 16.91 -32.35
C SER B 61 -1.63 18.25 -31.93
N MET B 62 -1.41 18.39 -30.59
CA MET B 62 -0.94 19.63 -29.96
C MET B 62 -0.23 19.31 -28.65
N ILE B 63 0.79 20.11 -28.33
CA ILE B 63 1.47 20.11 -27.06
C ILE B 63 1.61 21.54 -26.60
N VAL B 64 1.25 21.83 -25.35
CA VAL B 64 1.42 23.16 -24.78
C VAL B 64 2.64 23.06 -23.87
N ARG B 65 3.51 24.06 -24.01
CA ARG B 65 4.80 24.10 -23.35
C ARG B 65 5.01 25.56 -22.93
N ASP B 66 4.43 25.97 -21.78
CA ASP B 66 4.74 27.21 -21.06
C ASP B 66 4.20 28.38 -21.87
N THR B 67 2.92 28.32 -22.24
CA THR B 67 2.29 29.35 -23.08
C THR B 67 2.73 29.36 -24.56
N ILE B 68 3.53 28.39 -25.07
CA ILE B 68 3.63 28.11 -26.50
C ILE B 68 2.87 26.81 -26.82
N GLY B 69 1.99 26.88 -27.82
CA GLY B 69 1.26 25.72 -28.29
C GLY B 69 1.86 25.21 -29.60
N TRP B 70 2.11 23.91 -29.69
CA TRP B 70 2.70 23.31 -30.85
C TRP B 70 1.65 22.49 -31.55
N VAL B 71 1.15 22.99 -32.70
CA VAL B 71 0.05 22.40 -33.47
C VAL B 71 0.59 21.66 -34.69
N VAL B 72 0.33 20.35 -34.76
CA VAL B 72 0.85 19.48 -35.81
C VAL B 72 -0.23 19.38 -36.87
N VAL B 73 0.05 19.93 -38.06
CA VAL B 73 -0.87 19.89 -39.18
C VAL B 73 -0.29 18.86 -40.15
N ASN B 74 -0.75 17.63 -39.94
CA ASN B 74 -0.25 16.39 -40.56
C ASN B 74 -0.06 16.51 -42.06
N ASN B 75 -1.10 16.95 -42.75
CA ASN B 75 -1.09 16.92 -44.20
C ASN B 75 -0.91 18.33 -44.75
N SER B 76 -0.35 19.27 -43.99
CA SER B 76 0.27 20.47 -44.57
C SER B 76 1.76 20.50 -44.24
N HIS B 77 2.34 19.36 -43.79
CA HIS B 77 3.77 19.16 -43.84
C HIS B 77 4.41 20.17 -42.87
N VAL B 78 3.72 20.55 -41.75
CA VAL B 78 4.11 21.70 -40.91
C VAL B 78 3.67 21.55 -39.43
N ILE B 79 4.45 22.18 -38.53
CA ILE B 79 4.07 22.45 -37.14
C ILE B 79 4.17 23.95 -36.86
N PHE B 80 3.09 24.52 -36.34
CA PHE B 80 3.04 25.90 -35.93
C PHE B 80 3.22 25.99 -34.42
N ALA B 81 4.13 26.86 -33.98
CA ALA B 81 4.16 27.39 -32.63
C ALA B 81 3.19 28.57 -32.58
N ILE B 82 2.26 28.58 -31.60
CA ILE B 82 1.36 29.70 -31.42
C ILE B 82 1.44 30.17 -29.98
N SER B 83 1.15 31.47 -29.77
CA SER B 83 0.92 32.03 -28.46
C SER B 83 -0.40 31.46 -27.93
N THR B 84 -0.41 31.07 -26.64
CA THR B 84 -1.61 30.51 -26.08
C THR B 84 -2.51 31.65 -25.59
N ASN B 85 -1.94 32.88 -25.45
CA ASN B 85 -2.69 34.11 -25.15
C ASN B 85 -3.30 34.73 -26.40
N THR B 86 -2.60 34.74 -27.56
CA THR B 86 -3.10 35.43 -28.76
C THR B 86 -3.59 34.48 -29.86
N PHE B 87 -3.12 33.23 -29.86
CA PHE B 87 -3.30 32.29 -30.96
C PHE B 87 -2.47 32.62 -32.20
N LYS B 88 -1.54 33.58 -32.10
CA LYS B 88 -0.79 34.02 -33.26
C LYS B 88 0.43 33.13 -33.37
N GLU B 89 0.78 32.76 -34.59
CA GLU B 89 2.08 32.18 -34.93
C GLU B 89 3.23 32.96 -34.30
N VAL B 90 4.10 32.24 -33.60
CA VAL B 90 5.39 32.77 -33.16
C VAL B 90 6.52 32.05 -33.86
N GLY B 91 6.30 30.88 -34.48
CA GLY B 91 7.24 30.27 -35.44
C GLY B 91 6.62 29.01 -36.06
N ARG B 92 7.37 28.31 -36.92
CA ARG B 92 6.88 27.12 -37.58
C ARG B 92 8.06 26.22 -37.96
N ILE B 93 7.76 24.92 -38.07
CA ILE B 93 8.71 23.95 -38.57
C ILE B 93 8.14 23.34 -39.83
N THR B 94 8.92 23.42 -40.92
CA THR B 94 8.50 22.99 -42.25
C THR B 94 9.43 21.91 -42.77
N GLY B 95 8.98 21.31 -43.90
CA GLY B 95 9.65 20.19 -44.55
C GLY B 95 9.47 18.87 -43.81
N LEU B 96 8.27 18.65 -43.26
CA LEU B 96 7.94 17.43 -42.53
C LEU B 96 7.12 16.55 -43.47
N THR B 97 7.51 15.29 -43.63
CA THR B 97 6.86 14.37 -44.54
C THR B 97 5.36 14.37 -44.27
N SER B 98 4.93 13.90 -43.07
CA SER B 98 3.50 13.89 -42.76
C SER B 98 3.33 13.71 -41.26
N PRO B 99 3.60 14.80 -40.47
CA PRO B 99 3.80 14.68 -39.04
C PRO B 99 2.56 14.26 -38.26
N ARG B 100 2.78 13.74 -37.05
CA ARG B 100 1.76 13.08 -36.24
C ARG B 100 1.72 13.69 -34.83
N TYR B 101 2.82 13.53 -34.05
CA TYR B 101 2.89 13.92 -32.66
C TYR B 101 4.30 14.43 -32.38
N ILE B 102 4.43 15.26 -31.33
CA ILE B 102 5.70 15.87 -30.96
C ILE B 102 5.95 15.55 -29.49
N HIS B 103 7.22 15.23 -29.14
CA HIS B 103 7.60 14.92 -27.77
C HIS B 103 8.94 15.61 -27.52
N PHE B 104 8.97 16.36 -26.40
CA PHE B 104 10.09 17.20 -26.07
C PHE B 104 11.00 16.48 -25.10
N ILE B 105 12.25 16.21 -25.48
CA ILE B 105 13.28 15.76 -24.55
C ILE B 105 13.77 16.94 -23.71
N SER B 106 14.12 18.05 -24.34
CA SER B 106 14.44 19.31 -23.65
C SER B 106 13.84 20.47 -24.43
N ASP B 107 14.07 21.70 -24.00
CA ASP B 107 13.76 22.90 -24.78
C ASP B 107 14.51 22.85 -26.13
N GLU B 108 15.71 22.25 -26.11
CA GLU B 108 16.66 22.31 -27.21
C GLU B 108 16.47 21.12 -28.18
N LYS B 109 15.59 20.13 -27.88
CA LYS B 109 15.49 18.93 -28.70
C LYS B 109 14.13 18.26 -28.56
N ALA B 110 13.50 17.87 -29.68
CA ALA B 110 12.25 17.11 -29.68
C ALA B 110 12.16 16.09 -30.82
N TYR B 111 11.17 15.20 -30.72
CA TYR B 111 10.93 14.20 -31.75
C TYR B 111 9.56 14.41 -32.37
N ILE B 112 9.48 14.29 -33.71
CA ILE B 112 8.24 14.44 -34.48
C ILE B 112 8.01 13.18 -35.31
N THR B 113 7.01 12.38 -34.89
CA THR B 113 6.67 11.15 -35.60
C THR B 113 5.95 11.50 -36.90
N GLN B 114 5.87 10.48 -37.78
CA GLN B 114 5.49 10.67 -39.17
C GLN B 114 4.69 9.45 -39.66
N ILE B 115 3.73 9.74 -40.58
CA ILE B 115 3.19 8.69 -41.42
C ILE B 115 3.81 8.87 -42.82
N TRP B 116 3.90 7.76 -43.57
CA TRP B 116 4.51 7.70 -44.90
C TRP B 116 6.00 8.03 -44.83
N ASP B 117 6.67 7.60 -43.73
CA ASP B 117 8.11 7.74 -43.55
C ASP B 117 8.56 6.67 -42.55
N TYR B 118 9.81 6.22 -42.72
CA TYR B 118 10.48 5.25 -41.88
C TYR B 118 11.34 5.97 -40.83
N ARG B 119 11.32 7.31 -40.82
CA ARG B 119 12.09 8.09 -39.88
C ARG B 119 11.13 8.81 -38.93
N ILE B 120 11.69 9.11 -37.74
CA ILE B 120 11.22 10.13 -36.81
C ILE B 120 12.20 11.28 -36.96
N PHE B 121 11.66 12.50 -37.06
CA PHE B 121 12.47 13.69 -37.28
C PHE B 121 12.88 14.24 -35.90
N ILE B 122 14.10 14.73 -35.80
CA ILE B 122 14.59 15.37 -34.59
C ILE B 122 14.68 16.85 -34.90
N VAL B 123 14.14 17.71 -34.00
CA VAL B 123 14.18 19.15 -34.19
C VAL B 123 14.79 19.81 -32.95
N ASN B 124 15.30 21.02 -33.18
CA ASN B 124 15.59 22.01 -32.15
C ASN B 124 14.46 23.04 -32.15
N PRO B 125 13.50 22.97 -31.18
CA PRO B 125 12.42 23.94 -31.07
C PRO B 125 12.79 25.42 -30.95
N LYS B 126 13.99 25.73 -30.45
CA LYS B 126 14.45 27.10 -30.32
C LYS B 126 14.84 27.72 -31.67
N THR B 127 15.33 26.91 -32.63
CA THR B 127 15.78 27.35 -33.96
C THR B 127 14.75 27.03 -35.03
N TYR B 128 13.78 26.16 -34.71
CA TYR B 128 12.82 25.62 -35.67
C TYR B 128 13.48 24.78 -36.78
N GLN B 129 14.68 24.20 -36.54
CA GLN B 129 15.38 23.43 -37.54
C GLN B 129 15.23 21.93 -37.25
N ILE B 130 15.16 21.14 -38.32
CA ILE B 130 15.48 19.74 -38.27
C ILE B 130 16.97 19.56 -37.98
N THR B 131 17.29 18.75 -36.97
CA THR B 131 18.66 18.50 -36.54
C THR B 131 19.14 17.11 -36.95
N GLY B 132 18.21 16.19 -37.26
CA GLY B 132 18.61 14.82 -37.55
C GLY B 132 17.37 13.92 -37.63
N TYR B 133 17.62 12.60 -37.78
CA TYR B 133 16.57 11.61 -38.02
C TYR B 133 16.90 10.36 -37.22
N ILE B 134 15.85 9.60 -36.91
CA ILE B 134 15.99 8.31 -36.29
C ILE B 134 15.49 7.27 -37.30
N GLU B 135 16.38 6.38 -37.72
CA GLU B 135 15.98 5.34 -38.64
C GLU B 135 15.27 4.27 -37.86
N CYS B 136 14.00 4.03 -38.27
CA CYS B 136 13.28 2.88 -37.79
C CYS B 136 13.72 1.64 -38.57
N PRO B 137 14.02 0.51 -37.89
CA PRO B 137 14.37 -0.71 -38.60
C PRO B 137 13.14 -1.33 -39.29
N ASP B 138 13.41 -2.03 -40.43
CA ASP B 138 12.47 -2.90 -41.15
C ASP B 138 11.19 -2.12 -41.45
N MET B 139 11.34 -0.94 -42.07
CA MET B 139 10.22 -0.03 -42.32
C MET B 139 10.53 0.75 -43.58
N THR B 140 9.48 0.99 -44.39
CA THR B 140 9.59 1.72 -45.67
C THR B 140 9.00 3.16 -45.61
N MET B 141 9.35 3.97 -46.61
CA MET B 141 8.65 5.22 -46.94
C MET B 141 7.17 4.97 -47.32
N GLU B 142 6.88 3.88 -48.01
CA GLU B 142 5.57 3.60 -48.59
C GLU B 142 4.55 3.24 -47.49
N THR B 143 4.89 2.33 -46.54
CA THR B 143 3.99 1.83 -45.49
C THR B 143 4.41 2.29 -44.07
N GLY B 144 5.32 3.25 -43.98
CA GLY B 144 5.81 3.76 -42.70
C GLY B 144 4.73 4.45 -41.86
N SER B 145 4.95 4.39 -40.52
CA SER B 145 4.08 4.94 -39.48
C SER B 145 4.80 4.90 -38.13
N THR B 146 5.12 6.09 -37.59
CA THR B 146 5.27 6.36 -36.16
C THR B 146 4.11 7.27 -35.72
N GLU B 147 3.86 7.30 -34.39
CA GLU B 147 2.67 7.88 -33.80
C GLU B 147 2.95 8.47 -32.41
N GLN B 148 2.29 7.97 -31.34
CA GLN B 148 2.34 8.59 -30.02
C GLN B 148 3.61 8.10 -29.31
N MET B 149 4.09 8.90 -28.36
CA MET B 149 5.31 8.62 -27.60
C MET B 149 5.05 8.79 -26.09
N VAL B 150 5.79 8.00 -25.31
CA VAL B 150 5.95 8.19 -23.87
C VAL B 150 7.44 8.03 -23.54
N GLN B 151 7.91 8.67 -22.46
CA GLN B 151 9.29 8.55 -22.06
C GLN B 151 9.30 7.80 -20.74
N TYR B 152 10.20 6.83 -20.60
CA TYR B 152 10.53 6.16 -19.37
C TYR B 152 12.04 6.27 -19.19
N GLY B 153 12.46 7.01 -18.16
CA GLY B 153 13.89 7.20 -17.93
C GLY B 153 14.52 7.82 -19.18
N LYS B 154 15.52 7.14 -19.80
CA LYS B 154 16.27 7.69 -20.93
C LYS B 154 15.66 7.31 -22.27
N TYR B 155 14.55 6.52 -22.23
CA TYR B 155 13.99 5.84 -23.38
C TYR B 155 12.66 6.46 -23.79
N VAL B 156 12.49 6.70 -25.09
CA VAL B 156 11.20 7.03 -25.64
C VAL B 156 10.65 5.76 -26.27
N TYR B 157 9.41 5.43 -25.93
CA TYR B 157 8.67 4.36 -26.57
C TYR B 157 7.69 5.04 -27.50
N VAL B 158 7.42 4.40 -28.67
CA VAL B 158 6.54 4.90 -29.71
C VAL B 158 5.82 3.74 -30.38
N ASN B 159 4.50 3.89 -30.57
CA ASN B 159 3.68 2.93 -31.28
C ASN B 159 3.73 3.24 -32.80
N CYS B 160 3.77 2.18 -33.60
CA CYS B 160 3.77 2.24 -35.03
C CYS B 160 2.40 1.73 -35.53
N TRP B 161 1.62 2.55 -36.23
CA TRP B 161 0.21 2.33 -36.53
C TRP B 161 -0.07 1.86 -37.98
N SER B 162 -0.14 2.75 -39.02
CA SER B 162 -0.53 2.43 -40.42
C SER B 162 0.37 1.34 -40.99
N TYR B 163 -0.17 0.13 -41.12
CA TYR B 163 0.51 -1.01 -41.73
C TYR B 163 1.78 -1.37 -40.95
N GLN B 164 1.72 -1.28 -39.62
CA GLN B 164 2.79 -1.74 -38.74
C GLN B 164 2.16 -2.50 -37.57
N ASN B 165 3.00 -3.21 -36.79
CA ASN B 165 2.47 -4.07 -35.73
C ASN B 165 3.38 -4.03 -34.51
N ARG B 166 4.03 -2.89 -34.24
CA ARG B 166 5.12 -2.83 -33.27
C ARG B 166 5.04 -1.59 -32.37
N ILE B 167 5.65 -1.77 -31.18
CA ILE B 167 6.16 -0.67 -30.38
C ILE B 167 7.69 -0.68 -30.52
N LEU B 168 8.30 0.50 -30.64
CA LEU B 168 9.76 0.64 -30.68
C LEU B 168 10.23 1.29 -29.39
N LYS B 169 11.52 1.11 -29.10
CA LYS B 169 12.15 1.64 -27.92
C LYS B 169 13.42 2.37 -28.34
N ILE B 170 13.51 3.68 -28.01
CA ILE B 170 14.54 4.57 -28.48
C ILE B 170 15.39 5.01 -27.28
N ASP B 171 16.72 4.92 -27.35
CA ASP B 171 17.61 5.52 -26.36
C ASP B 171 17.81 6.97 -26.78
N THR B 172 17.32 7.92 -25.98
CA THR B 172 17.46 9.34 -26.28
C THR B 172 18.93 9.78 -26.12
N THR B 173 19.74 9.06 -25.35
CA THR B 173 21.17 9.31 -25.24
C THR B 173 21.85 9.25 -26.61
N THR B 174 21.45 8.30 -27.48
CA THR B 174 22.04 8.05 -28.78
C THR B 174 21.12 8.43 -29.94
N ASP B 175 19.81 8.58 -29.69
CA ASP B 175 18.78 8.76 -30.73
C ASP B 175 18.71 7.58 -31.71
N LYS B 176 18.88 6.35 -31.21
CA LYS B 176 18.75 5.14 -32.01
C LYS B 176 17.62 4.27 -31.45
N VAL B 177 16.86 3.58 -32.34
CA VAL B 177 15.96 2.53 -31.89
C VAL B 177 16.83 1.41 -31.34
N VAL B 178 16.53 0.87 -30.12
CA VAL B 178 17.36 -0.16 -29.52
C VAL B 178 16.58 -1.46 -29.23
N ASP B 179 15.26 -1.49 -29.41
CA ASP B 179 14.49 -2.68 -29.11
C ASP B 179 13.11 -2.50 -29.75
N GLN B 180 12.40 -3.61 -29.91
CA GLN B 180 11.05 -3.59 -30.45
C GLN B 180 10.24 -4.68 -29.79
N LEU B 181 8.94 -4.57 -29.96
CA LEU B 181 7.94 -5.46 -29.40
C LEU B 181 6.81 -5.59 -30.42
N THR B 182 6.52 -6.83 -30.81
CA THR B 182 5.39 -7.13 -31.68
C THR B 182 4.14 -7.30 -30.82
N VAL B 183 3.07 -6.69 -31.36
CA VAL B 183 1.71 -6.74 -30.84
C VAL B 183 0.79 -6.93 -32.05
N GLY B 184 -0.52 -6.94 -31.82
CA GLY B 184 -1.51 -7.00 -32.90
C GLY B 184 -1.39 -5.79 -33.81
N ILE B 185 -2.10 -5.82 -34.92
CA ILE B 185 -1.76 -4.91 -36.00
C ILE B 185 -2.34 -3.52 -35.71
N GLN B 186 -1.57 -2.49 -36.12
CA GLN B 186 -2.00 -1.10 -36.08
C GLN B 186 -2.31 -0.71 -34.63
N PRO B 187 -1.33 -0.76 -33.69
CA PRO B 187 -1.49 -0.10 -32.40
C PRO B 187 -1.63 1.41 -32.65
N THR B 188 -2.72 2.00 -32.12
CA THR B 188 -3.18 3.33 -32.50
C THR B 188 -2.61 4.45 -31.60
N SER B 189 -2.22 4.14 -30.35
CA SER B 189 -2.05 5.13 -29.29
C SER B 189 -1.29 4.56 -28.09
N LEU B 190 -0.74 5.47 -27.25
CA LEU B 190 0.18 5.05 -26.20
C LEU B 190 0.17 6.00 -25.01
N VAL B 191 0.09 5.44 -23.79
CA VAL B 191 0.04 6.16 -22.51
C VAL B 191 0.90 5.43 -21.50
N MET B 192 1.46 6.14 -20.52
CA MET B 192 2.12 5.57 -19.36
C MET B 192 1.34 5.82 -18.05
N ASP B 193 0.99 4.75 -17.30
CA ASP B 193 0.17 4.88 -16.07
C ASP B 193 1.03 5.13 -14.85
N LYS B 194 0.37 5.22 -13.68
CA LYS B 194 0.98 5.47 -12.40
C LYS B 194 1.88 4.32 -11.96
N ASN B 195 1.65 3.09 -12.49
CA ASN B 195 2.47 1.95 -12.17
C ASN B 195 3.63 1.75 -13.13
N PHE B 196 3.83 2.67 -14.08
CA PHE B 196 4.89 2.58 -15.08
C PHE B 196 4.61 1.39 -16.00
N LYS B 197 3.34 1.34 -16.44
CA LYS B 197 2.87 0.37 -17.41
C LYS B 197 2.31 1.18 -18.60
N MET B 198 2.70 0.75 -19.81
CA MET B 198 2.24 1.34 -21.05
C MET B 198 0.92 0.69 -21.39
N TRP B 199 0.08 1.42 -22.12
CA TRP B 199 -1.13 0.87 -22.69
C TRP B 199 -1.24 1.32 -24.12
N THR B 200 -1.66 0.38 -24.94
CA THR B 200 -1.88 0.64 -26.35
C THR B 200 -3.06 -0.22 -26.75
N ILE B 201 -3.84 0.31 -27.67
CA ILE B 201 -4.99 -0.38 -28.19
C ILE B 201 -4.90 -0.33 -29.73
N THR B 202 -5.06 -1.49 -30.37
CA THR B 202 -5.01 -1.65 -31.81
C THR B 202 -6.38 -1.37 -32.45
N ASP B 203 -6.39 -1.09 -33.76
CA ASP B 203 -7.64 -1.05 -34.53
C ASP B 203 -7.89 -2.32 -35.34
N GLY B 204 -6.93 -3.24 -35.42
CA GLY B 204 -7.17 -4.52 -36.06
C GLY B 204 -7.36 -4.41 -37.58
N GLY B 205 -6.91 -3.30 -38.19
CA GLY B 205 -7.03 -3.09 -39.62
C GLY B 205 -8.48 -2.82 -40.00
N TYR B 206 -8.79 -3.08 -41.29
CA TYR B 206 -10.10 -2.85 -41.89
C TYR B 206 -10.41 -3.97 -42.91
N LYS B 207 -11.72 -4.19 -43.19
CA LYS B 207 -12.14 -5.18 -44.18
C LYS B 207 -11.52 -4.77 -45.52
N GLY B 208 -10.77 -5.69 -46.15
CA GLY B 208 -10.15 -5.44 -47.44
C GLY B 208 -8.77 -4.79 -47.37
N SER B 209 -8.12 -4.74 -46.19
CA SER B 209 -6.78 -4.20 -46.03
C SER B 209 -5.77 -5.11 -46.74
N PRO B 210 -4.77 -4.61 -47.50
CA PRO B 210 -3.63 -5.45 -47.86
C PRO B 210 -2.72 -5.83 -46.70
N TYR B 211 -2.76 -5.13 -45.54
CA TYR B 211 -1.97 -5.51 -44.37
C TYR B 211 -2.69 -6.58 -43.52
N GLY B 212 -3.94 -6.35 -43.13
CA GLY B 212 -4.60 -7.29 -42.24
C GLY B 212 -5.98 -6.83 -41.77
N TYR B 213 -6.71 -7.84 -41.27
CA TYR B 213 -8.00 -7.65 -40.65
C TYR B 213 -8.18 -8.75 -39.60
N GLU B 214 -7.94 -8.41 -38.31
CA GLU B 214 -7.94 -9.33 -37.18
C GLU B 214 -8.73 -8.72 -36.03
N GLU B 215 -8.73 -9.47 -34.92
CA GLU B 215 -9.39 -9.08 -33.70
C GLU B 215 -8.47 -8.09 -33.00
N PRO B 216 -8.95 -6.86 -32.64
CA PRO B 216 -8.09 -5.88 -31.96
C PRO B 216 -7.93 -6.20 -30.47
N SER B 217 -7.03 -5.47 -29.79
CA SER B 217 -6.62 -5.82 -28.44
C SER B 217 -6.08 -4.60 -27.70
N LEU B 218 -6.42 -4.48 -26.40
CA LEU B 218 -5.74 -3.60 -25.44
C LEU B 218 -4.62 -4.36 -24.74
N TYR B 219 -3.43 -3.74 -24.62
CA TYR B 219 -2.25 -4.38 -24.03
C TYR B 219 -1.73 -3.54 -22.88
N ARG B 220 -1.61 -4.15 -21.68
CA ARG B 220 -0.75 -3.59 -20.64
C ARG B 220 0.66 -4.14 -20.81
N ILE B 221 1.67 -3.26 -20.76
CA ILE B 221 3.07 -3.57 -21.09
C ILE B 221 3.98 -3.00 -20.01
N ASP B 222 4.91 -3.79 -19.43
CA ASP B 222 5.79 -3.21 -18.40
C ASP B 222 6.80 -2.29 -19.08
N ALA B 223 6.98 -1.07 -18.56
CA ALA B 223 7.90 -0.10 -19.14
C ALA B 223 9.35 -0.45 -18.84
N GLU B 224 9.62 -0.93 -17.60
CA GLU B 224 10.97 -1.28 -17.18
C GLU B 224 11.55 -2.40 -18.08
N THR B 225 10.81 -3.49 -18.25
CA THR B 225 11.31 -4.71 -18.88
C THR B 225 10.88 -4.85 -20.35
N PHE B 226 9.94 -3.98 -20.81
CA PHE B 226 9.37 -4.01 -22.14
C PHE B 226 8.80 -5.40 -22.48
N LYS B 227 8.01 -5.98 -21.56
CA LYS B 227 7.29 -7.22 -21.78
C LYS B 227 5.78 -6.98 -21.65
N ILE B 228 4.99 -7.77 -22.38
CA ILE B 228 3.53 -7.67 -22.35
C ILE B 228 3.04 -8.38 -21.10
N GLU B 229 2.12 -7.74 -20.34
CA GLU B 229 1.58 -8.33 -19.12
C GLU B 229 0.15 -8.86 -19.29
N LYS B 230 -0.74 -8.11 -19.95
CA LYS B 230 -2.12 -8.53 -20.23
C LYS B 230 -2.49 -8.16 -21.68
N GLN B 231 -3.49 -8.87 -22.22
CA GLN B 231 -4.08 -8.60 -23.52
C GLN B 231 -5.59 -8.78 -23.43
N PHE B 232 -6.38 -7.79 -23.86
CA PHE B 232 -7.84 -7.88 -23.79
C PHE B 232 -8.37 -7.84 -25.23
N LYS B 233 -8.86 -8.97 -25.73
CA LYS B 233 -9.24 -9.13 -27.11
C LYS B 233 -10.71 -8.74 -27.25
N PHE B 234 -11.07 -8.11 -28.39
CA PHE B 234 -12.39 -7.56 -28.67
C PHE B 234 -12.95 -8.28 -29.90
N GLN B 235 -14.16 -7.88 -30.36
CA GLN B 235 -14.80 -8.50 -31.53
C GLN B 235 -14.09 -8.08 -32.83
N LEU B 236 -13.99 -9.00 -33.81
CA LEU B 236 -13.52 -8.67 -35.17
C LEU B 236 -14.47 -7.61 -35.76
N GLY B 237 -13.89 -6.57 -36.37
CA GLY B 237 -14.69 -5.49 -36.91
C GLY B 237 -14.75 -4.29 -36.00
N ASP B 238 -14.60 -4.50 -34.67
CA ASP B 238 -14.24 -3.38 -33.80
C ASP B 238 -13.03 -2.67 -34.38
N ALA B 239 -12.94 -1.35 -34.12
CA ALA B 239 -11.82 -0.53 -34.56
C ALA B 239 -11.46 0.47 -33.45
N PRO B 240 -10.96 -0.01 -32.28
CA PRO B 240 -10.68 0.90 -31.16
C PRO B 240 -9.61 1.96 -31.45
N SER B 241 -9.53 2.96 -30.57
CA SER B 241 -8.68 4.13 -30.77
C SER B 241 -8.57 4.97 -29.48
N GLU B 242 -7.53 5.83 -29.44
CA GLU B 242 -7.40 7.02 -28.60
C GLU B 242 -7.50 6.60 -27.13
N VAL B 243 -6.50 5.81 -26.64
CA VAL B 243 -6.28 5.59 -25.20
C VAL B 243 -5.96 6.90 -24.51
N GLN B 244 -6.49 7.10 -23.29
CA GLN B 244 -6.26 8.29 -22.47
C GLN B 244 -6.36 7.92 -20.98
N LEU B 245 -5.56 8.60 -20.14
CA LEU B 245 -5.59 8.47 -18.70
C LEU B 245 -6.14 9.76 -18.08
N ASN B 246 -6.64 9.64 -16.83
CA ASN B 246 -6.89 10.78 -15.94
C ASN B 246 -5.56 11.28 -15.38
N GLY B 247 -5.61 12.36 -14.61
CA GLY B 247 -4.40 13.00 -14.12
C GLY B 247 -3.62 12.15 -13.10
N ALA B 248 -4.32 11.33 -12.30
CA ALA B 248 -3.69 10.35 -11.41
C ALA B 248 -2.98 9.24 -12.21
N GLY B 249 -3.44 8.97 -13.44
CA GLY B 249 -3.00 7.84 -14.24
C GLY B 249 -3.42 6.49 -13.66
N ASP B 250 -4.64 6.40 -13.11
CA ASP B 250 -5.19 5.18 -12.57
C ASP B 250 -6.53 4.80 -13.22
N GLU B 251 -7.05 5.64 -14.14
CA GLU B 251 -8.27 5.34 -14.85
C GLU B 251 -7.97 5.49 -16.32
N LEU B 252 -8.10 4.39 -17.07
CA LEU B 252 -7.87 4.34 -18.50
C LEU B 252 -9.18 4.37 -19.25
N TYR B 253 -9.20 5.11 -20.35
CA TYR B 253 -10.36 5.34 -21.21
C TYR B 253 -9.96 5.08 -22.65
N TRP B 254 -10.91 4.61 -23.47
CA TRP B 254 -10.66 4.42 -24.90
C TRP B 254 -11.99 4.41 -25.66
N ILE B 255 -11.90 4.42 -26.99
CA ILE B 255 -13.07 4.49 -27.86
C ILE B 255 -13.17 3.12 -28.56
N ASN B 256 -14.38 2.56 -28.55
CA ASN B 256 -14.74 1.36 -29.31
C ASN B 256 -16.26 1.35 -29.43
N LYS B 257 -16.81 2.22 -30.29
CA LYS B 257 -18.25 2.47 -30.46
C LYS B 257 -18.74 3.38 -29.32
N ASP B 258 -18.65 2.82 -28.10
CA ASP B 258 -18.82 3.50 -26.84
C ASP B 258 -17.48 4.04 -26.38
N ILE B 259 -17.52 4.94 -25.39
CA ILE B 259 -16.36 5.24 -24.57
C ILE B 259 -16.32 4.25 -23.40
N TRP B 260 -15.13 3.68 -23.16
CA TRP B 260 -14.92 2.68 -22.13
C TRP B 260 -13.97 3.27 -21.10
N ARG B 261 -14.17 2.86 -19.83
CA ARG B 261 -13.30 3.25 -18.72
C ARG B 261 -12.92 1.97 -17.93
N MET B 262 -11.65 1.91 -17.48
CA MET B 262 -11.16 0.80 -16.68
C MET B 262 -10.10 1.31 -15.72
N SER B 263 -10.12 0.86 -14.46
CA SER B 263 -9.02 1.06 -13.55
C SER B 263 -7.77 0.33 -14.05
N VAL B 264 -6.57 0.94 -13.94
CA VAL B 264 -5.30 0.32 -14.36
C VAL B 264 -4.96 -0.89 -13.50
N ASP B 265 -5.47 -0.86 -12.25
CA ASP B 265 -5.46 -1.96 -11.29
C ASP B 265 -6.28 -3.14 -11.80
N GLU B 266 -7.57 -2.97 -12.11
CA GLU B 266 -8.51 -4.03 -12.50
C GLU B 266 -8.01 -4.97 -13.59
N GLU B 267 -8.33 -6.27 -13.48
CA GLU B 267 -7.78 -7.37 -14.28
C GLU B 267 -8.73 -7.79 -15.42
N ARG B 268 -9.93 -7.16 -15.54
CA ARG B 268 -10.88 -7.41 -16.62
C ARG B 268 -11.65 -6.13 -16.99
N VAL B 269 -12.01 -6.10 -18.30
CA VAL B 269 -12.80 -5.08 -18.95
C VAL B 269 -14.22 -5.10 -18.37
N PRO B 270 -14.69 -3.99 -17.73
CA PRO B 270 -16.08 -3.90 -17.25
C PRO B 270 -17.16 -4.22 -18.30
N VAL B 271 -18.28 -4.77 -17.81
CA VAL B 271 -19.46 -5.06 -18.63
C VAL B 271 -20.01 -3.77 -19.27
N ARG B 272 -20.08 -2.73 -18.42
CA ARG B 272 -20.75 -1.47 -18.67
C ARG B 272 -19.73 -0.46 -19.24
N PRO B 273 -20.04 0.31 -20.31
CA PRO B 273 -19.12 1.38 -20.73
C PRO B 273 -19.10 2.56 -19.74
N PHE B 274 -18.31 3.59 -20.02
CA PHE B 274 -18.45 4.93 -19.43
C PHE B 274 -19.57 5.69 -20.14
N LEU B 275 -19.69 5.58 -21.48
CA LEU B 275 -20.72 6.29 -22.21
C LEU B 275 -21.16 5.49 -23.42
N LYS B 276 -22.50 5.38 -23.62
CA LYS B 276 -23.10 4.48 -24.58
C LYS B 276 -22.90 5.01 -26.01
N TYR B 277 -22.77 4.10 -26.99
CA TYR B 277 -22.94 4.35 -28.42
C TYR B 277 -24.26 5.07 -28.67
N ARG B 278 -24.33 5.95 -29.70
CA ARG B 278 -25.56 6.68 -30.04
C ARG B 278 -25.67 6.89 -31.55
N ASP B 279 -25.24 5.87 -32.32
CA ASP B 279 -25.31 5.77 -33.79
C ASP B 279 -24.60 6.93 -34.45
N THR B 280 -23.42 7.30 -33.90
CA THR B 280 -22.58 8.41 -34.31
C THR B 280 -21.14 7.90 -34.31
N LYS B 281 -20.15 8.81 -34.52
CA LYS B 281 -18.73 8.43 -34.56
C LYS B 281 -17.95 9.27 -33.53
N TYR B 282 -17.94 8.79 -32.27
CA TYR B 282 -16.97 9.22 -31.26
C TYR B 282 -15.59 8.93 -31.81
N TYR B 283 -14.64 9.89 -31.71
CA TYR B 283 -13.43 9.92 -32.53
C TYR B 283 -12.19 10.45 -31.77
N GLY B 284 -12.41 11.37 -30.82
CA GLY B 284 -11.37 11.80 -29.87
C GLY B 284 -11.86 11.80 -28.43
N LEU B 285 -10.88 12.01 -27.54
CA LEU B 285 -11.08 11.76 -26.12
C LEU B 285 -9.98 12.46 -25.30
N THR B 286 -10.41 13.10 -24.19
CA THR B 286 -9.47 13.62 -23.20
C THR B 286 -10.15 13.63 -21.84
N VAL B 287 -9.30 13.76 -20.81
CA VAL B 287 -9.72 13.88 -19.41
C VAL B 287 -9.12 15.18 -18.87
N SER B 288 -9.91 16.01 -18.15
CA SER B 288 -9.37 17.18 -17.47
C SER B 288 -8.45 16.71 -16.32
N PRO B 289 -7.18 17.16 -16.33
CA PRO B 289 -6.32 16.89 -15.19
C PRO B 289 -6.59 17.70 -13.90
N LYS B 290 -7.47 18.73 -13.90
CA LYS B 290 -7.95 19.36 -12.68
C LYS B 290 -9.20 18.63 -12.16
N ASN B 291 -10.33 18.71 -12.91
CA ASN B 291 -11.65 18.19 -12.58
C ASN B 291 -11.78 16.67 -12.50
N GLY B 292 -11.01 15.93 -13.32
CA GLY B 292 -11.34 14.57 -13.72
C GLY B 292 -12.46 14.44 -14.76
N ASP B 293 -12.90 15.55 -15.38
CA ASP B 293 -14.01 15.59 -16.36
C ASP B 293 -13.59 14.93 -17.68
N VAL B 294 -14.55 14.32 -18.39
CA VAL B 294 -14.27 13.59 -19.63
C VAL B 294 -14.92 14.31 -20.84
N TYR B 295 -14.06 14.69 -21.82
CA TYR B 295 -14.52 15.30 -23.05
C TYR B 295 -14.43 14.24 -24.17
N VAL B 296 -15.52 14.12 -24.93
CA VAL B 296 -15.74 13.12 -25.95
C VAL B 296 -15.98 13.86 -27.27
N ALA B 297 -15.15 13.62 -28.29
CA ALA B 297 -15.28 14.35 -29.56
C ALA B 297 -16.07 13.47 -30.53
N ASP B 298 -17.28 13.93 -30.92
CA ASP B 298 -18.15 13.22 -31.85
C ASP B 298 -17.96 13.89 -33.21
N ALA B 299 -17.49 13.12 -34.20
CA ALA B 299 -17.31 13.59 -35.56
C ALA B 299 -18.64 13.58 -36.32
N ILE B 300 -19.59 12.76 -35.80
CA ILE B 300 -21.00 12.61 -36.14
C ILE B 300 -21.07 11.73 -37.39
N ASP B 301 -20.93 12.32 -38.59
CA ASP B 301 -20.92 11.58 -39.86
C ASP B 301 -19.65 11.86 -40.67
N TYR B 302 -18.60 12.37 -40.01
CA TYR B 302 -17.38 12.89 -40.62
C TYR B 302 -17.59 14.02 -41.65
N GLN B 303 -18.77 14.64 -41.73
CA GLN B 303 -19.09 15.60 -42.77
C GLN B 303 -19.49 16.91 -42.10
N GLN B 304 -20.52 16.83 -41.24
CA GLN B 304 -21.06 18.02 -40.61
C GLN B 304 -20.20 18.43 -39.41
N GLN B 305 -20.51 19.66 -38.96
CA GLN B 305 -19.91 20.30 -37.80
C GLN B 305 -20.06 19.34 -36.61
N GLY B 306 -18.93 19.02 -35.94
CA GLY B 306 -18.85 18.02 -34.88
C GLY B 306 -19.20 18.64 -33.52
N MET B 307 -19.27 17.79 -32.48
CA MET B 307 -19.72 18.17 -31.14
C MET B 307 -18.74 17.60 -30.12
N ILE B 308 -18.49 18.37 -29.06
CA ILE B 308 -17.87 17.84 -27.86
C ILE B 308 -18.95 17.67 -26.81
N TYR B 309 -18.72 16.61 -26.00
CA TYR B 309 -19.61 16.30 -24.89
C TYR B 309 -18.74 16.27 -23.66
N ARG B 310 -19.09 17.10 -22.68
CA ARG B 310 -18.36 17.16 -21.43
C ARG B 310 -19.16 16.47 -20.33
N TYR B 311 -18.49 15.56 -19.58
CA TYR B 311 -19.13 14.76 -18.53
C TYR B 311 -18.30 14.89 -17.25
N THR B 312 -18.92 14.78 -16.07
CA THR B 312 -18.17 14.72 -14.82
C THR B 312 -17.42 13.38 -14.77
N GLU B 313 -16.44 13.21 -13.84
CA GLU B 313 -15.84 11.88 -13.66
C GLU B 313 -16.90 10.78 -13.43
N ASP B 314 -18.05 11.13 -12.81
CA ASP B 314 -19.13 10.22 -12.48
C ASP B 314 -20.22 10.16 -13.56
N GLY B 315 -20.12 10.94 -14.64
CA GLY B 315 -20.93 10.75 -15.86
C GLY B 315 -22.22 11.59 -15.98
N GLU B 316 -22.33 12.71 -15.24
CA GLU B 316 -23.37 13.70 -15.52
C GLU B 316 -22.85 14.60 -16.64
N LEU B 317 -23.72 14.90 -17.63
CA LEU B 317 -23.41 15.82 -18.72
C LEU B 317 -23.36 17.25 -18.19
N VAL B 318 -22.22 17.95 -18.37
CA VAL B 318 -21.98 19.29 -17.88
C VAL B 318 -22.28 20.31 -18.98
N ASP B 319 -21.81 20.04 -20.22
CA ASP B 319 -21.94 20.97 -21.34
C ASP B 319 -21.81 20.19 -22.64
N GLU B 320 -22.34 20.74 -23.73
CA GLU B 320 -22.02 20.24 -25.07
C GLU B 320 -21.93 21.42 -26.02
N PHE B 321 -20.97 21.39 -26.95
CA PHE B 321 -20.66 22.56 -27.76
C PHE B 321 -20.18 22.13 -29.14
N TYR B 322 -20.51 22.98 -30.12
CA TYR B 322 -20.14 22.72 -31.50
C TYR B 322 -18.74 23.26 -31.75
N VAL B 323 -17.94 22.49 -32.51
CA VAL B 323 -16.56 22.84 -32.86
C VAL B 323 -16.36 22.81 -34.40
N GLY B 324 -15.29 22.22 -34.91
CA GLY B 324 -15.07 22.16 -36.35
C GLY B 324 -15.51 20.81 -36.91
N ILE B 325 -14.90 20.41 -38.04
CA ILE B 325 -15.24 19.19 -38.75
C ILE B 325 -14.26 18.10 -38.29
N ILE B 326 -14.78 16.90 -37.93
CA ILE B 326 -13.98 15.80 -37.43
C ILE B 326 -13.01 16.27 -36.30
N PRO B 327 -13.51 16.70 -35.11
CA PRO B 327 -12.63 16.84 -33.93
C PRO B 327 -11.99 15.53 -33.52
N GLY B 328 -10.68 15.53 -33.26
CA GLY B 328 -9.92 14.26 -33.14
C GLY B 328 -8.97 14.07 -31.93
N ALA B 329 -8.70 15.20 -31.25
CA ALA B 329 -7.59 15.39 -30.31
C ALA B 329 -7.78 16.70 -29.53
N PHE B 330 -7.21 16.73 -28.31
CA PHE B 330 -7.38 17.83 -27.37
C PHE B 330 -6.03 18.18 -26.79
N CYS B 331 -5.80 19.47 -26.39
CA CYS B 331 -4.63 19.75 -25.57
C CYS B 331 -4.99 20.82 -24.54
N TRP B 332 -4.57 20.55 -23.29
CA TRP B 332 -4.81 21.42 -22.14
C TRP B 332 -3.76 22.54 -22.07
N LYS B 333 -4.02 23.64 -21.33
CA LYS B 333 -3.11 24.76 -21.06
C LYS B 333 -2.67 24.77 -19.57
N HIS C 7 -6.25 -2.39 52.18
CA HIS C 7 -7.22 -3.42 51.74
C HIS C 7 -6.81 -3.82 50.30
N HIS C 8 -6.30 -5.06 50.08
CA HIS C 8 -5.86 -5.70 48.83
C HIS C 8 -6.60 -5.23 47.58
N PRO C 9 -5.89 -4.95 46.46
CA PRO C 9 -6.55 -4.27 45.32
C PRO C 9 -7.54 -5.23 44.67
N PHE C 10 -8.53 -4.67 43.96
CA PHE C 10 -9.44 -5.46 43.15
C PHE C 10 -8.66 -6.29 42.11
N ARG C 11 -9.05 -7.58 41.91
CA ARG C 11 -8.60 -8.47 40.84
C ARG C 11 -9.79 -9.09 40.10
N ALA C 12 -9.66 -9.19 38.78
CA ALA C 12 -10.68 -9.78 37.94
C ALA C 12 -10.21 -11.18 37.66
N THR C 13 -10.84 -12.16 38.33
CA THR C 13 -10.29 -13.49 38.43
C THR C 13 -10.95 -14.45 37.45
N GLY C 14 -12.15 -14.23 36.94
CA GLY C 14 -12.65 -15.21 35.98
C GLY C 14 -13.68 -14.57 35.07
N ASP C 15 -13.47 -14.71 33.74
CA ASP C 15 -14.50 -14.94 32.72
C ASP C 15 -15.61 -13.88 32.66
N GLY C 16 -15.21 -12.63 32.94
CA GLY C 16 -16.14 -11.53 33.04
C GLY C 16 -16.22 -10.70 31.77
N LEU C 17 -16.76 -9.48 31.98
CA LEU C 17 -17.32 -8.64 30.96
C LEU C 17 -16.97 -7.18 31.22
N PHE C 18 -16.20 -6.59 30.30
CA PHE C 18 -15.96 -5.16 30.32
C PHE C 18 -17.09 -4.44 29.59
N ILE C 19 -17.55 -3.33 30.18
CA ILE C 19 -18.53 -2.44 29.60
C ILE C 19 -17.84 -1.11 29.39
N MET C 20 -17.83 -0.59 28.16
CA MET C 20 -17.30 0.74 27.86
C MET C 20 -18.45 1.74 27.96
N ASN C 21 -18.32 2.73 28.87
CA ASN C 21 -19.30 3.82 28.98
C ASN C 21 -18.70 5.04 28.27
N GLU C 22 -19.43 5.56 27.27
CA GLU C 22 -18.96 6.65 26.42
C GLU C 22 -18.82 7.95 27.24
N GLY C 23 -19.74 8.14 28.18
CA GLY C 23 -19.86 9.43 28.78
C GLY C 23 -20.44 10.44 27.79
N ASN C 24 -20.52 11.68 28.25
CA ASN C 24 -21.01 12.80 27.48
C ASN C 24 -19.82 13.21 26.60
N PHE C 25 -20.12 13.30 25.31
CA PHE C 25 -19.19 13.81 24.30
C PHE C 25 -18.74 15.23 24.66
N GLN C 26 -17.40 15.44 24.67
CA GLN C 26 -16.70 16.69 24.97
C GLN C 26 -16.58 16.94 26.48
N TYR C 27 -17.26 16.17 27.35
CA TYR C 27 -17.35 16.46 28.78
C TYR C 27 -16.32 15.66 29.60
N GLY C 28 -15.59 14.68 29.00
CA GLY C 28 -14.47 14.02 29.68
C GLY C 28 -14.84 13.03 30.81
N ASN C 29 -16.08 12.50 30.82
CA ASN C 29 -16.63 11.67 31.86
C ASN C 29 -16.86 10.23 31.35
N ALA C 30 -16.05 9.75 30.41
CA ALA C 30 -16.08 8.34 30.03
C ALA C 30 -15.42 7.51 31.13
N THR C 31 -15.89 6.27 31.35
CA THR C 31 -15.23 5.30 32.22
C THR C 31 -15.61 3.86 31.86
N LEU C 32 -14.84 2.91 32.39
CA LEU C 32 -14.97 1.48 32.13
C LEU C 32 -15.56 0.80 33.36
N SER C 33 -16.37 -0.24 33.12
CA SER C 33 -16.98 -1.08 34.12
C SER C 33 -16.58 -2.54 33.90
N TYR C 34 -16.60 -3.37 34.96
CA TYR C 34 -16.40 -4.82 34.87
C TYR C 34 -17.44 -5.55 35.70
N TYR C 35 -17.96 -6.66 35.14
CA TYR C 35 -19.06 -7.44 35.70
C TYR C 35 -18.61 -8.91 35.72
N ASP C 36 -18.83 -9.66 36.84
CA ASP C 36 -18.73 -11.11 36.83
C ASP C 36 -20.15 -11.68 36.66
N PRO C 37 -20.43 -12.47 35.59
CA PRO C 37 -21.71 -13.17 35.46
C PRO C 37 -22.05 -14.19 36.58
N GLU C 38 -21.04 -14.81 37.19
CA GLU C 38 -21.25 -15.76 38.28
C GLU C 38 -21.65 -15.05 39.58
N THR C 39 -20.84 -14.06 39.97
CA THR C 39 -20.99 -13.34 41.22
C THR C 39 -22.13 -12.31 41.14
N LYS C 40 -22.47 -11.83 39.92
CA LYS C 40 -23.39 -10.72 39.65
C LYS C 40 -22.97 -9.39 40.28
N LYS C 41 -21.64 -9.19 40.38
CA LYS C 41 -21.05 -8.03 41.01
C LYS C 41 -20.40 -7.20 39.91
N VAL C 42 -20.86 -5.94 39.80
CA VAL C 42 -20.32 -4.95 38.89
C VAL C 42 -19.33 -4.06 39.66
N GLU C 43 -18.21 -3.73 39.00
CA GLU C 43 -17.31 -2.66 39.44
C GLU C 43 -17.40 -1.52 38.46
N ASN C 44 -17.67 -0.30 38.92
CA ASN C 44 -17.61 0.88 38.05
C ASN C 44 -16.27 1.61 38.22
N GLU C 45 -15.93 2.45 37.22
CA GLU C 45 -14.78 3.33 37.27
C GLU C 45 -13.46 2.57 37.52
N ILE C 46 -13.33 1.39 36.94
CA ILE C 46 -12.23 0.49 37.25
C ILE C 46 -10.90 1.04 36.71
N PHE C 47 -10.94 1.82 35.59
CA PHE C 47 -9.72 2.32 35.02
C PHE C 47 -9.16 3.43 35.91
N TYR C 48 -10.04 4.40 36.25
CA TYR C 48 -9.70 5.49 37.16
C TYR C 48 -9.10 4.94 38.45
N ARG C 49 -9.77 3.96 39.08
CA ARG C 49 -9.41 3.39 40.38
C ARG C 49 -8.08 2.67 40.32
N ALA C 50 -7.77 2.01 39.21
CA ALA C 50 -6.55 1.25 39.02
C ALA C 50 -5.34 2.11 38.63
N ASN C 51 -5.59 3.20 37.87
CA ASN C 51 -4.53 4.03 37.27
C ASN C 51 -4.44 5.43 37.86
N ALA C 52 -5.38 5.82 38.75
CA ALA C 52 -5.52 7.16 39.29
C ALA C 52 -5.52 8.19 38.17
N MET C 53 -6.37 8.01 37.14
CA MET C 53 -6.36 8.83 35.92
C MET C 53 -7.66 8.61 35.17
N LYS C 54 -8.37 9.67 34.79
CA LYS C 54 -9.67 9.58 34.10
C LYS C 54 -9.44 8.89 32.73
N LEU C 55 -10.33 7.97 32.36
CA LEU C 55 -10.16 7.24 31.12
C LEU C 55 -10.16 8.20 29.93
N GLY C 56 -11.01 9.23 29.95
CA GLY C 56 -11.04 10.26 28.92
C GLY C 56 -12.45 10.59 28.42
N ASP C 57 -12.63 10.70 27.11
CA ASP C 57 -13.85 11.26 26.51
C ASP C 57 -14.27 10.32 25.40
N VAL C 58 -15.53 9.83 25.44
CA VAL C 58 -16.03 8.81 24.51
C VAL C 58 -15.11 7.56 24.38
N ALA C 59 -15.10 6.71 25.42
CA ALA C 59 -14.62 5.34 25.32
C ALA C 59 -15.54 4.57 24.38
N GLN C 60 -15.03 4.08 23.24
CA GLN C 60 -15.83 3.50 22.17
C GLN C 60 -15.88 1.96 22.18
N SER C 61 -14.73 1.28 22.29
CA SER C 61 -14.63 -0.14 21.97
C SER C 61 -13.44 -0.77 22.71
N MET C 62 -13.35 -2.11 22.61
CA MET C 62 -12.31 -2.89 23.31
C MET C 62 -12.07 -4.24 22.61
N ILE C 63 -10.81 -4.69 22.65
CA ILE C 63 -10.41 -6.00 22.19
C ILE C 63 -9.48 -6.59 23.24
N VAL C 64 -9.71 -7.85 23.63
CA VAL C 64 -8.78 -8.54 24.51
C VAL C 64 -7.97 -9.48 23.64
N ARG C 65 -6.64 -9.47 23.87
CA ARG C 65 -5.73 -10.36 23.17
C ARG C 65 -4.78 -10.98 24.20
N ASP C 66 -5.24 -12.14 24.77
CA ASP C 66 -4.50 -13.05 25.63
C ASP C 66 -4.01 -12.29 26.87
N THR C 67 -5.01 -11.78 27.60
CA THR C 67 -4.75 -11.12 28.86
C THR C 67 -4.34 -9.64 28.71
N ILE C 68 -4.17 -9.05 27.49
CA ILE C 68 -4.10 -7.58 27.37
C ILE C 68 -5.38 -7.01 26.76
N GLY C 69 -5.94 -5.96 27.38
CA GLY C 69 -7.15 -5.31 26.89
C GLY C 69 -6.84 -3.99 26.21
N TRP C 70 -7.33 -3.79 24.99
CA TRP C 70 -7.05 -2.61 24.19
C TRP C 70 -8.34 -1.80 24.15
N VAL C 71 -8.33 -0.67 24.91
CA VAL C 71 -9.46 0.21 25.10
C VAL C 71 -9.32 1.45 24.22
N VAL C 72 -10.31 1.68 23.35
CA VAL C 72 -10.26 2.73 22.35
C VAL C 72 -11.04 3.91 22.93
N VAL C 73 -10.32 5.00 23.26
CA VAL C 73 -10.94 6.22 23.73
C VAL C 73 -10.97 7.24 22.57
N ASN C 74 -12.08 7.21 21.83
CA ASN C 74 -12.32 7.91 20.57
C ASN C 74 -11.93 9.37 20.61
N ASN C 75 -12.43 10.11 21.59
CA ASN C 75 -12.25 11.56 21.62
C ASN C 75 -11.19 11.95 22.63
N SER C 76 -10.30 11.03 23.06
CA SER C 76 -9.02 11.42 23.66
C SER C 76 -7.86 10.92 22.81
N HIS C 77 -8.10 10.50 21.57
CA HIS C 77 -7.07 10.45 20.54
C HIS C 77 -6.09 9.34 20.96
N VAL C 78 -6.59 8.26 21.62
CA VAL C 78 -5.71 7.27 22.29
C VAL C 78 -6.33 5.86 22.37
N ILE C 79 -5.45 4.84 22.38
CA ILE C 79 -5.79 3.47 22.82
C ILE C 79 -4.85 3.04 23.95
N PHE C 80 -5.44 2.62 25.09
CA PHE C 80 -4.69 2.12 26.23
C PHE C 80 -4.67 0.59 26.20
N ALA C 81 -3.48 0.01 26.37
CA ALA C 81 -3.29 -1.39 26.67
C ALA C 81 -3.36 -1.54 28.19
N ILE C 82 -4.27 -2.39 28.72
CA ILE C 82 -4.36 -2.63 30.16
C ILE C 82 -4.22 -4.12 30.45
N SER C 83 -3.77 -4.46 31.67
CA SER C 83 -3.94 -5.80 32.22
C SER C 83 -5.41 -6.11 32.40
N THR C 84 -5.85 -7.30 31.99
CA THR C 84 -7.24 -7.73 32.10
C THR C 84 -7.52 -8.16 33.56
N ASN C 85 -6.43 -8.53 34.28
CA ASN C 85 -6.40 -8.94 35.67
C ASN C 85 -6.42 -7.72 36.61
N THR C 86 -5.59 -6.69 36.35
CA THR C 86 -5.41 -5.57 37.27
C THR C 86 -6.10 -4.28 36.78
N PHE C 87 -6.36 -4.16 35.48
CA PHE C 87 -6.84 -2.92 34.85
C PHE C 87 -5.75 -1.83 34.77
N LYS C 88 -4.49 -2.18 35.05
CA LYS C 88 -3.41 -1.22 35.02
C LYS C 88 -2.93 -1.06 33.58
N GLU C 89 -2.66 0.19 33.21
CA GLU C 89 -2.03 0.52 31.93
C GLU C 89 -0.68 -0.18 31.85
N VAL C 90 -0.42 -0.88 30.73
CA VAL C 90 0.91 -1.38 30.42
C VAL C 90 1.56 -0.59 29.25
N GLY C 91 0.78 0.20 28.49
CA GLY C 91 1.26 1.01 27.38
C GLY C 91 0.07 1.67 26.70
N ARG C 92 0.36 2.53 25.72
CA ARG C 92 -0.71 3.25 25.01
C ARG C 92 -0.26 3.56 23.59
N ILE C 93 -1.24 3.80 22.70
CA ILE C 93 -0.96 4.31 21.38
C ILE C 93 -1.62 5.68 21.28
N THR C 94 -0.82 6.69 20.91
CA THR C 94 -1.30 8.05 20.77
C THR C 94 -1.11 8.54 19.33
N GLY C 95 -1.65 9.74 19.09
CA GLY C 95 -1.59 10.47 17.84
C GLY C 95 -2.66 10.01 16.87
N LEU C 96 -3.84 9.63 17.40
CA LEU C 96 -4.90 9.03 16.60
C LEU C 96 -5.94 10.12 16.39
N THR C 97 -6.34 10.37 15.14
CA THR C 97 -7.27 11.45 14.89
C THR C 97 -8.50 11.31 15.80
N SER C 98 -9.31 10.25 15.61
CA SER C 98 -10.54 10.08 16.37
C SER C 98 -10.95 8.60 16.26
N PRO C 99 -10.18 7.70 16.96
CA PRO C 99 -10.24 6.25 16.71
C PRO C 99 -11.59 5.62 17.08
N ARG C 100 -11.83 4.45 16.49
CA ARG C 100 -13.11 3.80 16.54
C ARG C 100 -12.95 2.35 17.05
N TYR C 101 -12.26 1.52 16.26
CA TYR C 101 -12.12 0.10 16.54
C TYR C 101 -10.72 -0.31 16.13
N ILE C 102 -10.23 -1.38 16.78
CA ILE C 102 -8.94 -1.98 16.49
C ILE C 102 -9.17 -3.44 16.08
N HIS C 103 -8.46 -3.85 15.03
CA HIS C 103 -8.53 -5.21 14.50
C HIS C 103 -7.11 -5.68 14.26
N PHE C 104 -6.81 -6.87 14.79
CA PHE C 104 -5.46 -7.41 14.79
C PHE C 104 -5.32 -8.37 13.63
N ILE C 105 -4.44 -8.05 12.69
CA ILE C 105 -4.03 -8.96 11.65
C ILE C 105 -3.11 -9.99 12.29
N SER C 106 -2.06 -9.53 12.99
CA SER C 106 -1.11 -10.37 13.68
C SER C 106 -0.74 -9.67 14.98
N ASP C 107 0.16 -10.27 15.76
CA ASP C 107 0.76 -9.58 16.89
C ASP C 107 1.51 -8.34 16.42
N GLU C 108 2.07 -8.40 15.20
CA GLU C 108 2.96 -7.39 14.67
C GLU C 108 2.21 -6.29 13.91
N LYS C 109 0.88 -6.39 13.68
CA LYS C 109 0.17 -5.43 12.85
C LYS C 109 -1.31 -5.38 13.20
N ALA C 110 -1.86 -4.16 13.37
CA ALA C 110 -3.30 -3.95 13.55
C ALA C 110 -3.81 -2.69 12.83
N TYR C 111 -5.13 -2.66 12.67
CA TYR C 111 -5.78 -1.55 11.98
C TYR C 111 -6.65 -0.82 12.98
N ILE C 112 -6.56 0.52 12.96
CA ILE C 112 -7.38 1.41 13.79
C ILE C 112 -8.16 2.37 12.90
N THR C 113 -9.47 2.14 12.83
CA THR C 113 -10.39 2.99 12.12
C THR C 113 -10.57 4.32 12.83
N GLN C 114 -11.13 5.29 12.10
CA GLN C 114 -11.19 6.68 12.51
C GLN C 114 -12.47 7.32 11.99
N ILE C 115 -13.01 8.30 12.74
CA ILE C 115 -13.95 9.29 12.22
C ILE C 115 -13.19 10.61 12.05
N TRP C 116 -13.65 11.46 11.11
CA TRP C 116 -13.03 12.74 10.73
C TRP C 116 -11.62 12.54 10.17
N ASP C 117 -11.45 11.42 9.42
CA ASP C 117 -10.21 11.08 8.74
C ASP C 117 -10.58 10.10 7.61
N TYR C 118 -9.81 10.21 6.50
CA TYR C 118 -9.98 9.34 5.36
C TYR C 118 -9.01 8.15 5.38
N ARG C 119 -8.15 8.09 6.38
CA ARG C 119 -7.19 7.04 6.53
C ARG C 119 -7.56 6.18 7.74
N ILE C 120 -7.13 4.91 7.63
CA ILE C 120 -7.08 3.89 8.65
C ILE C 120 -5.62 3.78 9.01
N PHE C 121 -5.36 3.75 10.32
CA PHE C 121 -4.00 3.76 10.81
C PHE C 121 -3.54 2.32 10.93
N ILE C 122 -2.27 2.09 10.63
CA ILE C 122 -1.66 0.79 10.80
C ILE C 122 -0.69 0.94 11.95
N VAL C 123 -0.76 0.02 12.93
CA VAL C 123 0.16 0.03 14.07
C VAL C 123 0.86 -1.32 14.20
N ASN C 124 2.02 -1.29 14.83
CA ASN C 124 2.66 -2.44 15.44
C ASN C 124 2.33 -2.43 16.94
N PRO C 125 1.39 -3.27 17.43
CA PRO C 125 1.02 -3.31 18.85
C PRO C 125 2.15 -3.58 19.85
N LYS C 126 3.24 -4.20 19.42
CA LYS C 126 4.33 -4.53 20.32
C LYS C 126 5.22 -3.31 20.56
N THR C 127 5.30 -2.38 19.58
CA THR C 127 6.04 -1.12 19.71
C THR C 127 5.15 0.05 20.08
N TYR C 128 3.85 -0.05 19.91
CA TYR C 128 2.87 1.02 20.07
C TYR C 128 3.07 2.12 19.00
N GLN C 129 3.67 1.78 17.84
CA GLN C 129 4.06 2.76 16.84
C GLN C 129 3.11 2.67 15.66
N ILE C 130 2.81 3.84 15.08
CA ILE C 130 2.16 3.90 13.78
C ILE C 130 3.20 3.53 12.72
N THR C 131 2.83 2.53 11.87
CA THR C 131 3.70 1.97 10.86
C THR C 131 3.28 2.40 9.45
N GLY C 132 2.06 2.93 9.29
CA GLY C 132 1.53 3.15 7.96
C GLY C 132 0.07 3.57 8.02
N TYR C 133 -0.50 3.86 6.83
CA TYR C 133 -1.86 4.38 6.70
C TYR C 133 -2.46 3.75 5.45
N ILE C 134 -3.79 3.73 5.46
CA ILE C 134 -4.56 3.18 4.37
C ILE C 134 -5.43 4.32 3.87
N GLU C 135 -5.22 4.78 2.63
CA GLU C 135 -6.11 5.79 2.09
C GLU C 135 -7.39 5.12 1.61
N CYS C 136 -8.50 5.61 2.17
CA CYS C 136 -9.80 5.28 1.60
C CYS C 136 -10.06 6.11 0.33
N PRO C 137 -10.56 5.47 -0.75
CA PRO C 137 -10.84 6.20 -1.98
C PRO C 137 -12.07 7.12 -1.81
N ASP C 138 -12.05 8.31 -2.50
CA ASP C 138 -13.16 9.26 -2.58
C ASP C 138 -13.69 9.57 -1.20
N MET C 139 -12.76 9.97 -0.31
CA MET C 139 -13.13 10.24 1.07
C MET C 139 -12.25 11.38 1.57
N THR C 140 -12.86 12.27 2.37
CA THR C 140 -12.24 13.48 2.89
C THR C 140 -11.92 13.38 4.39
N MET C 141 -11.08 14.33 4.85
CA MET C 141 -10.85 14.56 6.29
C MET C 141 -12.10 15.11 6.96
N GLU C 142 -12.91 15.88 6.21
CA GLU C 142 -14.05 16.61 6.74
C GLU C 142 -15.19 15.64 7.08
N THR C 143 -15.58 14.73 6.16
CA THR C 143 -16.71 13.81 6.31
C THR C 143 -16.27 12.35 6.39
N GLY C 144 -14.96 12.09 6.61
CA GLY C 144 -14.43 10.74 6.71
C GLY C 144 -15.01 9.95 7.89
N SER C 145 -15.02 8.62 7.72
CA SER C 145 -15.55 7.63 8.67
C SER C 145 -15.18 6.23 8.21
N THR C 146 -14.31 5.56 8.99
CA THR C 146 -14.18 4.10 9.07
C THR C 146 -14.66 3.68 10.47
N GLU C 147 -14.99 2.37 10.62
CA GLU C 147 -15.73 1.84 11.78
C GLU C 147 -15.32 0.40 12.09
N GLN C 148 -16.25 -0.58 11.98
CA GLN C 148 -15.99 -1.95 12.41
C GLN C 148 -15.32 -2.72 11.28
N MET C 149 -14.65 -3.82 11.64
CA MET C 149 -13.85 -4.64 10.75
C MET C 149 -14.13 -6.12 11.03
N VAL C 150 -14.05 -6.91 9.95
CA VAL C 150 -14.02 -8.36 9.96
C VAL C 150 -12.95 -8.80 8.96
N GLN C 151 -12.37 -10.00 9.14
CA GLN C 151 -11.35 -10.52 8.25
C GLN C 151 -11.94 -11.68 7.45
N TYR C 152 -11.66 -11.80 6.15
CA TYR C 152 -11.88 -12.99 5.37
C TYR C 152 -10.58 -13.32 4.66
N GLY C 153 -9.93 -14.43 5.04
CA GLY C 153 -8.65 -14.80 4.47
C GLY C 153 -7.67 -13.64 4.61
N LYS C 154 -7.21 -13.06 3.47
CA LYS C 154 -6.16 -12.07 3.48
C LYS C 154 -6.74 -10.64 3.53
N TYR C 155 -8.09 -10.51 3.55
CA TYR C 155 -8.83 -9.29 3.31
C TYR C 155 -9.53 -8.81 4.58
N VAL C 156 -9.41 -7.50 4.89
CA VAL C 156 -10.24 -6.90 5.92
C VAL C 156 -11.37 -6.15 5.23
N TYR C 157 -12.59 -6.41 5.68
CA TYR C 157 -13.74 -5.63 5.29
C TYR C 157 -14.07 -4.67 6.43
N VAL C 158 -14.53 -3.44 6.08
CA VAL C 158 -14.79 -2.34 7.01
C VAL C 158 -15.96 -1.50 6.51
N ASN C 159 -16.86 -1.14 7.41
CA ASN C 159 -18.00 -0.27 7.12
C ASN C 159 -17.57 1.18 7.36
N CYS C 160 -18.08 2.06 6.51
CA CYS C 160 -17.90 3.48 6.58
C CYS C 160 -19.23 4.12 7.02
N TRP C 161 -19.24 4.85 8.15
CA TRP C 161 -20.48 5.26 8.83
C TRP C 161 -20.86 6.75 8.64
N SER C 162 -20.30 7.71 9.43
CA SER C 162 -20.67 9.14 9.42
C SER C 162 -20.48 9.70 8.01
N TYR C 163 -21.62 9.99 7.36
CA TYR C 163 -21.65 10.65 6.06
C TYR C 163 -20.94 9.80 4.99
N GLN C 164 -21.10 8.48 5.09
CA GLN C 164 -20.63 7.55 4.07
C GLN C 164 -21.72 6.51 3.84
N ASN C 165 -21.54 5.72 2.77
CA ASN C 165 -22.54 4.78 2.33
C ASN C 165 -21.89 3.51 1.80
N ARG C 166 -20.70 3.10 2.32
CA ARG C 166 -19.92 2.04 1.69
C ARG C 166 -19.33 1.05 2.68
N ILE C 167 -19.09 -0.16 2.17
CA ILE C 167 -18.20 -1.15 2.78
C ILE C 167 -17.01 -1.27 1.84
N LEU C 168 -15.79 -1.28 2.41
CA LEU C 168 -14.56 -1.38 1.67
C LEU C 168 -13.93 -2.76 1.89
N LYS C 169 -13.06 -3.18 0.99
CA LYS C 169 -12.34 -4.43 1.05
C LYS C 169 -10.85 -4.14 0.84
N ILE C 170 -10.04 -4.53 1.85
CA ILE C 170 -8.63 -4.19 1.96
C ILE C 170 -7.82 -5.48 1.86
N ASP C 171 -6.78 -5.54 1.02
CA ASP C 171 -5.84 -6.63 0.97
C ASP C 171 -4.79 -6.32 2.01
N THR C 172 -4.70 -7.12 3.09
CA THR C 172 -3.69 -6.94 4.13
C THR C 172 -2.28 -7.21 3.59
N THR C 173 -2.12 -7.98 2.50
CA THR C 173 -0.80 -8.21 1.96
C THR C 173 -0.16 -6.90 1.45
N THR C 174 -0.99 -5.98 0.89
CA THR C 174 -0.55 -4.71 0.34
C THR C 174 -0.99 -3.52 1.20
N ASP C 175 -1.99 -3.71 2.09
CA ASP C 175 -2.61 -2.66 2.91
C ASP C 175 -3.27 -1.58 2.05
N LYS C 176 -3.86 -2.00 0.91
CA LYS C 176 -4.58 -1.13 -0.01
C LYS C 176 -6.03 -1.57 -0.11
N VAL C 177 -6.94 -0.60 -0.27
CA VAL C 177 -8.33 -0.88 -0.57
C VAL C 177 -8.33 -1.42 -1.99
N VAL C 178 -9.04 -2.53 -2.27
CA VAL C 178 -9.08 -3.12 -3.61
C VAL C 178 -10.49 -3.23 -4.16
N ASP C 179 -11.52 -2.87 -3.39
CA ASP C 179 -12.89 -3.12 -3.83
C ASP C 179 -13.82 -2.40 -2.86
N GLN C 180 -15.06 -2.16 -3.32
CA GLN C 180 -16.05 -1.52 -2.49
C GLN C 180 -17.41 -2.00 -2.92
N LEU C 181 -18.37 -1.72 -2.03
CA LEU C 181 -19.76 -2.04 -2.20
C LEU C 181 -20.57 -0.90 -1.60
N THR C 182 -21.44 -0.30 -2.43
CA THR C 182 -22.35 0.74 -1.98
C THR C 182 -23.60 0.07 -1.38
N VAL C 183 -24.06 0.68 -0.28
CA VAL C 183 -25.25 0.29 0.46
C VAL C 183 -25.99 1.58 0.84
N GLY C 184 -27.08 1.44 1.60
CA GLY C 184 -27.78 2.58 2.20
C GLY C 184 -26.88 3.41 3.12
N ILE C 185 -27.34 4.59 3.54
CA ILE C 185 -26.45 5.55 4.15
C ILE C 185 -26.13 5.17 5.60
N GLN C 186 -24.88 5.41 5.99
CA GLN C 186 -24.38 5.30 7.35
C GLN C 186 -24.59 3.86 7.83
N PRO C 187 -23.95 2.85 7.21
CA PRO C 187 -23.85 1.53 7.81
C PRO C 187 -23.07 1.68 9.10
N THR C 188 -23.66 1.17 10.20
CA THR C 188 -23.19 1.39 11.58
C THR C 188 -22.19 0.33 12.08
N SER C 189 -22.20 -0.90 11.54
CA SER C 189 -21.58 -2.04 12.24
C SER C 189 -21.47 -3.25 11.30
N LEU C 190 -20.62 -4.21 11.67
CA LEU C 190 -20.29 -5.31 10.78
C LEU C 190 -19.85 -6.57 11.57
N VAL C 191 -20.42 -7.72 11.17
CA VAL C 191 -20.15 -9.04 11.78
C VAL C 191 -19.99 -10.08 10.66
N MET C 192 -19.24 -11.15 10.93
CA MET C 192 -19.14 -12.32 10.06
C MET C 192 -19.77 -13.58 10.73
N ASP C 193 -20.73 -14.25 10.06
CA ASP C 193 -21.43 -15.41 10.62
C ASP C 193 -20.67 -16.72 10.30
N LYS C 194 -21.23 -17.85 10.73
CA LYS C 194 -20.63 -19.16 10.55
C LYS C 194 -20.67 -19.62 9.10
N ASN C 195 -21.56 -19.02 8.29
CA ASN C 195 -21.61 -19.29 6.86
C ASN C 195 -20.69 -18.38 6.05
N PHE C 196 -19.87 -17.51 6.69
CA PHE C 196 -18.99 -16.60 6.02
C PHE C 196 -19.81 -15.59 5.21
N LYS C 197 -20.82 -15.04 5.91
CA LYS C 197 -21.64 -13.97 5.39
C LYS C 197 -21.54 -12.80 6.36
N MET C 198 -21.32 -11.60 5.81
CA MET C 198 -21.23 -10.38 6.60
C MET C 198 -22.64 -9.87 6.81
N TRP C 199 -22.86 -9.15 7.92
CA TRP C 199 -24.10 -8.42 8.14
C TRP C 199 -23.80 -6.99 8.58
N THR C 200 -24.55 -6.03 8.03
CA THR C 200 -24.42 -4.63 8.42
C THR C 200 -25.80 -4.00 8.38
N ILE C 201 -26.00 -3.02 9.27
CA ILE C 201 -27.28 -2.36 9.45
C ILE C 201 -27.00 -0.86 9.47
N THR C 202 -27.79 -0.08 8.68
CA THR C 202 -27.65 1.37 8.58
C THR C 202 -28.48 2.08 9.63
N ASP C 203 -28.20 3.36 9.90
CA ASP C 203 -29.09 4.19 10.72
C ASP C 203 -29.92 5.16 9.88
N GLY C 204 -29.64 5.24 8.56
CA GLY C 204 -30.50 6.03 7.68
C GLY C 204 -30.45 7.53 7.95
N GLY C 205 -29.41 8.02 8.64
CA GLY C 205 -29.22 9.43 8.86
C GLY C 205 -30.16 9.95 9.95
N TYR C 206 -30.31 11.30 9.95
CA TYR C 206 -30.86 12.01 11.09
C TYR C 206 -31.52 13.31 10.68
N LYS C 207 -32.58 13.26 9.90
CA LYS C 207 -33.62 14.29 9.89
C LYS C 207 -33.04 15.69 10.05
N GLY C 208 -32.87 16.39 8.92
CA GLY C 208 -32.14 17.65 8.83
C GLY C 208 -30.64 17.44 8.65
N SER C 209 -30.23 16.23 8.23
CA SER C 209 -28.85 15.93 7.86
C SER C 209 -28.55 16.61 6.54
N PRO C 210 -27.38 17.26 6.32
CA PRO C 210 -26.95 17.57 4.95
C PRO C 210 -26.61 16.36 4.08
N TYR C 211 -26.30 15.17 4.67
CA TYR C 211 -26.00 13.97 3.89
C TYR C 211 -27.30 13.23 3.50
N GLY C 212 -28.20 12.96 4.45
CA GLY C 212 -29.38 12.19 4.12
C GLY C 212 -30.24 11.81 5.33
N TYR C 213 -31.47 11.42 4.99
CA TYR C 213 -32.45 10.85 5.90
C TYR C 213 -33.35 9.95 5.05
N GLU C 214 -33.10 8.63 5.12
CA GLU C 214 -33.77 7.60 4.34
C GLU C 214 -34.22 6.46 5.26
N GLU C 215 -34.79 5.44 4.63
CA GLU C 215 -35.20 4.23 5.32
C GLU C 215 -33.95 3.38 5.53
N PRO C 216 -33.62 2.96 6.78
CA PRO C 216 -32.46 2.09 7.05
C PRO C 216 -32.68 0.63 6.65
N SER C 217 -31.61 -0.17 6.70
CA SER C 217 -31.64 -1.50 6.08
C SER C 217 -30.60 -2.45 6.69
N LEU C 218 -30.96 -3.73 6.92
CA LEU C 218 -30.04 -4.82 7.24
C LEU C 218 -29.69 -5.58 5.95
N TYR C 219 -28.40 -5.91 5.76
CA TYR C 219 -27.89 -6.54 4.53
C TYR C 219 -27.12 -7.79 4.91
N ARG C 220 -27.46 -8.96 4.34
CA ARG C 220 -26.54 -10.10 4.28
C ARG C 220 -25.68 -9.99 3.01
N ILE C 221 -24.35 -10.25 3.11
CA ILE C 221 -23.38 -10.08 2.03
C ILE C 221 -22.40 -11.26 1.99
N ASP C 222 -22.16 -11.90 0.82
CA ASP C 222 -21.21 -13.02 0.77
C ASP C 222 -19.77 -12.51 0.95
N ALA C 223 -18.98 -13.14 1.82
CA ALA C 223 -17.60 -12.74 2.08
C ALA C 223 -16.68 -13.10 0.91
N GLU C 224 -16.85 -14.32 0.38
CA GLU C 224 -16.04 -14.83 -0.73
C GLU C 224 -16.17 -13.90 -1.97
N THR C 225 -17.41 -13.63 -2.41
CA THR C 225 -17.68 -12.97 -3.67
C THR C 225 -17.95 -11.47 -3.53
N PHE C 226 -18.14 -10.99 -2.30
CA PHE C 226 -18.44 -9.59 -2.00
C PHE C 226 -19.71 -9.11 -2.72
N LYS C 227 -20.78 -9.94 -2.74
CA LYS C 227 -22.06 -9.56 -3.35
C LYS C 227 -23.17 -9.60 -2.30
N ILE C 228 -24.16 -8.73 -2.46
CA ILE C 228 -25.28 -8.61 -1.52
C ILE C 228 -26.26 -9.74 -1.78
N GLU C 229 -26.71 -10.44 -0.72
CA GLU C 229 -27.67 -11.55 -0.85
C GLU C 229 -29.09 -11.18 -0.42
N LYS C 230 -29.27 -10.43 0.67
CA LYS C 230 -30.61 -9.97 1.09
C LYS C 230 -30.53 -8.52 1.59
N GLN C 231 -31.68 -7.82 1.58
CA GLN C 231 -31.84 -6.51 2.22
C GLN C 231 -33.19 -6.49 2.96
N PHE C 232 -33.21 -6.07 4.23
CA PHE C 232 -34.46 -5.89 4.97
C PHE C 232 -34.61 -4.42 5.30
N LYS C 233 -35.56 -3.73 4.64
CA LYS C 233 -35.78 -2.31 4.82
C LYS C 233 -36.74 -2.10 5.99
N PHE C 234 -36.53 -1.02 6.77
CA PHE C 234 -37.28 -0.72 7.99
C PHE C 234 -38.00 0.62 7.79
N GLN C 235 -38.65 1.17 8.83
CA GLN C 235 -39.41 2.41 8.71
C GLN C 235 -38.46 3.61 8.69
N LEU C 236 -38.84 4.66 7.94
CA LEU C 236 -38.20 5.97 8.04
C LEU C 236 -38.33 6.48 9.48
N GLY C 237 -37.22 6.99 10.04
CA GLY C 237 -37.18 7.49 11.40
C GLY C 237 -36.71 6.46 12.40
N ASP C 238 -36.75 5.16 12.04
CA ASP C 238 -35.89 4.19 12.70
C ASP C 238 -34.43 4.67 12.57
N ALA C 239 -33.60 4.28 13.56
CA ALA C 239 -32.17 4.52 13.57
C ALA C 239 -31.45 3.28 14.13
N PRO C 240 -31.45 2.11 13.45
CA PRO C 240 -30.77 0.91 13.96
C PRO C 240 -29.27 1.00 14.21
N SER C 241 -28.74 0.07 15.01
CA SER C 241 -27.34 0.10 15.41
C SER C 241 -26.90 -1.24 16.00
N GLU C 242 -25.56 -1.33 16.21
CA GLU C 242 -24.73 -2.29 16.97
C GLU C 242 -25.33 -3.71 16.74
N VAL C 243 -25.14 -4.25 15.50
CA VAL C 243 -25.28 -5.68 15.16
C VAL C 243 -24.31 -6.52 15.99
N GLN C 244 -24.77 -7.70 16.46
CA GLN C 244 -23.96 -8.63 17.26
C GLN C 244 -24.39 -10.09 17.03
N LEU C 245 -23.43 -11.02 17.12
CA LEU C 245 -23.67 -12.44 16.98
C LEU C 245 -23.53 -13.16 18.33
N ASN C 246 -24.15 -14.36 18.41
CA ASN C 246 -23.86 -15.34 19.45
C ASN C 246 -22.54 -16.04 19.11
N GLY C 247 -22.09 -16.90 20.04
CA GLY C 247 -20.79 -17.53 19.96
C GLY C 247 -20.64 -18.49 18.78
N ALA C 248 -21.73 -19.17 18.41
CA ALA C 248 -21.76 -20.04 17.24
C ALA C 248 -21.73 -19.22 15.94
N GLY C 249 -22.23 -17.98 15.96
CA GLY C 249 -22.47 -17.21 14.75
C GLY C 249 -23.63 -17.74 13.89
N ASP C 250 -24.73 -18.14 14.54
CA ASP C 250 -25.97 -18.51 13.86
C ASP C 250 -27.17 -17.69 14.35
N GLU C 251 -27.01 -16.75 15.30
CA GLU C 251 -28.11 -15.91 15.80
C GLU C 251 -27.64 -14.45 15.85
N LEU C 252 -28.32 -13.61 15.05
CA LEU C 252 -27.97 -12.21 14.94
C LEU C 252 -28.95 -11.36 15.72
N TYR C 253 -28.40 -10.34 16.39
CA TYR C 253 -29.15 -9.40 17.23
C TYR C 253 -28.79 -7.97 16.84
N TRP C 254 -29.72 -7.04 17.01
CA TRP C 254 -29.45 -5.61 16.74
C TRP C 254 -30.44 -4.76 17.51
N ILE C 255 -30.18 -3.45 17.51
CA ILE C 255 -31.01 -2.48 18.22
C ILE C 255 -31.80 -1.67 17.19
N ASN C 256 -33.12 -1.51 17.40
CA ASN C 256 -33.97 -0.63 16.63
C ASN C 256 -35.21 -0.31 17.49
N LYS C 257 -35.04 0.56 18.50
CA LYS C 257 -36.03 0.88 19.53
C LYS C 257 -36.11 -0.28 20.55
N ASP C 258 -36.48 -1.48 20.06
CA ASP C 258 -36.39 -2.76 20.73
C ASP C 258 -35.07 -3.44 20.35
N ILE C 259 -34.72 -4.54 21.05
CA ILE C 259 -33.70 -5.46 20.60
C ILE C 259 -34.38 -6.54 19.76
N TRP C 260 -33.78 -6.84 18.60
CA TRP C 260 -34.29 -7.80 17.63
C TRP C 260 -33.29 -8.94 17.50
N ARG C 261 -33.78 -10.14 17.12
CA ARG C 261 -33.03 -11.40 17.05
C ARG C 261 -33.52 -12.15 15.80
N MET C 262 -32.59 -12.78 15.05
CA MET C 262 -32.91 -13.48 13.81
C MET C 262 -31.85 -14.53 13.58
N SER C 263 -32.28 -15.71 13.12
CA SER C 263 -31.34 -16.76 12.74
C SER C 263 -30.67 -16.32 11.45
N VAL C 264 -29.36 -16.62 11.25
CA VAL C 264 -28.63 -16.25 10.03
C VAL C 264 -29.18 -16.98 8.78
N ASP C 265 -29.78 -18.15 9.03
CA ASP C 265 -30.47 -18.98 8.05
C ASP C 265 -31.76 -18.27 7.61
N GLU C 266 -32.68 -17.92 8.53
CA GLU C 266 -34.07 -17.64 8.17
C GLU C 266 -34.17 -16.35 7.38
N GLU C 267 -35.15 -16.28 6.44
CA GLU C 267 -35.17 -15.31 5.34
C GLU C 267 -36.15 -14.14 5.62
N ARG C 268 -36.47 -13.90 6.91
CA ARG C 268 -37.44 -12.88 7.33
C ARG C 268 -37.11 -12.35 8.73
N VAL C 269 -37.48 -11.06 8.91
CA VAL C 269 -37.55 -10.38 10.21
C VAL C 269 -38.73 -10.96 10.98
N PRO C 270 -38.54 -11.66 12.13
CA PRO C 270 -39.69 -12.11 12.95
C PRO C 270 -40.63 -10.97 13.38
N VAL C 271 -41.92 -11.28 13.58
CA VAL C 271 -42.93 -10.30 14.02
C VAL C 271 -42.56 -9.75 15.41
N ARG C 272 -42.17 -10.67 16.33
CA ARG C 272 -41.92 -10.39 17.73
C ARG C 272 -40.43 -10.03 17.93
N PRO C 273 -40.04 -8.95 18.67
CA PRO C 273 -38.63 -8.73 19.03
C PRO C 273 -38.07 -9.80 19.96
N PHE C 274 -36.79 -9.68 20.32
CA PHE C 274 -36.21 -10.37 21.47
C PHE C 274 -36.54 -9.64 22.77
N LEU C 275 -36.53 -8.30 22.80
CA LEU C 275 -36.79 -7.54 24.01
C LEU C 275 -37.47 -6.21 23.69
N LYS C 276 -38.54 -5.90 24.43
CA LYS C 276 -39.46 -4.81 24.07
C LYS C 276 -38.87 -3.46 24.42
N TYR C 277 -39.19 -2.41 23.62
CA TYR C 277 -38.95 -0.98 23.93
C TYR C 277 -39.49 -0.65 25.32
N ARG C 278 -38.88 0.33 26.04
CA ARG C 278 -39.38 0.71 27.37
C ARG C 278 -39.27 2.23 27.62
N ASP C 279 -39.50 3.02 26.55
CA ASP C 279 -39.44 4.48 26.52
C ASP C 279 -38.07 4.98 26.97
N THR C 280 -37.02 4.24 26.57
CA THR C 280 -35.63 4.48 26.93
C THR C 280 -34.80 4.33 25.64
N LYS C 281 -33.47 4.45 25.79
CA LYS C 281 -32.53 4.38 24.67
C LYS C 281 -31.50 3.26 24.93
N TYR C 282 -31.93 2.06 24.54
CA TYR C 282 -31.07 0.91 24.30
C TYR C 282 -30.04 1.32 23.27
N TYR C 283 -28.75 1.01 23.48
CA TYR C 283 -27.64 1.70 22.80
C TYR C 283 -26.44 0.77 22.51
N GLY C 284 -26.17 -0.21 23.40
CA GLY C 284 -25.20 -1.27 23.17
C GLY C 284 -25.78 -2.67 23.41
N LEU C 285 -25.01 -3.67 22.97
CA LEU C 285 -25.47 -5.05 22.95
C LEU C 285 -24.30 -6.04 22.86
N THR C 286 -24.40 -7.16 23.60
CA THR C 286 -23.51 -8.30 23.41
C THR C 286 -24.25 -9.58 23.82
N VAL C 287 -23.66 -10.71 23.43
CA VAL C 287 -24.11 -12.06 23.70
C VAL C 287 -22.92 -12.80 24.33
N SER C 288 -23.17 -13.57 25.42
CA SER C 288 -22.13 -14.36 26.06
C SER C 288 -21.79 -15.52 25.15
N PRO C 289 -20.48 -15.68 24.81
CA PRO C 289 -20.02 -16.93 24.18
C PRO C 289 -19.94 -18.16 25.08
N LYS C 290 -20.20 -18.08 26.40
CA LYS C 290 -20.36 -19.25 27.24
C LYS C 290 -21.84 -19.65 27.29
N ASN C 291 -22.66 -18.80 27.92
CA ASN C 291 -24.06 -18.99 28.29
C ASN C 291 -25.03 -18.94 27.10
N GLY C 292 -24.68 -18.17 26.04
CA GLY C 292 -25.66 -17.62 25.10
C GLY C 292 -26.53 -16.46 25.65
N ASP C 293 -26.16 -15.86 26.81
CA ASP C 293 -26.93 -14.81 27.47
C ASP C 293 -26.78 -13.45 26.77
N VAL C 294 -27.80 -12.59 26.88
CA VAL C 294 -27.86 -11.33 26.14
C VAL C 294 -27.83 -10.12 27.10
N TYR C 295 -26.80 -9.27 26.94
CA TYR C 295 -26.67 -8.05 27.74
C TYR C 295 -27.01 -6.85 26.85
N VAL C 296 -27.85 -5.96 27.39
CA VAL C 296 -28.45 -4.82 26.71
C VAL C 296 -28.08 -3.54 27.47
N ALA C 297 -27.40 -2.60 26.81
CA ALA C 297 -26.98 -1.38 27.48
C ALA C 297 -27.99 -0.27 27.23
N ASP C 298 -28.65 0.21 28.31
CA ASP C 298 -29.60 1.33 28.25
C ASP C 298 -28.86 2.59 28.66
N ALA C 299 -28.85 3.61 27.78
CA ALA C 299 -28.26 4.92 28.06
C ALA C 299 -29.20 5.79 28.89
N ILE C 300 -30.50 5.42 28.83
CA ILE C 300 -31.64 5.94 29.60
C ILE C 300 -32.07 7.29 29.00
N ASP C 301 -31.47 8.43 29.41
CA ASP C 301 -31.75 9.74 28.83
C ASP C 301 -30.46 10.44 28.34
N TYR C 302 -29.38 9.65 28.14
CA TYR C 302 -28.03 10.13 27.84
C TYR C 302 -27.41 11.04 28.91
N GLN C 303 -27.99 11.17 30.10
CA GLN C 303 -27.55 12.13 31.12
C GLN C 303 -27.21 11.35 32.39
N GLN C 304 -28.21 10.64 32.93
CA GLN C 304 -28.06 9.93 34.18
C GLN C 304 -27.37 8.59 33.94
N GLN C 305 -27.03 7.97 35.09
CA GLN C 305 -26.36 6.67 35.17
C GLN C 305 -27.16 5.68 34.31
N GLY C 306 -26.47 5.00 33.37
CA GLY C 306 -27.06 3.95 32.54
C GLY C 306 -27.19 2.60 33.27
N MET C 307 -27.83 1.63 32.60
CA MET C 307 -28.15 0.33 33.15
C MET C 307 -27.82 -0.75 32.11
N ILE C 308 -27.37 -1.91 32.59
CA ILE C 308 -27.35 -3.12 31.78
C ILE C 308 -28.47 -4.03 32.23
N TYR C 309 -28.99 -4.79 31.25
CA TYR C 309 -30.02 -5.78 31.49
C TYR C 309 -29.51 -7.09 30.89
N ARG C 310 -29.40 -8.12 31.72
CA ARG C 310 -28.95 -9.43 31.30
C ARG C 310 -30.15 -10.38 31.20
N TYR C 311 -30.26 -11.11 30.08
CA TYR C 311 -31.36 -12.01 29.79
C TYR C 311 -30.78 -13.37 29.39
N THR C 312 -31.50 -14.46 29.64
CA THR C 312 -31.12 -15.78 29.16
C THR C 312 -31.27 -15.77 27.63
N GLU C 313 -30.64 -16.73 26.95
CA GLU C 313 -30.90 -16.98 25.53
C GLU C 313 -32.43 -17.06 25.24
N ASP C 314 -33.20 -17.66 26.17
CA ASP C 314 -34.64 -17.88 26.03
C ASP C 314 -35.49 -16.71 26.57
N GLY C 315 -34.86 -15.62 27.04
CA GLY C 315 -35.52 -14.32 27.13
C GLY C 315 -35.94 -13.89 28.54
N GLU C 316 -35.50 -14.57 29.62
CA GLU C 316 -35.83 -14.20 31.00
C GLU C 316 -34.69 -13.46 31.70
N LEU C 317 -35.06 -12.47 32.55
CA LEU C 317 -34.14 -11.53 33.18
C LEU C 317 -33.35 -12.25 34.26
N VAL C 318 -32.02 -12.19 34.18
CA VAL C 318 -31.09 -12.83 35.10
C VAL C 318 -30.59 -11.79 36.10
N ASP C 319 -30.22 -10.59 35.62
CA ASP C 319 -29.68 -9.51 36.46
C ASP C 319 -29.90 -8.16 35.76
N GLU C 320 -29.84 -7.05 36.51
CA GLU C 320 -29.79 -5.71 35.96
C GLU C 320 -28.95 -4.86 36.90
N PHE C 321 -28.05 -4.01 36.37
CA PHE C 321 -27.06 -3.36 37.21
C PHE C 321 -26.73 -1.97 36.66
N TYR C 322 -26.37 -1.05 37.55
CA TYR C 322 -25.99 0.29 37.15
C TYR C 322 -24.51 0.31 36.72
N VAL C 323 -24.20 1.05 35.63
CA VAL C 323 -22.83 1.24 35.15
C VAL C 323 -22.47 2.73 35.06
N GLY C 324 -21.78 3.19 34.01
CA GLY C 324 -21.44 4.59 33.85
C GLY C 324 -22.49 5.33 33.05
N ILE C 325 -22.07 6.43 32.40
CA ILE C 325 -22.94 7.28 31.60
C ILE C 325 -22.83 6.83 30.13
N ILE C 326 -23.97 6.62 29.47
CA ILE C 326 -24.04 6.14 28.08
C ILE C 326 -23.14 4.91 27.86
N PRO C 327 -23.40 3.74 28.47
CA PRO C 327 -22.77 2.48 28.01
C PRO C 327 -23.09 2.14 26.54
N GLY C 328 -22.05 1.80 25.74
CA GLY C 328 -22.20 1.64 24.28
C GLY C 328 -21.68 0.34 23.65
N ALA C 329 -20.75 -0.35 24.36
CA ALA C 329 -20.08 -1.55 23.86
C ALA C 329 -19.57 -2.40 25.02
N PHE C 330 -19.24 -3.68 24.69
CA PHE C 330 -18.86 -4.70 25.67
C PHE C 330 -17.61 -5.44 25.21
N CYS C 331 -16.78 -6.00 26.11
CA CYS C 331 -15.73 -6.91 25.67
C CYS C 331 -15.54 -7.98 26.74
N TRP C 332 -15.51 -9.25 26.28
CA TRP C 332 -15.38 -10.43 27.09
C TRP C 332 -13.91 -10.64 27.42
N LYS C 333 -13.62 -11.22 28.59
CA LYS C 333 -12.32 -11.13 29.21
C LYS C 333 -11.21 -11.84 28.41
N ALA D 12 0.69 -27.51 37.30
CA ALA D 12 1.44 -26.87 36.18
C ALA D 12 0.86 -25.47 35.77
N THR D 13 1.70 -24.42 36.03
CA THR D 13 1.34 -23.02 36.32
C THR D 13 2.10 -22.05 35.37
N GLY D 14 2.11 -22.32 34.04
CA GLY D 14 2.34 -21.30 33.02
C GLY D 14 3.35 -21.64 31.89
N ASP D 15 3.06 -21.00 30.73
CA ASP D 15 3.92 -20.63 29.59
C ASP D 15 4.75 -21.74 28.97
N GLY D 16 4.32 -22.99 29.11
CA GLY D 16 5.13 -24.17 28.87
C GLY D 16 4.85 -24.88 27.56
N LEU D 17 5.41 -26.09 27.46
CA LEU D 17 5.62 -26.81 26.22
C LEU D 17 5.39 -28.31 26.40
N PHE D 18 4.39 -28.85 25.66
CA PHE D 18 4.21 -30.29 25.57
C PHE D 18 5.07 -30.82 24.43
N ILE D 19 5.71 -31.96 24.71
CA ILE D 19 6.49 -32.72 23.74
C ILE D 19 5.80 -34.07 23.65
N MET D 20 5.42 -34.45 22.44
CA MET D 20 4.87 -35.77 22.15
C MET D 20 6.06 -36.64 21.75
N ASN D 21 6.30 -37.71 22.54
CA ASN D 21 7.22 -38.77 22.21
C ASN D 21 6.42 -39.90 21.57
N GLU D 22 6.81 -40.25 20.34
CA GLU D 22 6.09 -41.27 19.57
C GLU D 22 6.25 -42.65 20.23
N GLY D 23 7.43 -42.87 20.79
CA GLY D 23 7.80 -44.21 21.17
C GLY D 23 8.07 -45.07 19.93
N ASN D 24 8.40 -46.33 20.20
CA ASN D 24 8.63 -47.32 19.19
C ASN D 24 7.25 -47.73 18.71
N PHE D 25 7.05 -47.65 17.39
CA PHE D 25 5.87 -48.09 16.68
C PHE D 25 5.67 -49.57 16.94
N GLN D 26 4.46 -49.96 17.36
CA GLN D 26 4.02 -51.31 17.72
C GLN D 26 4.49 -51.77 19.10
N TYR D 27 5.36 -51.04 19.82
CA TYR D 27 5.86 -51.44 21.14
C TYR D 27 5.07 -50.80 22.30
N GLY D 28 4.12 -49.87 22.06
CA GLY D 28 3.24 -49.32 23.09
C GLY D 28 3.89 -48.41 24.16
N ASN D 29 5.01 -47.76 23.82
CA ASN D 29 5.84 -47.03 24.78
C ASN D 29 5.85 -45.53 24.46
N ALA D 30 4.75 -45.01 23.87
CA ALA D 30 4.61 -43.59 23.68
C ALA D 30 4.41 -42.88 25.04
N THR D 31 4.93 -41.66 25.19
CA THR D 31 4.87 -40.90 26.44
C THR D 31 4.71 -39.41 26.13
N LEU D 32 4.21 -38.68 27.14
CA LEU D 32 4.01 -37.25 27.02
C LEU D 32 4.96 -36.57 27.98
N SER D 33 5.59 -35.45 27.55
CA SER D 33 6.48 -34.67 28.38
C SER D 33 5.97 -33.24 28.48
N TYR D 34 6.33 -32.54 29.58
CA TYR D 34 6.11 -31.10 29.74
C TYR D 34 7.36 -30.39 30.26
N TYR D 35 7.66 -29.22 29.66
CA TYR D 35 8.83 -28.43 29.94
C TYR D 35 8.38 -27.00 30.25
N ASP D 36 8.88 -26.38 31.33
CA ASP D 36 8.73 -24.95 31.57
C ASP D 36 10.00 -24.25 31.08
N PRO D 37 9.91 -23.30 30.14
CA PRO D 37 11.07 -22.52 29.70
C PRO D 37 11.70 -21.61 30.77
N GLU D 38 10.92 -21.19 31.77
CA GLU D 38 11.38 -20.33 32.86
C GLU D 38 12.23 -21.16 33.82
N THR D 39 11.65 -22.27 34.30
CA THR D 39 12.22 -23.12 35.34
C THR D 39 13.31 -24.01 34.74
N LYS D 40 13.23 -24.33 33.42
CA LYS D 40 14.08 -25.29 32.70
C LYS D 40 13.94 -26.72 33.25
N LYS D 41 12.74 -27.06 33.72
CA LYS D 41 12.42 -28.29 34.37
C LYS D 41 11.48 -29.05 33.43
N VAL D 42 11.93 -30.25 33.03
CA VAL D 42 11.15 -31.18 32.23
C VAL D 42 10.51 -32.22 33.15
N GLU D 43 9.23 -32.55 32.88
CA GLU D 43 8.54 -33.68 33.49
C GLU D 43 8.25 -34.70 32.42
N ASN D 44 8.73 -35.95 32.59
CA ASN D 44 8.46 -37.02 31.64
C ASN D 44 7.31 -37.89 32.18
N GLU D 45 6.69 -38.63 31.25
CA GLU D 45 5.64 -39.60 31.51
C GLU D 45 4.45 -38.95 32.22
N ILE D 46 4.09 -37.72 31.89
CA ILE D 46 3.10 -36.97 32.65
C ILE D 46 1.71 -37.59 32.49
N PHE D 47 1.43 -38.19 31.32
CA PHE D 47 0.13 -38.81 31.14
C PHE D 47 -0.04 -40.06 32.03
N TYR D 48 0.95 -40.97 31.94
CA TYR D 48 0.97 -42.17 32.78
C TYR D 48 0.82 -41.81 34.28
N ARG D 49 1.64 -40.84 34.75
CA ARG D 49 1.75 -40.46 36.15
C ARG D 49 0.46 -39.83 36.65
N ALA D 50 -0.23 -39.07 35.80
CA ALA D 50 -1.48 -38.42 36.16
C ALA D 50 -2.72 -39.30 36.02
N ASN D 51 -2.73 -40.28 35.10
CA ASN D 51 -3.92 -41.08 34.76
C ASN D 51 -3.82 -42.58 35.16
N ALA D 52 -2.61 -43.00 35.61
CA ALA D 52 -2.27 -44.37 35.91
C ALA D 52 -2.64 -45.29 34.75
N MET D 53 -2.19 -44.93 33.54
CA MET D 53 -2.56 -45.61 32.30
C MET D 53 -1.58 -45.17 31.20
N LYS D 54 -1.00 -46.12 30.45
CA LYS D 54 0.00 -45.86 29.43
C LYS D 54 -0.64 -45.04 28.30
N LEU D 55 0.09 -44.03 27.81
CA LEU D 55 -0.49 -43.15 26.78
C LEU D 55 -0.90 -43.93 25.53
N GLY D 56 -0.08 -44.93 25.15
CA GLY D 56 -0.45 -45.82 24.06
C GLY D 56 0.70 -46.02 23.08
N ASP D 57 0.36 -46.01 21.78
CA ASP D 57 1.36 -46.30 20.74
C ASP D 57 1.38 -45.16 19.74
N VAL D 58 2.57 -44.54 19.52
CA VAL D 58 2.72 -43.44 18.55
C VAL D 58 1.78 -42.25 18.88
N ALA D 59 2.12 -41.52 19.94
CA ALA D 59 1.58 -40.19 20.21
C ALA D 59 2.09 -39.25 19.12
N GLN D 60 1.14 -38.71 18.29
CA GLN D 60 1.49 -37.99 17.08
C GLN D 60 1.54 -36.47 17.22
N SER D 61 0.46 -35.87 17.77
CA SER D 61 0.27 -34.42 17.70
C SER D 61 -0.63 -33.96 18.85
N MET D 62 -0.72 -32.63 19.02
CA MET D 62 -1.47 -32.00 20.11
C MET D 62 -1.94 -30.59 19.74
N ILE D 63 -3.11 -30.23 20.24
CA ILE D 63 -3.67 -28.90 20.10
C ILE D 63 -4.19 -28.50 21.47
N VAL D 64 -3.80 -27.31 21.92
CA VAL D 64 -4.27 -26.78 23.19
C VAL D 64 -5.31 -25.72 22.85
N ARG D 65 -6.44 -25.77 23.56
CA ARG D 65 -7.61 -24.98 23.24
C ARG D 65 -8.26 -24.59 24.56
N ASP D 66 -7.82 -23.42 25.10
CA ASP D 66 -8.38 -22.78 26.29
C ASP D 66 -8.09 -23.65 27.51
N THR D 67 -6.85 -24.14 27.70
CA THR D 67 -6.53 -25.00 28.84
C THR D 67 -7.04 -26.46 28.74
N ILE D 68 -7.59 -26.91 27.59
CA ILE D 68 -7.74 -28.34 27.28
C ILE D 68 -6.68 -28.76 26.23
N GLY D 69 -5.96 -29.87 26.50
CA GLY D 69 -5.01 -30.41 25.54
C GLY D 69 -5.60 -31.61 24.81
N TRP D 70 -5.54 -31.63 23.47
CA TRP D 70 -6.06 -32.73 22.68
C TRP D 70 -4.85 -33.44 22.10
N VAL D 71 -4.54 -34.63 22.64
CA VAL D 71 -3.39 -35.44 22.28
C VAL D 71 -3.87 -36.62 21.41
N VAL D 72 -3.27 -36.68 20.21
CA VAL D 72 -3.62 -37.65 19.18
C VAL D 72 -2.64 -38.81 19.35
N VAL D 73 -3.19 -39.99 19.69
CA VAL D 73 -2.39 -41.20 19.83
C VAL D 73 -2.74 -42.07 18.64
N ASN D 74 -1.96 -41.86 17.56
CA ASN D 74 -2.17 -42.37 16.21
C ASN D 74 -2.48 -43.86 16.17
N ASN D 75 -1.61 -44.65 16.81
CA ASN D 75 -1.75 -46.10 16.73
C ASN D 75 -2.34 -46.67 18.02
N SER D 76 -3.08 -45.90 18.81
CA SER D 76 -4.06 -46.43 19.76
C SER D 76 -5.47 -45.98 19.39
N HIS D 77 -5.67 -45.47 18.16
CA HIS D 77 -6.99 -45.42 17.57
C HIS D 77 -7.81 -44.40 18.43
N VAL D 78 -7.14 -43.33 19.01
CA VAL D 78 -7.79 -42.47 20.01
C VAL D 78 -7.22 -41.04 20.07
N ILE D 79 -8.06 -40.07 20.53
CA ILE D 79 -7.60 -38.76 21.02
C ILE D 79 -8.09 -38.54 22.46
N PHE D 80 -7.16 -38.19 23.36
CA PHE D 80 -7.48 -37.83 24.73
C PHE D 80 -7.49 -36.31 24.87
N ALA D 81 -8.60 -35.79 25.45
CA ALA D 81 -8.66 -34.47 26.02
C ALA D 81 -8.07 -34.54 27.43
N ILE D 82 -7.11 -33.66 27.79
CA ILE D 82 -6.54 -33.60 29.12
C ILE D 82 -6.59 -32.18 29.63
N SER D 83 -6.58 -32.03 30.98
CA SER D 83 -6.36 -30.75 31.61
C SER D 83 -4.91 -30.33 31.40
N THR D 84 -4.68 -29.08 31.09
CA THR D 84 -3.34 -28.56 30.94
C THR D 84 -2.75 -28.23 32.31
N ASN D 85 -3.61 -28.13 33.36
CA ASN D 85 -3.22 -27.93 34.75
C ASN D 85 -2.92 -29.27 35.40
N THR D 86 -3.75 -30.32 35.20
CA THR D 86 -3.58 -31.57 35.95
C THR D 86 -2.94 -32.68 35.13
N PHE D 87 -3.07 -32.63 33.80
CA PHE D 87 -2.74 -33.71 32.88
C PHE D 87 -3.72 -34.90 32.97
N LYS D 88 -4.82 -34.79 33.74
CA LYS D 88 -5.84 -35.82 33.83
C LYS D 88 -6.74 -35.74 32.59
N GLU D 89 -7.11 -36.91 32.08
CA GLU D 89 -8.16 -37.06 31.09
C GLU D 89 -9.43 -36.33 31.53
N VAL D 90 -10.02 -35.53 30.67
CA VAL D 90 -11.39 -35.03 30.82
C VAL D 90 -12.33 -35.67 29.80
N GLY D 91 -11.84 -36.25 28.72
CA GLY D 91 -12.66 -37.00 27.78
C GLY D 91 -11.79 -37.65 26.71
N ARG D 92 -12.41 -38.41 25.82
CA ARG D 92 -11.67 -39.06 24.76
C ARG D 92 -12.58 -39.24 23.56
N ILE D 93 -11.93 -39.36 22.39
CA ILE D 93 -12.63 -39.68 21.16
C ILE D 93 -12.04 -40.97 20.64
N THR D 94 -12.93 -41.94 20.45
CA THR D 94 -12.55 -43.30 20.07
C THR D 94 -13.18 -43.64 18.71
N GLY D 95 -12.68 -44.76 18.18
CA GLY D 95 -13.14 -45.36 16.95
C GLY D 95 -12.47 -44.70 15.75
N LEU D 96 -11.19 -44.28 15.92
CA LEU D 96 -10.47 -43.54 14.91
C LEU D 96 -9.54 -44.52 14.22
N THR D 97 -9.60 -44.57 12.87
CA THR D 97 -8.83 -45.55 12.12
C THR D 97 -7.36 -45.45 12.53
N SER D 98 -6.70 -44.29 12.29
CA SER D 98 -5.31 -44.12 12.68
C SER D 98 -4.96 -42.63 12.63
N PRO D 99 -5.44 -41.86 13.63
CA PRO D 99 -5.49 -40.40 13.54
C PRO D 99 -4.10 -39.75 13.52
N ARG D 100 -4.06 -38.51 13.02
CA ARG D 100 -2.84 -37.78 12.72
C ARG D 100 -2.90 -36.40 13.41
N TYR D 101 -3.86 -35.54 13.00
CA TYR D 101 -3.91 -34.16 13.43
C TYR D 101 -5.37 -33.80 13.51
N ILE D 102 -5.62 -32.82 14.40
CA ILE D 102 -6.94 -32.29 14.63
C ILE D 102 -6.89 -30.79 14.31
N HIS D 103 -7.97 -30.30 13.70
CA HIS D 103 -8.14 -28.88 13.43
C HIS D 103 -9.56 -28.51 13.80
N PHE D 104 -9.66 -27.41 14.58
CA PHE D 104 -10.94 -26.98 15.13
C PHE D 104 -11.53 -25.90 14.24
N ILE D 105 -12.66 -26.17 13.60
CA ILE D 105 -13.41 -25.15 12.88
C ILE D 105 -14.17 -24.27 13.89
N SER D 106 -14.89 -24.88 14.82
CA SER D 106 -15.53 -24.17 15.93
C SER D 106 -15.40 -25.04 17.18
N ASP D 107 -16.00 -24.60 18.29
CA ASP D 107 -16.18 -25.44 19.45
C ASP D 107 -17.01 -26.67 19.10
N GLU D 108 -17.93 -26.51 18.14
CA GLU D 108 -18.95 -27.50 17.82
C GLU D 108 -18.45 -28.50 16.77
N LYS D 109 -17.28 -28.28 16.12
CA LYS D 109 -16.88 -29.08 14.96
C LYS D 109 -15.36 -29.07 14.76
N ALA D 110 -14.74 -30.25 14.55
CA ALA D 110 -13.32 -30.38 14.22
C ALA D 110 -13.08 -31.52 13.23
N TYR D 111 -11.92 -31.49 12.60
CA TYR D 111 -11.58 -32.49 11.60
C TYR D 111 -10.33 -33.23 12.06
N ILE D 112 -10.33 -34.57 11.85
CA ILE D 112 -9.27 -35.47 12.28
C ILE D 112 -8.79 -36.27 11.09
N THR D 113 -7.56 -35.93 10.64
CA THR D 113 -6.93 -36.65 9.55
C THR D 113 -6.46 -38.03 10.02
N GLN D 114 -6.19 -38.88 9.05
CA GLN D 114 -5.99 -40.32 9.21
C GLN D 114 -4.92 -40.81 8.23
N ILE D 115 -4.17 -41.84 8.67
CA ILE D 115 -3.45 -42.73 7.78
C ILE D 115 -4.23 -44.05 7.72
N TRP D 116 -4.08 -44.75 6.60
CA TRP D 116 -4.80 -46.00 6.30
C TRP D 116 -6.33 -45.80 6.24
N ASP D 117 -6.75 -44.60 5.75
CA ASP D 117 -8.13 -44.29 5.47
C ASP D 117 -8.18 -43.22 4.37
N TYR D 118 -9.28 -43.26 3.58
CA TYR D 118 -9.58 -42.30 2.53
C TYR D 118 -10.50 -41.20 3.07
N ARG D 119 -10.85 -41.27 4.36
CA ARG D 119 -11.71 -40.27 4.97
C ARG D 119 -10.91 -39.46 5.98
N ILE D 120 -11.41 -38.23 6.18
CA ILE D 120 -11.17 -37.37 7.32
C ILE D 120 -12.46 -37.44 8.14
N PHE D 121 -12.27 -37.61 9.46
CA PHE D 121 -13.39 -37.75 10.36
C PHE D 121 -13.80 -36.37 10.83
N ILE D 122 -15.09 -36.17 11.00
CA ILE D 122 -15.60 -34.92 11.56
C ILE D 122 -16.11 -35.28 12.96
N VAL D 123 -15.77 -34.48 13.98
CA VAL D 123 -16.21 -34.69 15.35
C VAL D 123 -16.83 -33.41 15.91
N ASN D 124 -17.70 -33.58 16.92
CA ASN D 124 -18.15 -32.53 17.82
C ASN D 124 -17.34 -32.64 19.12
N PRO D 125 -16.34 -31.76 19.36
CA PRO D 125 -15.53 -31.80 20.58
C PRO D 125 -16.25 -31.71 21.92
N LYS D 126 -17.44 -31.09 21.93
CA LYS D 126 -18.21 -30.95 23.16
C LYS D 126 -18.92 -32.26 23.54
N THR D 127 -19.29 -33.11 22.56
CA THR D 127 -19.92 -34.42 22.77
C THR D 127 -18.91 -35.56 22.72
N TYR D 128 -17.72 -35.34 22.15
CA TYR D 128 -16.72 -36.35 21.90
C TYR D 128 -17.15 -37.39 20.86
N GLN D 129 -18.13 -37.07 20.01
CA GLN D 129 -18.67 -38.05 19.07
C GLN D 129 -18.19 -37.69 17.66
N ILE D 130 -18.10 -38.72 16.82
CA ILE D 130 -18.01 -38.56 15.39
C ILE D 130 -19.37 -38.08 14.87
N THR D 131 -19.36 -37.01 14.07
CA THR D 131 -20.56 -36.46 13.45
C THR D 131 -20.67 -36.86 11.98
N GLY D 132 -19.56 -37.16 11.29
CA GLY D 132 -19.59 -37.27 9.84
C GLY D 132 -18.21 -37.61 9.28
N TYR D 133 -18.13 -37.77 7.94
CA TYR D 133 -16.87 -38.10 7.26
C TYR D 133 -16.76 -37.28 5.97
N ILE D 134 -15.52 -37.08 5.53
CA ILE D 134 -15.24 -36.39 4.29
C ILE D 134 -14.53 -37.40 3.40
N GLU D 135 -15.16 -37.75 2.28
CA GLU D 135 -14.54 -38.67 1.34
C GLU D 135 -13.52 -37.88 0.52
N CYS D 136 -12.27 -38.32 0.63
CA CYS D 136 -11.25 -37.90 -0.32
C CYS D 136 -11.40 -38.66 -1.66
N PRO D 137 -11.36 -37.97 -2.82
CA PRO D 137 -11.36 -38.68 -4.10
C PRO D 137 -10.01 -39.40 -4.36
N ASP D 138 -10.09 -40.47 -5.17
CA ASP D 138 -8.96 -41.23 -5.73
C ASP D 138 -8.01 -41.65 -4.61
N MET D 139 -8.62 -42.26 -3.60
CA MET D 139 -7.88 -42.65 -2.41
C MET D 139 -8.59 -43.89 -1.86
N THR D 140 -7.76 -44.85 -1.41
CA THR D 140 -8.18 -46.12 -0.81
C THR D 140 -7.98 -46.13 0.72
N MET D 141 -8.56 -47.15 1.37
CA MET D 141 -8.23 -47.55 2.75
C MET D 141 -6.79 -48.07 2.85
N GLU D 142 -6.29 -48.73 1.81
CA GLU D 142 -4.99 -49.41 1.80
C GLU D 142 -3.83 -48.40 1.80
N THR D 143 -3.84 -47.37 0.91
CA THR D 143 -2.74 -46.40 0.73
C THR D 143 -3.13 -44.98 1.19
N GLY D 144 -4.28 -44.84 1.87
CA GLY D 144 -4.77 -43.54 2.30
C GLY D 144 -3.85 -42.83 3.30
N SER D 145 -3.95 -41.47 3.26
CA SER D 145 -3.16 -40.53 4.05
C SER D 145 -3.70 -39.12 3.91
N THR D 146 -4.25 -38.57 5.03
CA THR D 146 -4.31 -37.16 5.32
C THR D 146 -3.40 -36.86 6.52
N GLU D 147 -3.05 -35.57 6.72
CA GLU D 147 -2.00 -35.12 7.66
C GLU D 147 -2.33 -33.74 8.24
N GLN D 148 -1.49 -32.72 7.96
CA GLN D 148 -1.57 -31.42 8.61
C GLN D 148 -2.58 -30.57 7.85
N MET D 149 -3.14 -29.58 8.56
CA MET D 149 -4.21 -28.72 8.08
C MET D 149 -3.90 -27.25 8.43
N VAL D 150 -4.39 -26.36 7.53
CA VAL D 150 -4.44 -24.92 7.72
C VAL D 150 -5.79 -24.45 7.16
N GLN D 151 -6.26 -23.30 7.67
CA GLN D 151 -7.50 -22.72 7.23
C GLN D 151 -7.17 -21.46 6.44
N TYR D 152 -7.85 -21.27 5.31
CA TYR D 152 -7.91 -19.99 4.61
C TYR D 152 -9.39 -19.68 4.40
N GLY D 153 -9.91 -18.62 5.03
CA GLY D 153 -11.29 -18.24 4.81
C GLY D 153 -12.19 -19.39 5.25
N LYS D 154 -13.00 -19.92 4.31
CA LYS D 154 -13.97 -20.97 4.59
C LYS D 154 -13.41 -22.39 4.34
N TYR D 155 -12.12 -22.47 3.94
CA TYR D 155 -11.51 -23.66 3.36
C TYR D 155 -10.45 -24.19 4.30
N VAL D 156 -10.42 -25.53 4.46
CA VAL D 156 -9.29 -26.20 5.05
C VAL D 156 -8.48 -26.78 3.92
N TYR D 157 -7.17 -26.49 3.93
CA TYR D 157 -6.23 -27.16 3.07
C TYR D 157 -5.54 -28.24 3.91
N VAL D 158 -5.20 -29.39 3.26
CA VAL D 158 -4.58 -30.56 3.92
C VAL D 158 -3.63 -31.26 2.96
N ASN D 159 -2.43 -31.62 3.47
CA ASN D 159 -1.45 -32.38 2.72
C ASN D 159 -1.73 -33.88 2.91
N CYS D 160 -1.54 -34.62 1.81
CA CYS D 160 -1.70 -36.05 1.77
C CYS D 160 -0.31 -36.67 1.69
N TRP D 161 0.10 -37.51 2.68
CA TRP D 161 1.48 -37.93 2.84
C TRP D 161 1.80 -39.35 2.34
N SER D 162 1.52 -40.42 3.16
CA SER D 162 1.87 -41.84 2.88
C SER D 162 1.26 -42.25 1.55
N TYR D 163 2.12 -42.39 0.52
CA TYR D 163 1.74 -42.87 -0.80
C TYR D 163 0.67 -41.96 -1.45
N GLN D 164 0.82 -40.65 -1.25
CA GLN D 164 -0.01 -39.66 -1.92
C GLN D 164 0.90 -38.53 -2.41
N ASN D 165 0.35 -37.66 -3.27
CA ASN D 165 1.16 -36.63 -3.94
C ASN D 165 0.35 -35.34 -4.09
N ARG D 166 -0.58 -35.03 -3.16
CA ARG D 166 -1.57 -33.98 -3.34
C ARG D 166 -1.76 -33.14 -2.08
N ILE D 167 -2.16 -31.86 -2.31
CA ILE D 167 -2.84 -31.03 -1.33
C ILE D 167 -4.30 -30.95 -1.76
N LEU D 168 -5.23 -31.07 -0.80
CA LEU D 168 -6.67 -31.00 -1.08
C LEU D 168 -7.19 -29.69 -0.49
N LYS D 169 -8.36 -29.27 -0.99
CA LYS D 169 -9.03 -28.07 -0.54
C LYS D 169 -10.48 -28.45 -0.20
N ILE D 170 -10.88 -28.17 1.07
CA ILE D 170 -12.17 -28.56 1.60
C ILE D 170 -12.99 -27.30 1.87
N ASP D 171 -14.23 -27.21 1.40
CA ASP D 171 -15.17 -26.18 1.80
C ASP D 171 -15.82 -26.62 3.11
N THR D 172 -15.54 -25.92 4.22
CA THR D 172 -16.15 -26.21 5.52
C THR D 172 -17.64 -25.89 5.54
N THR D 173 -18.12 -25.02 4.63
CA THR D 173 -19.54 -24.75 4.46
C THR D 173 -20.31 -26.03 4.17
N THR D 174 -19.73 -26.93 3.36
CA THR D 174 -20.36 -28.15 2.90
C THR D 174 -19.73 -29.41 3.51
N ASP D 175 -18.51 -29.32 4.03
CA ASP D 175 -17.70 -30.47 4.46
C ASP D 175 -17.38 -31.43 3.29
N LYS D 176 -17.13 -30.91 2.08
CA LYS D 176 -16.72 -31.69 0.91
C LYS D 176 -15.39 -31.17 0.37
N VAL D 177 -14.55 -32.06 -0.18
CA VAL D 177 -13.37 -31.65 -0.95
C VAL D 177 -13.88 -30.95 -2.20
N VAL D 178 -13.33 -29.76 -2.54
CA VAL D 178 -13.79 -28.99 -3.72
C VAL D 178 -12.67 -28.80 -4.76
N ASP D 179 -11.41 -29.13 -4.47
CA ASP D 179 -10.31 -28.84 -5.38
C ASP D 179 -9.07 -29.58 -4.88
N GLN D 180 -8.06 -29.73 -5.74
CA GLN D 180 -6.84 -30.41 -5.39
C GLN D 180 -5.71 -29.86 -6.23
N LEU D 181 -4.49 -30.16 -5.81
CA LEU D 181 -3.27 -29.68 -6.40
C LEU D 181 -2.22 -30.79 -6.26
N THR D 182 -1.66 -31.20 -7.41
CA THR D 182 -0.59 -32.19 -7.45
C THR D 182 0.75 -31.48 -7.23
N VAL D 183 1.58 -32.16 -6.45
CA VAL D 183 2.85 -31.74 -5.92
C VAL D 183 3.75 -33.02 -6.00
N GLY D 184 5.07 -32.91 -5.74
CA GLY D 184 5.92 -34.09 -5.64
C GLY D 184 5.49 -35.01 -4.50
N ILE D 185 6.13 -36.17 -4.39
CA ILE D 185 5.49 -37.27 -3.66
C ILE D 185 5.67 -37.08 -2.15
N GLN D 186 4.62 -37.44 -1.40
CA GLN D 186 4.63 -37.52 0.06
C GLN D 186 4.99 -36.13 0.60
N PRO D 187 4.14 -35.10 0.39
CA PRO D 187 4.24 -33.87 1.15
C PRO D 187 3.99 -34.21 2.61
N THR D 188 4.91 -33.78 3.49
CA THR D 188 4.95 -34.18 4.90
C THR D 188 4.17 -33.24 5.84
N SER D 189 3.95 -31.96 5.48
CA SER D 189 3.58 -30.93 6.47
C SER D 189 3.13 -29.64 5.80
N LEU D 190 2.44 -28.76 6.54
CA LEU D 190 1.71 -27.64 5.96
C LEU D 190 1.48 -26.51 6.97
N VAL D 191 1.86 -25.27 6.59
CA VAL D 191 1.82 -24.05 7.39
C VAL D 191 1.36 -22.90 6.49
N MET D 192 0.78 -21.86 7.09
CA MET D 192 0.40 -20.62 6.41
C MET D 192 1.20 -19.42 6.95
N ASP D 193 1.91 -18.66 6.08
CA ASP D 193 2.72 -17.54 6.52
C ASP D 193 1.90 -16.24 6.63
N LYS D 194 2.61 -15.14 7.00
CA LYS D 194 2.02 -13.82 7.19
C LYS D 194 1.52 -13.24 5.84
N ASN D 195 2.06 -13.74 4.70
CA ASN D 195 1.64 -13.31 3.37
C ASN D 195 0.52 -14.16 2.80
N PHE D 196 -0.04 -15.12 3.56
CA PHE D 196 -1.10 -16.00 3.08
C PHE D 196 -0.58 -16.90 1.96
N LYS D 197 0.62 -17.46 2.24
CA LYS D 197 1.25 -18.43 1.36
C LYS D 197 1.46 -19.70 2.19
N MET D 198 1.07 -20.85 1.61
CA MET D 198 1.27 -22.15 2.21
C MET D 198 2.71 -22.56 1.95
N TRP D 199 3.26 -23.36 2.86
CA TRP D 199 4.50 -24.07 2.60
C TRP D 199 4.32 -25.55 2.93
N THR D 200 4.85 -26.41 2.05
CA THR D 200 4.86 -27.84 2.30
C THR D 200 6.17 -28.36 1.75
N ILE D 201 6.71 -29.35 2.42
CA ILE D 201 7.99 -29.95 2.08
C ILE D 201 7.81 -31.47 2.03
N THR D 202 8.24 -32.10 0.91
CA THR D 202 8.07 -33.53 0.64
C THR D 202 9.25 -34.32 1.24
N ASP D 203 9.07 -35.64 1.41
CA ASP D 203 10.19 -36.52 1.73
C ASP D 203 10.70 -37.32 0.53
N GLY D 204 9.99 -37.28 -0.62
CA GLY D 204 10.52 -37.88 -1.83
C GLY D 204 10.58 -39.41 -1.77
N GLY D 205 9.80 -40.03 -0.85
CA GLY D 205 9.71 -41.48 -0.75
C GLY D 205 10.96 -42.05 -0.11
N TYR D 206 11.26 -43.34 -0.31
CA TYR D 206 12.26 -43.96 0.54
C TYR D 206 13.36 -44.63 -0.25
N LYS D 207 13.08 -45.58 -1.12
CA LYS D 207 14.13 -46.45 -1.65
C LYS D 207 13.53 -47.85 -1.60
N GLY D 208 13.43 -48.52 -2.77
CA GLY D 208 12.63 -49.73 -2.92
C GLY D 208 11.13 -49.51 -2.61
N SER D 209 10.65 -48.25 -2.71
CA SER D 209 9.28 -47.89 -2.39
C SER D 209 8.39 -48.42 -3.52
N PRO D 210 7.21 -49.03 -3.26
CA PRO D 210 6.23 -49.23 -4.32
C PRO D 210 5.59 -47.93 -4.82
N TYR D 211 5.63 -46.81 -4.05
CA TYR D 211 5.12 -45.54 -4.57
C TYR D 211 6.16 -44.78 -5.41
N GLY D 212 7.36 -44.57 -4.88
CA GLY D 212 8.32 -43.67 -5.51
C GLY D 212 9.56 -43.36 -4.67
N TYR D 213 10.59 -42.86 -5.37
CA TYR D 213 11.81 -42.34 -4.76
C TYR D 213 12.40 -41.31 -5.74
N GLU D 214 12.16 -40.01 -5.45
CA GLU D 214 12.54 -38.86 -6.29
C GLU D 214 13.23 -37.82 -5.40
N GLU D 215 13.56 -36.69 -6.04
CA GLU D 215 14.17 -35.54 -5.38
C GLU D 215 13.06 -34.80 -4.62
N PRO D 216 13.19 -34.56 -3.29
CA PRO D 216 12.17 -33.82 -2.53
C PRO D 216 12.26 -32.31 -2.75
N SER D 217 11.27 -31.56 -2.23
CA SER D 217 11.06 -30.18 -2.65
C SER D 217 10.24 -29.41 -1.60
N LEU D 218 10.63 -28.15 -1.37
CA LEU D 218 9.83 -27.15 -0.65
C LEU D 218 9.00 -26.34 -1.65
N TYR D 219 7.70 -26.13 -1.36
CA TYR D 219 6.79 -25.42 -2.26
C TYR D 219 6.16 -24.25 -1.53
N ARG D 220 6.30 -23.03 -2.09
CA ARG D 220 5.46 -21.90 -1.74
C ARG D 220 4.22 -21.92 -2.64
N ILE D 221 3.02 -21.78 -2.05
CA ILE D 221 1.73 -21.93 -2.73
C ILE D 221 0.81 -20.79 -2.34
N ASP D 222 0.20 -20.06 -3.29
CA ASP D 222 -0.72 -18.99 -2.90
C ASP D 222 -2.02 -19.61 -2.33
N ALA D 223 -2.48 -19.07 -1.19
CA ALA D 223 -3.68 -19.59 -0.54
C ALA D 223 -4.95 -19.16 -1.28
N GLU D 224 -4.95 -17.90 -1.74
CA GLU D 224 -6.09 -17.32 -2.42
C GLU D 224 -6.44 -18.11 -3.70
N THR D 225 -5.44 -18.30 -4.56
CA THR D 225 -5.64 -18.84 -5.91
C THR D 225 -5.30 -20.33 -6.00
N PHE D 226 -4.68 -20.91 -4.95
CA PHE D 226 -4.30 -22.32 -4.88
C PHE D 226 -3.38 -22.68 -6.07
N LYS D 227 -2.37 -21.82 -6.35
CA LYS D 227 -1.38 -22.08 -7.38
C LYS D 227 0.01 -22.10 -6.74
N ILE D 228 0.90 -22.91 -7.32
CA ILE D 228 2.29 -23.04 -6.87
C ILE D 228 3.07 -21.81 -7.34
N GLU D 229 3.86 -21.18 -6.46
CA GLU D 229 4.63 -20.00 -6.82
C GLU D 229 6.14 -20.31 -6.92
N LYS D 230 6.71 -21.12 -6.00
CA LYS D 230 8.10 -21.57 -6.14
C LYS D 230 8.23 -23.03 -5.72
N GLN D 231 9.35 -23.63 -6.12
CA GLN D 231 9.77 -24.96 -5.72
C GLN D 231 11.27 -24.96 -5.49
N PHE D 232 11.76 -25.48 -4.35
CA PHE D 232 13.19 -25.56 -4.08
C PHE D 232 13.55 -27.04 -3.97
N LYS D 233 14.23 -27.58 -5.00
CA LYS D 233 14.53 -29.01 -5.09
C LYS D 233 15.84 -29.29 -4.36
N PHE D 234 15.93 -30.46 -3.70
CA PHE D 234 17.05 -30.86 -2.84
C PHE D 234 17.68 -32.11 -3.48
N GLN D 235 18.65 -32.74 -2.81
CA GLN D 235 19.29 -33.95 -3.33
C GLN D 235 18.37 -35.18 -3.19
N LEU D 236 18.46 -36.13 -4.15
CA LEU D 236 17.89 -37.47 -4.02
C LEU D 236 18.48 -38.13 -2.77
N GLY D 237 17.61 -38.75 -1.93
CA GLY D 237 18.04 -39.40 -0.71
C GLY D 237 17.92 -38.49 0.52
N ASP D 238 17.80 -37.17 0.31
CA ASP D 238 17.23 -36.32 1.34
C ASP D 238 15.84 -36.87 1.68
N ALA D 239 15.41 -36.63 2.93
CA ALA D 239 14.06 -36.96 3.38
C ALA D 239 13.58 -35.83 4.30
N PRO D 240 13.31 -34.61 3.77
CA PRO D 240 12.85 -33.50 4.63
C PRO D 240 11.51 -33.72 5.34
N SER D 241 11.23 -32.88 6.35
CA SER D 241 10.09 -33.06 7.24
C SER D 241 9.85 -31.84 8.15
N GLU D 242 8.67 -31.88 8.82
CA GLU D 242 8.13 -31.08 9.93
C GLU D 242 8.55 -29.58 9.70
N VAL D 243 7.90 -28.92 8.70
CA VAL D 243 7.88 -27.46 8.50
C VAL D 243 7.25 -26.77 9.73
N GLN D 244 7.83 -25.62 10.14
CA GLN D 244 7.32 -24.79 11.23
C GLN D 244 7.61 -23.31 10.97
N LEU D 245 6.70 -22.45 11.50
CA LEU D 245 6.88 -21.00 11.46
C LEU D 245 7.18 -20.45 12.85
N ASN D 246 7.82 -19.27 12.90
CA ASN D 246 7.90 -18.43 14.09
C ASN D 246 6.54 -17.73 14.27
N GLY D 247 6.37 -17.03 15.41
CA GLY D 247 5.07 -16.47 15.75
C GLY D 247 4.64 -15.33 14.83
N ALA D 248 5.60 -14.53 14.31
CA ALA D 248 5.34 -13.53 13.28
C ALA D 248 4.95 -14.15 11.92
N GLY D 249 5.33 -15.42 11.68
CA GLY D 249 5.04 -16.15 10.46
C GLY D 249 5.87 -15.64 9.27
N ASP D 250 7.12 -15.24 9.54
CA ASP D 250 8.02 -14.67 8.57
C ASP D 250 9.35 -15.41 8.55
N GLU D 251 9.55 -16.42 9.43
CA GLU D 251 10.73 -17.27 9.38
C GLU D 251 10.22 -18.72 9.33
N LEU D 252 10.58 -19.43 8.25
CA LEU D 252 10.21 -20.80 8.02
C LEU D 252 11.41 -21.68 8.34
N TYR D 253 11.14 -22.82 8.99
CA TYR D 253 12.14 -23.76 9.42
C TYR D 253 11.72 -25.16 9.01
N TRP D 254 12.71 -26.04 8.77
CA TRP D 254 12.43 -27.44 8.41
C TRP D 254 13.65 -28.32 8.74
N ILE D 255 13.45 -29.64 8.65
CA ILE D 255 14.45 -30.64 8.95
C ILE D 255 14.87 -31.26 7.62
N ASN D 256 16.21 -31.35 7.40
CA ASN D 256 16.80 -32.12 6.33
C ASN D 256 18.24 -32.45 6.77
N LYS D 257 18.39 -33.39 7.73
CA LYS D 257 19.63 -33.77 8.41
C LYS D 257 20.08 -32.68 9.40
N ASP D 258 20.25 -31.43 8.90
CA ASP D 258 20.34 -30.20 9.68
C ASP D 258 18.95 -29.59 9.84
N ILE D 259 18.82 -28.61 10.75
CA ILE D 259 17.66 -27.73 10.75
C ILE D 259 18.01 -26.52 9.90
N TRP D 260 17.06 -26.14 9.02
CA TRP D 260 17.21 -25.08 8.06
C TRP D 260 16.18 -24.00 8.40
N ARG D 261 16.52 -22.74 8.05
CA ARG D 261 15.71 -21.55 8.31
C ARG D 261 15.76 -20.68 7.06
N MET D 262 14.61 -20.07 6.72
CA MET D 262 14.51 -19.18 5.57
C MET D 262 13.43 -18.15 5.84
N SER D 263 13.74 -16.87 5.54
CA SER D 263 12.74 -15.82 5.56
C SER D 263 11.70 -16.08 4.46
N VAL D 264 10.40 -15.87 4.72
CA VAL D 264 9.35 -16.13 3.70
C VAL D 264 9.45 -15.13 2.54
N ASP D 265 10.04 -13.96 2.83
CA ASP D 265 10.41 -12.94 1.85
C ASP D 265 11.49 -13.46 0.90
N GLU D 266 12.65 -13.93 1.41
CA GLU D 266 13.79 -14.44 0.63
C GLU D 266 13.41 -15.40 -0.49
N GLU D 267 14.13 -15.29 -1.63
CA GLU D 267 13.81 -15.96 -2.90
C GLU D 267 14.59 -17.29 -3.08
N ARG D 268 15.47 -17.67 -2.12
CA ARG D 268 16.32 -18.86 -2.22
C ARG D 268 16.72 -19.38 -0.84
N VAL D 269 16.98 -20.70 -0.80
CA VAL D 269 17.44 -21.45 0.38
C VAL D 269 18.87 -21.01 0.69
N PRO D 270 19.16 -20.40 1.89
CA PRO D 270 20.55 -20.09 2.28
C PRO D 270 21.52 -21.30 2.20
N VAL D 271 22.80 -20.99 1.90
CA VAL D 271 23.89 -21.97 1.95
C VAL D 271 24.01 -22.58 3.36
N ARG D 272 23.88 -21.73 4.40
CA ARG D 272 24.16 -22.07 5.79
C ARG D 272 22.88 -22.55 6.47
N PRO D 273 22.85 -23.68 7.25
CA PRO D 273 21.66 -24.05 8.03
C PRO D 273 21.41 -23.07 9.19
N PHE D 274 20.36 -23.30 9.97
CA PHE D 274 20.21 -22.78 11.32
C PHE D 274 21.03 -23.59 12.31
N LEU D 275 21.04 -24.94 12.22
CA LEU D 275 21.78 -25.76 13.17
C LEU D 275 22.31 -26.99 12.45
N LYS D 276 23.62 -27.24 12.61
CA LYS D 276 24.29 -28.26 11.81
C LYS D 276 24.00 -29.65 12.39
N TYR D 277 23.97 -30.63 11.46
CA TYR D 277 23.95 -32.07 11.68
C TYR D 277 24.96 -32.47 12.77
N ARG D 278 24.62 -33.54 13.52
CA ARG D 278 25.34 -34.01 14.70
C ARG D 278 25.52 -35.54 14.70
N ASP D 279 25.43 -36.24 13.53
CA ASP D 279 25.43 -37.71 13.40
C ASP D 279 24.31 -38.36 14.20
N THR D 280 23.15 -37.69 14.19
CA THR D 280 21.97 -38.02 14.94
C THR D 280 20.77 -37.84 14.03
N LYS D 281 19.54 -38.02 14.58
CA LYS D 281 18.30 -37.93 13.82
C LYS D 281 17.38 -36.90 14.48
N TYR D 282 17.58 -35.64 14.11
CA TYR D 282 16.63 -34.55 14.31
C TYR D 282 15.33 -34.95 13.61
N TYR D 283 14.19 -34.77 14.27
CA TYR D 283 12.95 -35.51 13.96
C TYR D 283 11.68 -34.64 14.19
N GLY D 284 11.71 -33.76 15.20
CA GLY D 284 10.67 -32.77 15.42
C GLY D 284 11.24 -31.38 15.66
N LEU D 285 10.31 -30.40 15.59
CA LEU D 285 10.71 -29.00 15.54
C LEU D 285 9.57 -28.11 15.98
N THR D 286 9.90 -27.10 16.80
CA THR D 286 8.95 -26.03 17.11
C THR D 286 9.72 -24.74 17.34
N VAL D 287 8.95 -23.64 17.27
CA VAL D 287 9.45 -22.30 17.53
C VAL D 287 8.55 -21.70 18.61
N SER D 288 9.16 -21.05 19.64
CA SER D 288 8.37 -20.37 20.68
C SER D 288 7.69 -19.14 20.08
N PRO D 289 6.34 -19.01 20.19
CA PRO D 289 5.64 -17.80 19.77
C PRO D 289 5.84 -16.55 20.63
N LYS D 290 6.41 -16.67 21.87
CA LYS D 290 6.77 -15.52 22.68
C LYS D 290 8.22 -15.12 22.34
N ASN D 291 9.20 -16.00 22.64
CA ASN D 291 10.65 -15.80 22.54
C ASN D 291 11.23 -15.73 21.13
N GLY D 292 10.57 -16.34 20.13
CA GLY D 292 11.24 -16.79 18.90
C GLY D 292 12.31 -17.90 19.05
N ASP D 293 12.37 -18.60 20.21
CA ASP D 293 13.33 -19.65 20.52
C ASP D 293 13.03 -20.91 19.71
N VAL D 294 14.08 -21.69 19.37
CA VAL D 294 13.90 -22.88 18.53
C VAL D 294 14.19 -24.17 19.31
N TYR D 295 13.20 -25.08 19.39
CA TYR D 295 13.37 -26.39 20.02
C TYR D 295 13.50 -27.44 18.92
N VAL D 296 14.54 -28.28 19.04
CA VAL D 296 14.88 -29.33 18.08
C VAL D 296 14.77 -30.67 18.80
N ALA D 297 13.93 -31.57 18.31
CA ALA D 297 13.80 -32.89 18.93
C ALA D 297 14.73 -33.84 18.18
N ASP D 298 15.75 -34.37 18.90
CA ASP D 298 16.67 -35.39 18.42
C ASP D 298 16.12 -36.75 18.91
N ALA D 299 15.82 -37.65 17.99
CA ALA D 299 15.40 -39.02 18.28
C ALA D 299 16.62 -39.90 18.54
N ILE D 300 17.78 -39.44 18.09
CA ILE D 300 19.13 -39.96 18.33
C ILE D 300 19.35 -41.16 17.40
N ASP D 301 18.97 -42.37 17.84
CA ASP D 301 19.09 -43.60 17.07
C ASP D 301 17.74 -44.32 16.97
N TYR D 302 16.64 -43.61 17.23
CA TYR D 302 15.29 -44.15 17.38
C TYR D 302 15.11 -45.23 18.46
N GLN D 303 16.06 -45.38 19.38
CA GLN D 303 16.04 -46.47 20.36
C GLN D 303 16.10 -45.85 21.75
N GLN D 304 17.18 -45.09 21.99
CA GLN D 304 17.46 -44.58 23.31
C GLN D 304 16.66 -43.30 23.52
N GLN D 305 16.67 -42.88 24.79
CA GLN D 305 15.98 -41.70 25.25
C GLN D 305 16.36 -40.52 24.33
N GLY D 306 15.36 -39.81 23.78
CA GLY D 306 15.58 -38.64 22.96
C GLY D 306 15.92 -37.38 23.77
N MET D 307 16.32 -36.32 23.06
CA MET D 307 16.76 -35.06 23.64
C MET D 307 16.06 -33.93 22.90
N ILE D 308 15.74 -32.88 23.63
CA ILE D 308 15.44 -31.59 23.02
C ILE D 308 16.63 -30.67 23.22
N TYR D 309 16.82 -29.78 22.24
CA TYR D 309 17.84 -28.76 22.27
C TYR D 309 17.12 -27.44 22.03
N ARG D 310 17.32 -26.49 22.93
CA ARG D 310 16.67 -25.20 22.88
C ARG D 310 17.73 -24.16 22.49
N TYR D 311 17.41 -23.32 21.50
CA TYR D 311 18.33 -22.33 20.96
C TYR D 311 17.62 -20.97 20.96
N THR D 312 18.42 -19.87 21.04
CA THR D 312 17.87 -18.53 20.86
C THR D 312 17.45 -18.41 19.39
N GLU D 313 16.60 -17.41 19.07
CA GLU D 313 16.31 -17.04 17.68
C GLU D 313 17.58 -16.93 16.81
N ASP D 314 18.68 -16.44 17.41
CA ASP D 314 19.93 -16.14 16.72
C ASP D 314 20.89 -17.31 16.77
N GLY D 315 20.70 -18.33 17.64
CA GLY D 315 21.37 -19.62 17.50
C GLY D 315 22.40 -20.02 18.58
N GLU D 316 22.24 -19.51 19.81
CA GLU D 316 22.98 -19.94 21.00
C GLU D 316 22.12 -20.89 21.84
N LEU D 317 22.77 -21.90 22.45
CA LEU D 317 22.14 -22.94 23.24
C LEU D 317 21.69 -22.36 24.57
N VAL D 318 20.39 -22.52 24.90
CA VAL D 318 19.81 -22.07 26.15
C VAL D 318 19.72 -23.23 27.13
N ASP D 319 19.30 -24.42 26.66
CA ASP D 319 19.06 -25.58 27.50
C ASP D 319 19.05 -26.82 26.62
N GLU D 320 19.29 -28.01 27.21
CA GLU D 320 19.07 -29.28 26.52
C GLU D 320 18.61 -30.29 27.56
N PHE D 321 17.62 -31.13 27.24
CA PHE D 321 16.95 -31.94 28.26
C PHE D 321 16.50 -33.27 27.67
N TYR D 322 16.48 -34.30 28.53
CA TYR D 322 16.06 -35.62 28.10
C TYR D 322 14.53 -35.71 28.20
N VAL D 323 13.87 -36.35 27.20
CA VAL D 323 12.43 -36.56 27.17
C VAL D 323 12.10 -38.07 27.01
N GLY D 324 11.14 -38.46 26.16
CA GLY D 324 10.82 -39.87 25.95
C GLY D 324 11.56 -40.44 24.75
N ILE D 325 10.98 -41.47 24.13
CA ILE D 325 11.56 -42.19 23.01
C ILE D 325 10.97 -41.63 21.72
N ILE D 326 11.84 -41.28 20.73
CA ILE D 326 11.47 -40.65 19.47
C ILE D 326 10.49 -39.46 19.69
N PRO D 327 10.90 -38.36 20.35
CA PRO D 327 10.10 -37.10 20.31
C PRO D 327 9.89 -36.57 18.90
N GLY D 328 8.63 -36.25 18.51
CA GLY D 328 8.30 -36.00 17.11
C GLY D 328 7.49 -34.76 16.72
N ALA D 329 7.03 -34.01 17.77
CA ALA D 329 6.05 -32.95 17.72
C ALA D 329 5.93 -32.26 19.09
N PHE D 330 5.42 -31.00 19.06
CA PHE D 330 5.37 -30.12 20.25
C PHE D 330 4.02 -29.39 20.24
N CYS D 331 3.53 -28.96 21.43
CA CYS D 331 2.42 -28.01 21.47
C CYS D 331 2.58 -27.08 22.67
N TRP D 332 2.36 -25.79 22.38
CA TRP D 332 2.48 -24.71 23.35
C TRP D 332 1.18 -24.64 24.16
N LYS D 333 1.30 -24.40 25.48
CA LYS D 333 0.21 -24.10 26.41
C LYS D 333 -0.16 -22.62 26.34
CO CNC E . 26.00 22.09 11.45
N21 CNC E . 24.21 22.02 11.18
N22 CNC E . 26.05 20.24 11.81
N23 CNC E . 27.85 22.30 11.55
N24 CNC E . 25.79 23.87 10.91
C1 CNC E . 23.53 23.30 11.15
C20 CNC E . 23.37 23.87 12.57
C2 CNC E . 22.27 22.91 10.25
C25 CNC E . 21.09 23.82 10.55
C26 CNC E . 22.54 22.86 8.72
C27 CNC E . 21.32 22.52 7.87
O28 CNC E . 21.01 21.37 7.46
N29 CNC E . 20.61 23.59 7.56
C3 CNC E . 22.04 21.45 10.63
C30 CNC E . 21.19 21.16 11.88
C31 CNC E . 19.68 21.02 11.67
C32 CNC E . 19.06 19.98 12.55
O34 CNC E . 19.78 19.25 13.21
N33 CNC E . 17.73 19.92 12.53
C4 CNC E . 23.45 21.00 10.95
C5 CNC E . 23.90 19.59 11.01
C35 CNC E . 22.90 18.54 10.54
C6 CNC E . 25.15 19.29 11.49
C7 CNC E . 25.77 17.92 11.73
C36 CNC E . 24.78 16.85 12.28
C37 CNC E . 26.34 17.50 10.39
C38 CNC E . 27.16 16.24 10.32
O39 CNC E . 28.33 16.34 10.17
N40 CNC E . 26.68 15.00 10.36
C8 CNC E . 26.81 18.23 12.78
C41 CNC E . 26.48 18.17 14.31
C42 CNC E . 27.67 18.15 15.27
C43 CNC E . 27.41 18.78 16.63
O44 CNC E . 28.32 19.30 17.25
N45 CNC E . 26.20 18.75 17.16
C9 CNC E . 27.03 19.64 12.35
C10 CNC E . 28.39 20.15 12.43
C11 CNC E . 28.73 21.31 11.88
C12 CNC E . 30.16 21.59 11.46
C46 CNC E . 31.23 20.94 12.36
C47 CNC E . 30.31 21.04 10.03
C13 CNC E . 30.04 23.11 11.52
C48 CNC E . 30.48 23.71 12.85
C49 CNC E . 31.98 24.04 12.95
C50 CNC E . 31.89 25.34 13.70
O51 CNC E . 31.99 26.34 13.03
N52 CNC E . 31.59 25.29 15.02
C14 CNC E . 28.53 23.39 11.34
C15 CNC E . 27.96 24.74 11.02
C53 CNC E . 28.90 25.93 11.02
C16 CNC E . 26.67 24.88 10.74
C17 CNC E . 25.97 26.13 10.16
C54 CNC E . 26.33 26.14 8.69
C55 CNC E . 26.16 27.53 10.84
C56 CNC E . 26.16 27.47 12.41
C57 CNC E . 26.99 28.53 13.02
O58 CNC E . 28.19 28.27 13.00
N59 CNC E . 26.34 29.65 13.38
C18 CNC E . 24.54 25.74 10.47
C60 CNC E . 23.42 26.37 9.61
C61 CNC E . 22.39 27.17 10.43
O63 CNC E . 22.46 27.50 11.62
N62 CNC E . 21.31 27.58 9.71
C19 CNC E . 24.62 24.26 10.73
C1P CNC E . 27.09 30.88 13.65
C2P CNC E . 26.81 31.37 15.06
C3P CNC E . 25.50 32.12 15.11
O3 CNC E . 26.72 30.27 15.96
O4 CNC E . 26.27 29.12 18.23
O5 CNC E . 24.32 30.22 17.26
P CNC E . 25.61 29.49 16.91
O2 CNC E . 25.59 28.02 16.28
C3R CNC E . 26.36 26.93 16.85
C2R CNC E . 25.69 25.66 16.44
O7R CNC E . 24.98 25.80 15.17
C1R CNC E . 26.86 24.67 16.45
O6R CNC E . 28.04 25.38 16.09
C4R CNC E . 27.83 26.77 16.41
C5R CNC E . 28.85 27.16 17.48
O8R CNC E . 28.81 28.58 17.72
N1B CNC E . 26.43 23.62 15.51
C8B CNC E . 25.53 22.72 15.80
C2B CNC E . 26.76 23.53 14.23
N3B CNC E . 26.12 22.51 13.63
C9B CNC E . 25.38 21.97 14.58
C4B CNC E . 24.52 20.91 14.62
C5B CNC E . 23.82 20.59 15.73
C5M CNC E . 22.93 19.43 15.50
C6B CNC E . 23.94 21.33 17.01
C6M CNC E . 23.15 20.97 18.26
C7B CNC E . 24.81 22.40 16.98
N1A CNC E . 27.04 20.78 9.05
C1A CNC E . 26.52 21.37 9.90
H201 CNC E . 24.22 24.13 13.01
H202 CNC E . 22.80 24.68 12.57
H203 CNC E . 22.94 23.19 13.17
H251 CNC E . 21.18 24.69 10.09
H252 CNC E . 20.26 23.38 10.23
H253 CNC E . 20.95 23.97 11.51
H261 CNC E . 23.23 22.19 8.52
H262 CNC E . 22.93 23.72 8.40
H291 CNC E . 19.87 23.49 7.06
H292 CNC E . 20.82 24.42 7.84
H3 CNC E . 21.65 20.92 9.89
H301 CNC E . 21.31 21.86 12.56
H302 CNC E . 21.56 20.34 12.30
H311 CNC E . 19.49 20.80 10.72
H312 CNC E . 19.25 21.90 11.85
H331 CNC E . 17.30 19.32 13.04
H332 CNC E . 17.25 20.49 12.03
H351 CNC E . 22.43 18.16 11.32
H352 CNC E . 22.24 18.91 9.90
H353 CNC E . 23.37 17.82 10.04
H361 CNC E . 24.31 16.40 11.53
H362 CNC E . 25.28 16.15 12.76
H363 CNC E . 24.13 17.28 12.88
H371 CNC E . 26.87 18.23 10.00
H372 CNC E . 25.58 17.37 9.76
H401 CNC E . 27.22 14.27 10.30
H402 CNC E . 25.80 14.88 10.47
H8 CNC E . 27.62 17.69 12.63
H411 CNC E . 25.95 17.38 14.54
H412 CNC E . 25.91 18.95 14.53
H421 CNC E . 28.45 18.58 14.86
H422 CNC E . 27.90 17.20 15.43
H451 CNC E . 26.06 19.13 17.96
H452 CNC E . 25.49 18.37 16.75
H10 CNC E . 29.03 19.52 12.78
H461 CNC E . 31.24 19.97 12.13
H462 CNC E . 32.12 21.32 12.18
H463 CNC E . 31.01 21.02 13.32
H471 CNC E . 29.70 21.53 9.41
H472 CNC E . 31.25 21.18 9.73
H473 CNC E . 30.10 20.07 10.01
H13 CNC E . 30.55 23.50 10.77
H481 CNC E . 30.25 23.13 13.61
H482 CNC E . 29.96 24.53 13.02
H491 CNC E . 32.40 24.16 12.06
H492 CNC E . 32.47 23.35 13.46
H521 CNC E . 31.51 26.05 15.49
H522 CNC E . 31.50 24.49 15.44
H531 CNC E . 28.87 26.35 11.92
H532 CNC E . 29.84 25.65 10.87
H533 CNC E . 28.72 26.59 10.32
H541 CNC E . 27.32 26.06 8.55
H542 CNC E . 25.89 25.38 8.24
H543 CNC E . 26.03 26.99 8.28
H551 CNC E . 25.43 28.12 10.56
H552 CNC E . 26.99 27.96 10.52
H561 CNC E . 26.47 26.60 12.77
H562 CNC E . 25.23 27.57 12.74
H59 CNC E . 25.45 29.72 13.37
H18 CNC E . 24.35 26.05 11.39
H601 CNC E . 22.95 25.68 9.09
H602 CNC E . 23.79 27.01 8.95
H621 CNC E . 20.65 28.05 10.10
H622 CNC E . 21.26 27.35 8.84
H1P1 CNC E . 26.80 31.58 13.00
H1P2 CNC E . 28.06 30.77 13.54
H2P CNC E . 27.54 31.98 15.34
H3P1 CNC E . 25.33 32.43 16.04
H3P2 CNC E . 25.54 32.90 14.51
H3P3 CNC E . 24.78 31.52 14.82
H3R CNC E . 26.32 26.90 17.84
H2R CNC E . 25.06 25.40 17.15
H1R CNC E . 26.95 24.29 17.37
H4R CNC E . 27.98 27.33 15.60
H5R1 CNC E . 29.75 26.90 17.19
H5R2 CNC E . 28.65 26.67 18.32
H2B CNC E . 27.41 24.11 13.79
H4B CNC E . 24.36 20.40 13.80
HM51 CNC E . 23.48 18.64 15.25
HM52 CNC E . 22.41 19.20 16.31
HM53 CNC E . 22.30 19.63 14.76
HM61 CNC E . 23.51 20.14 18.65
HM62 CNC E . 23.25 21.71 18.93
HM63 CNC E . 22.19 20.86 18.03
H7B CNC E . 24.95 22.93 17.78
CO CNC F . -8.49 6.66 -43.00
N21 CNC F . -7.33 8.09 -42.85
N22 CNC F . -7.03 5.57 -43.38
N23 CNC F . -9.81 5.37 -43.09
N24 CNC F . -9.71 7.90 -42.41
C1 CNC F . -7.91 9.44 -42.68
C20 CNC F . -8.19 10.01 -44.05
C2 CNC F . -6.86 10.29 -41.93
C25 CNC F . -6.98 11.83 -42.21
C26 CNC F . -6.83 9.96 -40.39
C27 CNC F . -5.82 10.71 -39.53
O28 CNC F . -6.14 11.64 -38.81
N29 CNC F . -4.58 10.39 -39.49
C3 CNC F . -5.59 9.55 -42.45
C30 CNC F . -4.81 10.20 -43.59
C31 CNC F . -3.55 10.90 -43.04
C32 CNC F . -2.53 11.01 -44.16
O34 CNC F . -2.85 10.39 -45.16
N33 CNC F . -1.35 11.70 -44.06
C4 CNC F . -6.07 8.11 -42.79
C5 CNC F . -5.21 6.95 -42.90
C35 CNC F . -3.66 7.18 -42.76
C6 CNC F . -5.72 5.76 -43.18
C7 CNC F . -4.92 4.42 -43.37
C36 CNC F . -3.50 4.32 -43.97
C37 CNC F . -4.79 3.73 -41.97
C38 CNC F . -4.68 2.19 -41.94
O39 CNC F . -5.74 1.63 -41.81
N40 CNC F . -3.43 1.66 -42.14
C8 CNC F . -5.94 3.69 -44.28
C41 CNC F . -5.73 3.78 -45.79
C42 CNC F . -6.79 3.13 -46.75
C43 CNC F . -7.06 3.93 -48.05
O44 CNC F . -6.06 4.13 -48.75
N45 CNC F . -8.33 4.39 -48.39
C9 CNC F . -7.17 4.37 -43.84
C10 CNC F . -8.40 3.60 -43.91
C11 CNC F . -9.58 4.07 -43.48
C12 CNC F . -10.80 3.16 -43.30
C46 CNC F . -10.95 2.16 -44.48
C47 CNC F . -10.56 2.39 -41.99
C13 CNC F . -11.91 4.21 -43.09
C48 CNC F . -12.90 4.35 -44.25
C49 CNC F . -14.09 3.40 -44.17
C50 CNC F . -15.06 4.09 -45.06
O51 CNC F . -15.78 4.87 -44.45
N52 CNC F . -14.96 3.91 -46.41
C14 CNC F . -11.07 5.51 -42.91
C15 CNC F . -11.68 6.73 -42.49
C53 CNC F . -13.21 6.73 -42.18
C16 CNC F . -10.98 7.80 -42.25
C17 CNC F . -11.56 9.10 -41.62
C54 CNC F . -11.75 8.75 -40.11
C55 CNC F . -12.86 9.74 -42.28
C56 CNC F . -13.12 9.73 -43.82
C57 CNC F . -14.63 9.86 -44.16
O58 CNC F . -15.37 8.86 -44.09
N59 CNC F . -15.07 11.11 -44.51
C18 CNC F . -10.40 10.08 -41.87
C60 CNC F . -10.28 11.36 -40.97
C61 CNC F . -10.39 12.67 -41.83
O63 CNC F . -11.25 12.90 -42.74
N62 CNC F . -9.47 13.56 -41.52
C19 CNC F . -9.30 9.12 -42.16
C1P CNC F . -16.45 11.43 -44.90
C2P CNC F . -16.74 11.37 -46.45
C3P CNC F . -18.22 11.82 -46.64
O3 CNC F . -15.68 12.04 -47.32
O4 CNC F . -15.04 10.86 -49.51
O5 CNC F . -13.18 12.26 -48.26
P CNC F . -14.47 11.41 -48.18
O2 CNC F . -13.82 10.26 -47.28
C3R CNC F . -13.05 9.24 -47.94
C2R CNC F . -11.53 9.29 -47.95
O7R CNC F . -10.98 10.13 -46.95
C1R CNC F . -11.15 7.78 -47.98
O6R CNC F . -12.10 7.26 -47.12
C4R CNC F . -13.34 7.86 -47.35
C5R CNC F . -14.04 6.91 -48.30
O8R CNC F . -15.32 7.54 -48.36
N1B CNC F . -9.90 7.53 -47.30
C8B CNC F . -8.59 7.63 -47.71
C2B CNC F . -9.91 7.16 -45.96
N3B CNC F . -8.61 7.00 -45.52
C9B CNC F . -7.78 7.33 -46.46
C4B CNC F . -6.42 7.40 -46.41
C5B CNC F . -5.64 7.66 -47.53
C5M CNC F . -4.14 7.65 -47.34
C6B CNC F . -6.35 7.94 -48.78
C6M CNC F . -5.43 8.29 -49.96
C7B CNC F . -7.81 7.96 -48.82
N1A CNC F . -8.12 5.81 -40.12
C1A CNC F . -8.24 6.16 -41.25
H201 CNC F . -8.75 9.37 -44.56
H202 CNC F . -8.69 10.85 -44.02
H203 CNC F . -7.36 10.13 -44.59
H251 CNC F . -7.94 12.05 -42.34
H252 CNC F . -6.66 12.37 -41.45
H253 CNC F . -6.51 12.14 -43.02
H261 CNC F . -6.71 8.99 -40.24
H262 CNC F . -7.72 10.17 -40.01
H291 CNC F . -4.13 10.92 -38.93
H292 CNC F . -4.19 9.72 -39.94
H3 CNC F . -4.95 9.40 -41.72
H301 CNC F . -5.33 10.83 -44.15
H302 CNC F . -4.57 9.45 -44.20
H311 CNC F . -3.15 10.41 -42.29
H312 CNC F . -3.80 11.81 -42.72
H331 CNC F . -0.79 11.72 -44.76
H332 CNC F . -1.13 12.12 -43.30
H351 CNC F . -3.23 7.08 -43.64
H352 CNC F . -3.40 8.06 -42.39
H353 CNC F . -3.28 6.50 -42.14
H361 CNC F . -2.80 4.54 -43.30
H362 CNC F . -3.34 3.39 -44.27
H363 CNC F . -3.41 4.94 -44.73
H371 CNC F . -5.58 3.97 -41.44
H372 CNC F . -4.02 4.10 -41.48
H401 CNC F . -3.31 0.77 -42.16
H402 CNC F . -2.73 2.21 -42.26
H8 CNC F . -6.00 2.72 -44.09
H411 CNC F . -4.88 3.34 -46.02
H412 CNC F . -5.62 4.74 -46.02
H421 CNC F . -7.67 2.96 -46.31
H422 CNC F . -6.44 2.25 -47.01
H451 CNC F . -8.45 4.85 -49.14
H452 CNC F . -9.02 4.22 -47.83
H10 CNC F . -8.32 2.68 -44.22
H461 CNC F . -10.25 1.46 -44.40
H462 CNC F . -11.82 1.70 -44.45
H463 CNC F . -10.83 2.62 -45.35
H471 CNC F . -10.46 3.02 -41.24
H472 CNC F . -11.33 1.80 -41.82
H473 CNC F . -9.74 1.83 -42.07
H13 CNC F . -12.40 3.98 -42.27
H481 CNC F . -12.45 4.22 -45.12
H482 CNC F . -13.21 5.29 -44.32
H491 CNC F . -14.43 3.31 -43.25
H492 CNC F . -13.89 2.49 -44.54
H521 CNC F . -15.52 4.33 -46.97
H522 CNC F . -14.36 3.33 -46.74
H531 CNC F . -13.71 7.14 -42.93
H532 CNC F . -13.58 5.83 -42.06
H533 CNC F . -13.46 7.17 -41.33
H541 CNC F . -12.63 9.10 -39.80
H542 CNC F . -11.73 7.77 -39.93
H543 CNC F . -11.04 9.16 -39.57
H551 CNC F . -12.85 10.70 -42.02
H552 CNC F . -13.67 9.39 -41.83
H561 CNC F . -12.78 8.89 -44.22
H562 CNC F . -12.61 10.47 -44.24
H59 CNC F . -14.49 11.79 -44.52
H18 CNC F . -10.60 10.43 -42.77
H601 CNC F . -9.44 11.34 -40.46
H602 CNC F . -11.02 11.40 -40.31
H621 CNC F . -9.47 14.35 -41.97
H622 CNC F . -8.87 13.44 -40.88
H1P1 CNC F . -16.66 12.35 -44.58
H1P2 CNC F . -17.08 10.82 -44.43
H2P CNC F . -16.71 10.41 -46.68
H3P1 CNC F . -18.58 11.41 -47.47
H3P2 CNC F . -18.79 11.57 -45.88
H3P3 CNC F . -18.21 12.80 -46.75
H3R CNC F . -13.29 9.19 -48.89
H2R CNC F . -11.27 9.66 -48.83
H1R CNC F . -11.20 7.38 -48.89
H4R CNC F . -13.84 7.94 -46.50
H5R1 CNC F . -14.12 6.00 -47.92
H5R2 CNC F . -13.62 6.87 -49.19
H2B CNC F . -10.68 7.01 -45.38
H4B CNC F . -5.98 7.12 -45.59
HM51 CNC F . -3.91 6.97 -46.64
HM52 CNC F . -3.64 7.41 -48.17
HM53 CNC F . -3.84 8.55 -47.03
HM61 CNC F . -4.87 7.52 -50.20
HM62 CNC F . -5.98 8.55 -50.74
HM63 CNC F . -4.85 9.06 -49.71
H7B CNC F . -8.26 8.19 -49.67
CO CNC G . -24.31 12.16 17.54
N21 CNC G . -22.56 11.70 17.98
N22 CNC G . -23.87 12.57 15.74
N23 CNC G . -26.12 12.48 17.18
N24 CNC G . -24.57 11.47 19.25
C1 CNC G . -22.18 11.51 19.39
C20 CNC G . -21.76 12.82 20.11
C2 CNC G . -21.01 10.45 19.30
C25 CNC G . -19.91 10.50 20.39
C26 CNC G . -21.59 8.99 19.18
C27 CNC G . -20.62 7.86 19.07
O28 CNC G . -19.44 8.04 18.93
N29 CNC G . -21.16 6.62 19.11
C3 CNC G . -20.39 10.84 17.93
C30 CNC G . -19.21 11.82 17.85
C31 CNC G . -17.79 11.26 17.89
C32 CNC G . -16.61 12.23 17.80
O34 CNC G . -15.42 11.81 18.02
N33 CNC G . -16.86 13.50 17.50
C4 CNC G . -21.61 11.40 17.16
C5 CNC G . -21.73 11.48 15.63
C35 CNC G . -20.62 10.90 14.76
C6 CNC G . -22.82 12.07 15.01
C7 CNC G . -23.08 12.27 13.50
C36 CNC G . -21.90 12.54 12.54
C37 CNC G . -23.83 10.99 13.13
C38 CNC G . -23.93 10.81 11.63
O39 CNC G . -23.14 10.22 10.95
N40 CNC G . -24.91 11.41 11.01
C8 CNC G . -23.83 13.62 13.66
C41 CNC G . -23.04 14.98 13.75
C42 CNC G . -23.76 16.27 13.35
C43 CNC G . -24.10 17.17 14.54
O44 CNC G . -25.02 16.83 15.25
N45 CNC G . -23.40 18.30 14.82
C9 CNC G . -24.56 13.29 14.94
C10 CNC G . -26.00 13.58 15.11
C11 CNC G . -26.72 12.99 16.08
C12 CNC G . -28.22 12.80 15.91
C46 CNC G . -28.75 11.34 15.87
C47 CNC G . -29.34 13.82 15.58
C13 CNC G . -28.27 13.05 17.48
C48 CNC G . -28.30 14.51 18.09
C49 CNC G . -28.77 14.51 19.56
C50 CNC G . -30.06 15.26 19.79
O51 CNC G . -30.06 16.35 20.36
N52 CNC G . -31.17 14.65 19.36
C14 CNC G . -27.06 12.27 17.99
C15 CNC G . -26.93 11.28 19.10
C53 CNC G . -28.10 10.34 19.25
C16 CNC G . -25.77 11.18 19.84
C17 CNC G . -25.53 10.69 21.28
C54 CNC G . -25.82 9.19 21.34
C55 CNC G . -26.32 11.45 22.40
C56 CNC G . -26.52 12.98 22.40
C57 CNC G . -26.55 13.60 23.83
O58 CNC G . -25.60 13.43 24.62
N59 CNC G . -27.65 14.29 24.19
C18 CNC G . -24.01 10.96 21.46
C60 CNC G . -23.18 9.99 22.36
C61 CNC G . -22.40 10.69 23.47
O63 CNC G . -22.64 11.79 23.98
N62 CNC G . -21.41 9.96 23.95
C19 CNC G . -23.56 11.23 20.01
C1P CNC G . -27.94 14.72 25.57
C2P CNC G . -27.46 16.13 25.93
C3P CNC G . -27.61 16.49 27.44
O3 CNC G . -26.09 16.23 25.55
O4 CNC G . -23.95 16.84 24.39
O5 CNC G . -24.87 18.80 25.64
P CNC G . -25.21 17.48 24.91
O2 CNC G . -26.23 17.52 23.71
C3R CNC G . -25.84 17.77 22.38
C2R CNC G . -24.67 17.02 21.72
O7R CNC G . -24.53 15.64 22.15
C1R CNC G . -25.15 17.08 20.32
O6R CNC G . -26.55 16.82 20.44
C4R CNC G . -27.10 17.28 21.67
C5R CNC G . -28.24 18.31 21.52
O8R CNC G . -27.86 19.66 21.80
N1B CNC G . -24.53 16.06 19.43
C8B CNC G . -23.42 16.32 18.73
C2B CNC G . -24.98 14.80 19.13
N3B CNC G . -24.18 14.15 18.23
C9B CNC G . -23.18 15.07 17.93
C4B CNC G . -22.04 15.06 17.12
C5B CNC G . -21.16 16.15 17.03
C5M CNC G . -19.99 15.90 16.10
C6B CNC G . -21.42 17.44 17.83
C6M CNC G . -20.54 18.68 17.82
C7B CNC G . -22.57 17.45 18.65
N1A CNC G . -24.80 9.36 16.96
C1A CNC G . -24.58 10.46 17.11
H201 CNC G . -22.50 13.48 20.10
H202 CNC G . -21.59 12.60 21.05
H203 CNC G . -20.96 13.22 19.69
H251 CNC G . -20.29 10.11 21.22
H252 CNC G . -19.10 9.99 20.15
H253 CNC G . -19.62 11.43 20.60
H261 CNC G . -22.19 8.94 18.39
H262 CNC G . -22.18 8.78 19.95
H291 CNC G . -20.63 5.91 19.05
H292 CNC G . -22.04 6.51 19.22
H3 CNC G . -20.08 10.02 17.46
H301 CNC G . -19.28 12.52 18.55
H302 CNC G . -19.29 12.30 16.99
H311 CNC G . -17.70 10.63 17.13
H312 CNC G . -17.65 10.72 18.71
H331 CNC G . -16.17 14.08 17.44
H332 CNC G . -17.68 13.82 17.33
H351 CNC G . -20.02 11.63 14.47
H352 CNC G . -20.07 10.25 15.27
H353 CNC G . -20.97 10.41 13.98
H361 CNC G . -21.48 11.71 12.22
H362 CNC G . -22.20 13.07 11.76
H363 CNC G . -21.19 13.04 13.01
H371 CNC G . -24.75 10.97 13.52
H372 CNC G . -23.35 10.20 13.47
H401 CNC G . -25.01 11.36 10.12
H402 CNC G . -25.50 11.87 11.50
H8 CNC G . -24.50 13.69 12.93
H411 CNC G . -22.24 14.98 13.16
H412 CNC G . -22.69 15.09 14.66
H421 CNC G . -24.61 16.04 12.88
H422 CNC G . -23.20 16.78 12.72
H451 CNC G . -23.62 18.81 15.52
H452 CNC G . -22.72 18.55 14.28
H10 CNC G . -26.42 14.05 14.38
H461 CNC G . -28.98 11.15 14.93
H462 CNC G . -28.06 10.68 16.13
H463 CNC G . -29.57 11.19 16.40
H471 CNC G . -30.10 13.84 16.21
H472 CNC G . -28.96 14.72 15.41
H473 CNC G . -29.75 13.52 14.73
H13 CNC G . -29.09 12.64 17.86
H481 CNC G . -28.90 15.14 17.62
H482 CNC G . -27.41 14.93 18.02
H491 CNC G . -28.06 14.89 20.12
H492 CNC G . -28.90 13.58 19.88
H521 CNC G . -31.97 15.04 19.48
H522 CNC G . -31.13 13.84 18.95
H531 CNC G . -28.43 10.38 20.18
H532 CNC G . -28.85 10.55 18.64
H533 CNC G . -27.80 9.43 19.05
H541 CNC G . -26.73 8.98 21.03
H542 CNC G . -25.17 8.69 20.79
H543 CNC G . -25.77 8.86 22.28
H551 CNC G . -25.90 11.18 23.25
H552 CNC G . -27.23 11.05 22.42
H561 CNC G . -27.36 13.19 21.93
H562 CNC G . -25.78 13.40 21.89
H59 CNC G . -28.31 14.43 23.60
H18 CNC G . -23.95 11.85 21.87
H601 CNC G . -22.53 9.50 21.80
H602 CNC G . -23.72 9.32 22.83
H621 CNC G . -20.90 10.28 24.62
H622 CNC G . -21.22 9.15 23.62
H1P1 CNC G . -27.57 14.07 26.22
H1P2 CNC G . -28.93 14.70 25.69
H2P CNC G . -28.02 16.77 25.43
H3P1 CNC G . -26.98 17.22 27.67
H3P2 CNC G . -28.54 16.78 27.62
H3P3 CNC G . -27.40 15.69 28.00
H3R CNC G . -25.69 18.74 22.25
H2R CNC G . -23.83 17.53 21.82
H1R CNC G . -25.01 17.99 19.97
H4R CNC G . -27.47 16.50 22.14
H5R1 CNC G . -29.00 18.06 22.11
H5R2 CNC G . -28.56 18.30 20.59
H2B CNC G . -25.78 14.41 19.51
H4B CNC G . -21.84 14.24 16.61
HM51 CNC G . -20.31 15.86 15.17
HM52 CNC G . -19.32 16.63 16.19
HM53 CNC G . -19.57 15.04 16.33
HM61 CNC G . -20.80 19.27 17.06
HM62 CNC G . -20.66 19.19 18.67
HM63 CNC G . -19.59 18.42 17.73
H7B CNC G . -22.76 18.24 19.18
CO CNC H . 8.12 -45.29 8.96
N21 CNC H . 6.60 -44.97 10.00
N22 CNC H . 7.09 -45.39 7.47
N23 CNC H . 9.72 -45.52 8.11
N24 CNC H . 9.01 -44.89 10.55
C1 CNC H . 6.79 -44.95 11.48
C20 CNC H . 6.74 -46.43 11.99
C2 CNC H . 5.63 -44.22 12.03
C25 CNC H . 5.41 -44.57 13.54
C26 CNC H . 5.83 -42.69 11.78
C27 CNC H . 4.62 -41.83 12.14
O28 CNC H . 3.62 -41.70 11.34
N29 CNC H . 4.76 -41.23 13.38
C3 CNC H . 4.56 -44.60 10.98
C30 CNC H . 3.58 -45.72 11.31
C31 CNC H . 2.20 -45.15 11.74
C32 CNC H . 1.07 -46.16 11.55
O34 CNC H . 1.29 -46.99 10.70
N33 CNC H . -0.10 -46.15 12.25
C4 CNC H . 5.40 -44.83 9.70
C5 CNC H . 4.92 -44.89 8.35
C35 CNC H . 3.37 -44.72 8.09
C6 CNC H . 5.75 -45.11 7.31
C7 CNC H . 5.39 -45.07 5.74
C36 CNC H . 4.05 -45.65 5.22
C37 CNC H . 5.51 -43.67 5.05
C38 CNC H . 5.64 -43.63 3.47
O39 CNC H . 6.84 -43.69 2.99
N40 CNC H . 4.46 -43.59 2.76
C8 CNC H . 6.61 -45.95 5.33
C41 CNC H . 6.46 -47.49 5.44
C42 CNC H . 7.72 -48.42 5.60
C43 CNC H . 7.41 -49.92 5.70
O44 CNC H . 8.43 -50.60 5.97
N45 CNC H . 6.08 -50.39 5.57
C9 CNC H . 7.59 -45.57 6.31
C10 CNC H . 8.93 -45.56 5.88
C11 CNC H . 9.89 -45.47 6.75
C12 CNC H . 11.32 -45.14 6.36
C46 CNC H . 11.80 -45.44 4.94
C47 CNC H . 11.55 -43.61 6.56
C13 CNC H . 11.89 -45.94 7.52
C48 CNC H . 12.28 -47.38 7.22
C49 CNC H . 13.72 -47.43 6.64
C50 CNC H . 14.77 -47.88 7.64
O51 CNC H . 15.47 -46.98 8.20
N52 CNC H . 14.81 -49.25 7.80
C14 CNC H . 10.84 -45.67 8.61
C15 CNC H . 11.25 -45.24 9.94
C53 CNC H . 12.80 -44.96 10.12
C16 CNC H . 10.33 -44.93 10.83
C17 CNC H . 10.58 -44.38 12.26
C54 CNC H . 10.86 -42.89 12.16
C55 CNC H . 11.75 -45.04 13.08
C56 CNC H . 12.17 -46.55 12.80
C57 CNC H . 12.82 -47.13 14.04
O58 CNC H . 12.24 -47.08 15.15
N59 CNC H . 14.01 -47.69 13.90
C18 CNC H . 9.14 -44.57 12.81
C60 CNC H . 8.62 -43.76 13.99
C61 CNC H . 8.38 -44.65 15.23
O63 CNC H . 8.74 -45.86 15.43
N62 CNC H . 7.77 -43.89 16.12
C19 CNC H . 8.26 -44.62 11.60
C1P CNC H . 14.68 -48.36 15.04
C2P CNC H . 14.45 -49.91 15.35
C3P CNC H . 15.21 -50.20 16.67
O3 CNC H . 13.13 -50.44 15.60
O4 CNC H . 10.82 -51.77 15.42
O5 CNC H . 12.86 -52.55 14.29
P CNC H . 12.08 -51.30 14.71
O2 CNC H . 11.69 -50.12 13.60
C3R CNC H . 11.41 -50.60 12.27
C2R CNC H . 9.95 -50.40 11.92
O7R CNC H . 9.43 -49.13 12.40
C1R CNC H . 10.01 -50.71 10.41
O6R CNC H . 11.30 -50.50 9.94
C4R CNC H . 12.21 -50.20 10.99
C5R CNC H . 13.43 -51.03 10.52
O8R CNC H . 14.49 -51.31 11.47
N1B CNC H . 9.12 -49.81 9.81
C8B CNC H . 7.78 -50.01 9.58
C2B CNC H . 9.45 -48.56 9.60
N3B CNC H . 8.32 -47.95 9.17
C9B CNC H . 7.21 -48.72 9.10
C4B CNC H . 5.84 -48.57 8.77
C5B CNC H . 4.96 -49.65 8.81
C5M CNC H . 3.46 -49.61 8.41
C6B CNC H . 5.53 -50.92 9.30
C6M CNC H . 4.63 -52.15 9.38
C7B CNC H . 6.88 -51.04 9.69
N1A CNC H . 8.19 -42.49 7.84
C1A CNC H . 8.17 -43.54 8.38
H201 CNC H . 7.35 -46.96 11.42
H202 CNC H . 7.09 -46.53 12.90
H203 CNC H . 5.86 -46.88 11.93
H251 CNC H . 6.24 -44.78 14.05
H252 CNC H . 4.99 -43.81 14.01
H253 CNC H . 4.80 -45.35 13.68
H261 CNC H . 6.03 -42.49 10.84
H262 CNC H . 6.63 -42.37 12.27
H291 CNC H . 4.10 -40.70 13.70
H292 CNC H . 5.49 -41.38 13.88
H3 CNC H . 4.00 -43.82 10.72
H301 CNC H . 3.87 -46.34 12.02
H302 CNC H . 3.49 -46.28 10.49
H311 CNC H . 1.96 -44.34 11.21
H312 CNC H . 2.24 -44.88 12.69
H331 CNC H . -0.71 -46.78 12.08
H332 CNC H . -0.27 -45.53 12.88
H351 CNC H . 2.99 -45.59 7.81
H352 CNC H . 2.88 -44.43 8.89
H353 CNC H . 3.22 -44.04 7.39
H361 CNC H . 3.33 -44.97 5.24
H362 CNC H . 4.16 -45.97 4.30
H363 CNC H . 3.79 -46.42 5.78
H371 CNC H . 6.31 -43.21 5.42
H372 CNC H . 4.74 -43.12 5.31
H401 CNC H . 4.44 -43.59 1.87
H402 CNC H . 3.69 -43.62 3.23
H8 CNC H . 6.90 -45.77 4.40
H411 CNC H . 6.02 -47.77 4.59
H412 CNC H . 5.81 -47.71 6.15
H421 CNC H . 8.21 -48.20 6.43
H422 CNC H . 8.33 -48.26 4.84
H451 CNC H . 5.94 -51.27 5.65
H452 CNC H . 5.38 -49.86 5.39
H10 CNC H . 9.11 -45.64 4.93
H461 CNC H . 11.24 -44.89 4.34
H462 CNC H . 12.75 -45.19 4.84
H463 CNC H . 11.68 -46.39 4.70
H471 CNC H . 11.19 -43.28 7.42
H472 CNC H . 12.52 -43.43 6.52
H473 CNC H . 11.10 -43.11 5.83
H13 CNC H . 12.75 -45.47 7.72
H481 CNC H . 11.64 -47.79 6.58
H482 CNC H . 12.22 -47.90 8.05
H491 CNC H . 14.01 -46.55 6.28
H492 CNC H . 13.73 -48.05 5.88
H521 CNC H . 15.42 -49.62 8.37
H522 CNC H . 14.25 -49.79 7.35
H531 CNC H . 13.32 -45.81 9.96
H532 CNC H . 13.08 -44.29 9.45
H533 CNC H . 13.08 -44.57 10.98
H541 CNC H . 11.56 -42.73 11.49
H542 CNC H . 10.04 -42.39 11.89
H543 CNC H . 11.17 -42.54 13.03
H551 CNC H . 11.44 -44.98 14.02
H552 CNC H . 12.56 -44.48 13.05
H561 CNC H . 12.77 -46.65 12.04
H562 CNC H . 11.35 -47.08 12.59
H59 CNC H . 14.44 -47.71 13.11
H18 CNC H . 9.18 -45.52 13.09
H601 CNC H . 7.83 -43.23 13.75
H602 CNC H . 9.30 -43.11 14.29
H621 CNC H . 7.56 -44.25 16.92
H622 CNC H . 7.55 -43.04 15.97
H1P1 CNC H . 14.51 -47.87 15.88
H1P2 CNC H . 15.65 -48.27 14.88
H2P CNC H . 14.88 -50.43 14.63
H3P1 CNC H . 15.22 -51.17 16.83
H3P2 CNC H . 16.13 -49.86 16.61
H3P3 CNC H . 14.73 -49.75 17.42
H3R CNC H . 11.50 -51.59 12.29
H2R CNC H . 9.44 -51.12 12.35
H1R CNC H . 9.72 -51.65 10.26
H4R CNC H . 12.43 -49.23 11.01
H5R1 CNC H . 13.83 -50.58 9.73
H5R2 CNC H . 13.12 -51.91 10.19
H2B CNC H . 10.32 -48.15 9.72
H4B CNC H . 5.53 -47.72 8.41
HM51 CNC H . 3.29 -50.24 7.68
HM52 CNC H . 2.90 -49.84 9.20
HM53 CNC H . 3.22 -48.69 8.11
HM61 CNC H . 4.27 -52.36 8.48
HM62 CNC H . 5.15 -52.94 9.70
HM63 CNC H . 3.89 -51.98 10.00
H7B CNC H . 7.21 -51.91 9.99
#